data_2DVY
#
_entry.id   2DVY
#
_cell.length_a   84.570
_cell.length_b   113.956
_cell.length_c   89.173
_cell.angle_alpha   90.00
_cell.angle_beta   116.23
_cell.angle_gamma   90.00
#
_symmetry.space_group_name_H-M   'P 1 21 1'
#
_entity_poly.entity_id   1
_entity_poly.type   'polypeptide(L)'
_entity_poly.pdbx_seq_one_letter_code
;MIHLTSVEASVSFENGKIVVRLPITRPTSKIRVKKIENGVGIPVSTRKKSFPSDENLRDYYIEWQISYARDGKYDYELSR
MVRLAHEHGILTYNDIYELLKFADDVKSYLEDKGIRRESTNEELYGFNIYEDVYPVAKKELPSGEFIGIVLKHKQRAVGY
QSMVYVCIPLTNVEPSLAGRVARRNEVVKYEVPVDLMKELLKAFIIASETHKNDIVKFLRSIIGTS
;
_entity_poly.pdbx_strand_id   A,B,C,D,E,F
#
# COMPACT_ATOMS: atom_id res chain seq x y z
N MET A 1 12.12 -10.18 -6.24
CA MET A 1 10.66 -10.05 -5.98
C MET A 1 10.32 -10.63 -4.60
N ILE A 2 10.52 -9.81 -3.59
CA ILE A 2 10.29 -10.21 -2.20
C ILE A 2 8.85 -10.53 -1.81
N HIS A 3 8.70 -11.54 -0.96
CA HIS A 3 7.40 -11.96 -0.46
C HIS A 3 7.36 -11.89 1.05
N LEU A 4 6.19 -11.62 1.60
CA LEU A 4 6.02 -11.56 3.04
C LEU A 4 6.33 -12.98 3.55
N THR A 5 7.42 -13.13 4.30
CA THR A 5 7.81 -14.45 4.80
C THR A 5 8.09 -14.44 6.29
N SER A 6 7.60 -15.45 7.00
CA SER A 6 7.84 -15.49 8.45
C SER A 6 9.12 -16.22 8.84
N VAL A 7 9.98 -15.53 9.59
CA VAL A 7 11.23 -16.11 10.04
C VAL A 7 11.01 -16.83 11.36
N GLU A 8 10.75 -18.13 11.26
CA GLU A 8 10.50 -18.92 12.45
C GLU A 8 11.58 -19.96 12.61
N ALA A 9 11.46 -20.74 13.67
CA ALA A 9 12.41 -21.81 13.93
C ALA A 9 11.77 -23.09 13.43
N SER A 10 12.45 -23.79 12.53
CA SER A 10 11.94 -25.06 11.99
C SER A 10 12.58 -26.25 12.71
N VAL A 11 11.79 -26.95 13.51
CA VAL A 11 12.31 -28.09 14.26
C VAL A 11 11.89 -29.42 13.66
N SER A 12 12.89 -30.29 13.43
CA SER A 12 12.64 -31.62 12.87
C SER A 12 13.37 -32.74 13.60
N PHE A 13 12.95 -33.96 13.34
CA PHE A 13 13.60 -35.15 13.92
C PHE A 13 14.18 -35.90 12.72
N GLU A 14 15.46 -35.67 12.43
CA GLU A 14 16.06 -36.34 11.30
C GLU A 14 17.32 -37.10 11.69
N ASN A 15 17.70 -38.04 10.84
CA ASN A 15 18.87 -38.92 11.01
C ASN A 15 19.43 -39.05 12.44
N GLY A 16 18.56 -39.44 13.36
CA GLY A 16 18.95 -39.63 14.74
C GLY A 16 18.67 -38.50 15.70
N LYS A 17 19.46 -37.45 15.60
CA LYS A 17 19.34 -36.30 16.49
C LYS A 17 18.15 -35.38 16.19
N ILE A 18 17.63 -34.74 17.25
CA ILE A 18 16.55 -33.78 17.10
C ILE A 18 17.26 -32.59 16.49
N VAL A 19 16.69 -32.03 15.43
CA VAL A 19 17.34 -30.91 14.78
C VAL A 19 16.53 -29.64 14.65
N VAL A 20 17.23 -28.54 14.41
CA VAL A 20 16.59 -27.25 14.20
C VAL A 20 17.42 -26.43 13.19
N ARG A 21 16.73 -25.67 12.36
CA ARG A 21 17.45 -24.82 11.42
C ARG A 21 16.97 -23.44 11.75
N LEU A 22 17.91 -22.50 11.72
CA LEU A 22 17.63 -21.12 12.05
C LEU A 22 18.33 -20.20 11.05
N PRO A 23 17.73 -19.02 10.79
CA PRO A 23 18.26 -18.00 9.87
C PRO A 23 19.32 -17.23 10.63
N ILE A 24 20.30 -16.71 9.93
CA ILE A 24 21.37 -15.97 10.56
C ILE A 24 21.56 -14.68 9.78
N THR A 25 20.57 -14.37 8.96
CA THR A 25 20.67 -13.23 8.08
C THR A 25 19.43 -12.37 8.06
N ARG A 26 18.49 -12.66 8.94
CA ARG A 26 17.26 -11.90 9.04
C ARG A 26 16.87 -11.79 10.51
N PRO A 27 17.37 -10.74 11.19
CA PRO A 27 17.08 -10.50 12.62
C PRO A 27 15.61 -10.28 12.94
N THR A 28 15.17 -10.91 14.01
CA THR A 28 13.78 -10.85 14.47
C THR A 28 13.74 -10.57 15.96
N SER A 29 12.54 -10.37 16.49
CA SER A 29 12.42 -10.11 17.91
C SER A 29 12.58 -11.42 18.68
N LYS A 30 12.90 -12.49 17.97
CA LYS A 30 13.07 -13.79 18.59
C LYS A 30 14.42 -14.39 18.24
N ILE A 31 14.91 -14.13 17.04
CA ILE A 31 16.19 -14.69 16.68
C ILE A 31 17.05 -13.55 16.25
N ARG A 32 18.36 -13.77 16.13
CA ARG A 32 19.27 -12.71 15.73
C ARG A 32 20.67 -13.18 16.10
N VAL A 33 21.69 -12.48 15.62
CA VAL A 33 23.03 -12.88 15.92
C VAL A 33 23.83 -11.82 16.65
N LYS A 34 24.16 -12.11 17.90
CA LYS A 34 24.93 -11.20 18.73
C LYS A 34 26.33 -11.72 18.92
N LYS A 35 27.20 -10.81 19.31
CA LYS A 35 28.59 -11.12 19.58
C LYS A 35 28.73 -10.88 21.08
N ILE A 36 29.38 -11.80 21.78
CA ILE A 36 29.57 -11.67 23.21
C ILE A 36 30.85 -10.89 23.43
N GLU A 37 30.76 -9.88 24.29
CA GLU A 37 31.90 -9.03 24.60
C GLU A 37 31.77 -8.57 26.06
N ASN A 38 32.48 -9.25 26.95
CA ASN A 38 32.46 -8.94 28.38
C ASN A 38 31.20 -9.37 29.11
N GLY A 39 30.85 -10.65 29.01
CA GLY A 39 29.67 -11.15 29.70
C GLY A 39 28.30 -10.77 29.16
N VAL A 40 28.28 -9.86 28.19
CA VAL A 40 27.03 -9.42 27.53
C VAL A 40 27.32 -9.32 26.03
N GLY A 41 26.28 -9.50 25.21
CA GLY A 41 26.47 -9.43 23.77
C GLY A 41 25.76 -8.32 23.04
N ILE A 42 26.29 -7.96 21.87
CA ILE A 42 25.76 -6.92 21.00
C ILE A 42 25.35 -7.55 19.67
N PRO A 43 24.45 -6.89 18.90
CA PRO A 43 24.01 -7.44 17.62
C PRO A 43 25.07 -7.27 16.56
N VAL A 44 25.24 -8.29 15.73
CA VAL A 44 26.20 -8.21 14.64
C VAL A 44 25.47 -8.41 13.33
N SER A 45 26.06 -7.90 12.27
CA SER A 45 25.47 -7.98 10.95
C SER A 45 26.18 -9.06 10.14
N THR A 46 25.68 -10.28 10.21
CA THR A 46 26.27 -11.40 9.51
C THR A 46 26.54 -11.24 8.01
N ARG A 47 26.07 -10.16 7.39
CA ARG A 47 26.33 -10.00 5.96
C ARG A 47 27.28 -8.90 5.55
N LYS A 48 27.70 -8.05 6.49
CA LYS A 48 28.61 -6.95 6.14
C LYS A 48 30.10 -7.24 6.26
N LYS A 49 30.50 -7.91 7.35
CA LYS A 49 31.92 -8.23 7.56
C LYS A 49 32.10 -9.70 7.92
N SER A 50 32.99 -10.39 7.21
CA SER A 50 33.23 -11.82 7.45
C SER A 50 33.71 -12.27 8.84
N PHE A 51 33.06 -13.30 9.37
CA PHE A 51 33.36 -13.88 10.67
C PHE A 51 34.79 -14.39 10.74
N PRO A 52 35.36 -14.43 11.96
CA PRO A 52 36.74 -14.90 12.18
C PRO A 52 36.93 -16.38 11.85
N SER A 53 38.15 -16.71 11.42
CA SER A 53 38.54 -18.06 11.04
C SER A 53 38.89 -18.97 12.22
N ASP A 54 38.46 -18.58 13.40
CA ASP A 54 38.68 -19.31 14.67
C ASP A 54 39.03 -18.46 15.88
N GLU A 55 39.93 -17.49 15.71
CA GLU A 55 40.41 -16.65 16.81
C GLU A 55 39.42 -15.84 17.63
N ASN A 56 38.17 -16.32 17.69
CA ASN A 56 37.13 -15.67 18.47
C ASN A 56 35.74 -16.04 18.00
N LEU A 57 35.68 -16.91 17.01
CA LEU A 57 34.42 -17.34 16.44
C LEU A 57 33.46 -17.87 17.47
N ARG A 58 33.98 -18.30 18.62
CA ARG A 58 33.14 -18.86 19.70
C ARG A 58 32.38 -17.78 20.44
N ASP A 59 32.82 -16.55 20.19
CA ASP A 59 32.20 -15.38 20.77
C ASP A 59 30.89 -15.01 20.07
N TYR A 60 30.71 -15.51 18.84
CA TYR A 60 29.49 -15.22 18.08
C TYR A 60 28.46 -16.29 18.30
N TYR A 61 27.26 -15.88 18.68
CA TYR A 61 26.21 -16.84 18.94
C TYR A 61 24.86 -16.37 18.39
N ILE A 62 23.89 -17.29 18.43
CA ILE A 62 22.56 -17.03 17.92
C ILE A 62 21.64 -16.97 19.11
N GLU A 63 21.11 -15.79 19.37
CA GLU A 63 20.20 -15.67 20.51
C GLU A 63 18.81 -16.00 20.04
N TRP A 64 18.24 -17.06 20.59
CA TRP A 64 16.92 -17.47 20.20
C TRP A 64 15.95 -17.42 21.38
N GLN A 65 14.96 -16.55 21.23
CA GLN A 65 13.95 -16.33 22.25
C GLN A 65 12.98 -17.48 22.07
N ILE A 66 13.37 -18.63 22.58
CA ILE A 66 12.56 -19.82 22.43
C ILE A 66 11.35 -19.89 23.34
N SER A 67 10.31 -20.59 22.89
CA SER A 67 9.08 -20.73 23.66
C SER A 67 8.65 -22.19 23.67
N TYR A 68 7.51 -22.47 24.29
CA TYR A 68 7.01 -23.84 24.40
C TYR A 68 5.50 -24.01 24.19
N ALA A 69 4.92 -23.18 23.32
CA ALA A 69 3.49 -23.21 23.00
C ALA A 69 3.18 -22.10 22.01
N ARG A 70 2.55 -22.43 20.87
CA ARG A 70 2.23 -21.41 19.87
C ARG A 70 0.97 -20.67 20.26
N ASP A 71 -0.07 -21.42 20.62
CA ASP A 71 -1.33 -20.83 21.05
C ASP A 71 -2.15 -21.91 21.72
N GLY A 72 -2.00 -22.03 23.04
CA GLY A 72 -2.74 -23.04 23.78
C GLY A 72 -2.32 -24.44 23.42
N LYS A 73 -1.65 -24.59 22.28
CA LYS A 73 -1.21 -25.90 21.83
C LYS A 73 0.28 -26.08 22.07
N TYR A 74 0.63 -27.21 22.70
CA TYR A 74 2.01 -27.52 23.02
C TYR A 74 2.81 -28.23 21.93
N ASP A 75 3.04 -27.55 20.81
CA ASP A 75 3.83 -28.12 19.73
C ASP A 75 4.66 -27.02 19.06
N TYR A 76 5.05 -26.03 19.86
CA TYR A 76 5.86 -24.93 19.37
C TYR A 76 7.30 -25.05 19.89
N GLU A 77 8.27 -24.84 18.98
CA GLU A 77 9.70 -24.90 19.28
C GLU A 77 10.06 -25.95 20.34
N LEU A 78 10.38 -25.52 21.55
CA LEU A 78 10.75 -26.45 22.60
C LEU A 78 9.77 -27.59 22.78
N SER A 79 8.53 -27.27 23.13
CA SER A 79 7.52 -28.31 23.36
C SER A 79 7.53 -29.38 22.28
N ARG A 80 7.91 -28.98 21.08
CA ARG A 80 7.95 -29.90 19.95
C ARG A 80 9.26 -30.66 19.88
N MET A 81 10.35 -30.02 20.29
CA MET A 81 11.63 -30.71 20.26
C MET A 81 11.52 -31.87 21.25
N VAL A 82 10.82 -31.62 22.35
CA VAL A 82 10.65 -32.63 23.38
C VAL A 82 9.79 -33.76 22.86
N ARG A 83 8.53 -33.49 22.54
CA ARG A 83 7.64 -34.51 22.00
C ARG A 83 8.41 -35.45 21.10
N LEU A 84 9.04 -34.89 20.09
CA LEU A 84 9.82 -35.69 19.17
C LEU A 84 10.78 -36.54 19.97
N ALA A 85 11.79 -35.92 20.55
CA ALA A 85 12.79 -36.60 21.35
C ALA A 85 12.18 -37.72 22.22
N HIS A 86 11.13 -37.42 22.96
CA HIS A 86 10.56 -38.47 23.79
C HIS A 86 10.09 -39.56 22.86
N GLU A 87 9.30 -39.14 21.88
CA GLU A 87 8.75 -40.05 20.89
C GLU A 87 9.78 -40.97 20.26
N HIS A 88 10.97 -40.47 19.97
CA HIS A 88 12.00 -41.28 19.34
C HIS A 88 13.07 -41.78 20.31
N GLY A 89 12.69 -41.89 21.58
CA GLY A 89 13.60 -42.38 22.60
C GLY A 89 14.77 -41.50 22.99
N ILE A 90 15.03 -40.41 22.28
CA ILE A 90 16.15 -39.54 22.63
C ILE A 90 15.95 -39.05 24.05
N LEU A 91 14.69 -38.88 24.42
CA LEU A 91 14.36 -38.45 25.76
C LEU A 91 13.72 -39.65 26.42
N THR A 92 14.37 -40.13 27.48
CA THR A 92 13.92 -41.30 28.22
C THR A 92 12.86 -41.00 29.27
N TYR A 93 12.08 -42.03 29.61
CA TYR A 93 11.03 -41.93 30.63
C TYR A 93 11.67 -41.34 31.88
N ASN A 94 12.79 -41.92 32.29
CA ASN A 94 13.51 -41.46 33.45
C ASN A 94 13.81 -39.96 33.34
N ASP A 95 14.39 -39.54 32.22
CA ASP A 95 14.68 -38.13 32.02
C ASP A 95 13.48 -37.30 32.46
N ILE A 96 12.35 -37.50 31.77
CA ILE A 96 11.12 -36.78 32.08
C ILE A 96 10.79 -36.96 33.56
N TYR A 97 11.10 -38.13 34.08
CA TYR A 97 10.82 -38.45 35.48
C TYR A 97 11.61 -37.51 36.38
N GLU A 98 12.92 -37.46 36.18
CA GLU A 98 13.77 -36.59 36.99
C GLU A 98 13.35 -35.13 36.92
N LEU A 99 12.85 -34.69 35.76
CA LEU A 99 12.40 -33.32 35.63
C LEU A 99 11.18 -33.17 36.52
N LEU A 100 10.19 -34.02 36.28
CA LEU A 100 8.96 -33.99 37.06
C LEU A 100 9.30 -34.07 38.54
N LYS A 101 10.36 -34.80 38.87
CA LYS A 101 10.80 -34.93 40.26
C LYS A 101 11.24 -33.53 40.64
N PHE A 102 12.20 -33.04 39.87
CA PHE A 102 12.78 -31.70 40.02
C PHE A 102 11.66 -30.67 40.18
N ALA A 103 10.66 -30.71 39.31
CA ALA A 103 9.54 -29.78 39.39
C ALA A 103 8.98 -29.83 40.81
N ASP A 104 8.40 -30.98 41.15
CA ASP A 104 7.82 -31.21 42.47
C ASP A 104 8.66 -30.62 43.60
N ASP A 105 9.98 -30.75 43.48
CA ASP A 105 10.91 -30.28 44.51
C ASP A 105 11.44 -28.87 44.27
N VAL A 106 10.55 -27.93 44.00
CA VAL A 106 10.92 -26.55 43.74
C VAL A 106 9.82 -25.67 44.27
N LYS A 107 10.15 -24.52 44.83
CA LYS A 107 9.12 -23.61 45.33
C LYS A 107 9.61 -22.17 45.44
N SER A 108 10.69 -21.88 44.73
CA SER A 108 11.28 -20.55 44.68
C SER A 108 11.53 -20.31 43.21
N TYR A 109 11.04 -19.20 42.69
CA TYR A 109 11.23 -18.93 41.27
C TYR A 109 11.94 -17.63 40.99
N LEU A 110 12.07 -17.30 39.71
CA LEU A 110 12.72 -16.07 39.28
C LEU A 110 11.72 -14.94 39.43
N GLU A 111 10.45 -15.25 39.21
CA GLU A 111 9.39 -14.26 39.35
C GLU A 111 9.23 -13.92 40.81
N ASP A 112 9.98 -14.62 41.66
CA ASP A 112 9.90 -14.32 43.07
C ASP A 112 10.82 -13.16 43.35
N LYS A 113 12.05 -13.21 42.85
CA LYS A 113 12.99 -12.11 43.05
C LYS A 113 12.30 -10.76 42.80
N GLY A 114 11.32 -10.75 41.92
CA GLY A 114 10.59 -9.54 41.58
C GLY A 114 11.40 -8.50 40.82
N ILE A 115 10.74 -7.42 40.44
CA ILE A 115 11.43 -6.33 39.78
C ILE A 115 11.23 -5.22 40.76
N ARG A 116 12.32 -4.67 41.26
CA ARG A 116 12.22 -3.63 42.27
C ARG A 116 12.97 -2.33 42.02
N ARG A 117 12.36 -1.24 42.47
CA ARG A 117 12.92 0.09 42.34
C ARG A 117 13.25 0.57 43.75
N GLU A 118 14.53 0.64 44.03
CA GLU A 118 14.98 1.05 45.34
C GLU A 118 15.70 2.36 45.33
N SER A 119 15.38 3.18 46.32
CA SER A 119 16.00 4.48 46.47
C SER A 119 17.37 4.39 47.10
N THR A 120 18.35 4.94 46.40
CA THR A 120 19.68 5.00 46.96
C THR A 120 19.46 6.28 47.77
N ASN A 121 20.48 6.79 48.43
CA ASN A 121 20.23 7.99 49.19
C ASN A 121 20.89 9.19 48.53
N GLU A 122 21.70 8.91 47.52
CA GLU A 122 22.36 10.00 46.81
C GLU A 122 21.35 10.74 45.96
N GLU A 123 21.83 11.76 45.24
CA GLU A 123 20.95 12.55 44.38
C GLU A 123 21.73 13.29 43.33
N LEU A 124 21.17 13.33 42.12
CA LEU A 124 21.79 14.00 41.00
C LEU A 124 21.18 15.40 40.84
N TYR A 125 22.04 16.40 41.01
CA TYR A 125 21.66 17.81 40.92
C TYR A 125 20.29 18.21 41.46
N GLY A 126 19.93 17.66 42.61
CA GLY A 126 18.66 18.02 43.20
C GLY A 126 17.67 16.94 42.97
N PHE A 127 18.01 16.07 42.02
CA PHE A 127 17.13 14.96 41.66
C PHE A 127 17.42 13.66 42.43
N ASN A 128 16.38 13.15 43.06
CA ASN A 128 16.49 11.93 43.83
C ASN A 128 16.60 10.76 42.91
N ILE A 129 17.76 10.13 42.84
CA ILE A 129 17.88 9.00 41.94
C ILE A 129 17.67 7.61 42.57
N TYR A 130 17.08 6.71 41.78
CA TYR A 130 16.84 5.34 42.22
C TYR A 130 17.52 4.37 41.25
N GLU A 131 17.26 3.08 41.45
CA GLU A 131 17.80 1.99 40.61
C GLU A 131 16.73 0.93 40.46
N ASP A 132 16.43 0.60 39.22
CA ASP A 132 15.45 -0.42 38.96
C ASP A 132 16.25 -1.68 38.84
N VAL A 133 15.88 -2.69 39.62
CA VAL A 133 16.64 -3.93 39.62
C VAL A 133 15.90 -5.07 38.99
N TYR A 134 16.48 -5.59 37.90
CA TYR A 134 15.91 -6.72 37.16
C TYR A 134 16.77 -7.95 37.39
N PRO A 135 16.13 -9.05 37.77
CA PRO A 135 16.80 -10.32 38.03
C PRO A 135 17.00 -11.09 36.75
N VAL A 136 18.14 -11.74 36.62
CA VAL A 136 18.42 -12.54 35.44
C VAL A 136 19.18 -13.79 35.89
N ALA A 137 18.93 -14.91 35.23
CA ALA A 137 19.61 -16.16 35.58
C ALA A 137 20.20 -16.84 34.36
N LYS A 138 21.52 -16.95 34.30
CA LYS A 138 22.17 -17.62 33.19
C LYS A 138 22.58 -19.05 33.60
N LYS A 139 23.15 -19.79 32.64
CA LYS A 139 23.65 -21.16 32.86
C LYS A 139 24.34 -21.55 31.58
N GLU A 140 25.50 -22.17 31.69
CA GLU A 140 26.18 -22.53 30.47
C GLU A 140 26.49 -24.02 30.39
N LEU A 141 26.06 -24.64 29.29
CA LEU A 141 26.32 -26.06 29.06
C LEU A 141 27.75 -26.25 28.64
N PRO A 142 28.34 -27.40 28.99
CA PRO A 142 29.73 -27.75 28.68
C PRO A 142 30.10 -27.35 27.26
N SER A 143 29.31 -27.85 26.31
CA SER A 143 29.48 -27.60 24.88
C SER A 143 29.72 -26.14 24.50
N GLY A 144 29.07 -25.22 25.20
CA GLY A 144 29.28 -23.82 24.91
C GLY A 144 28.05 -22.95 24.97
N GLU A 145 26.89 -23.55 24.71
CA GLU A 145 25.65 -22.79 24.73
C GLU A 145 25.22 -22.40 26.12
N PHE A 146 24.46 -21.31 26.23
CA PHE A 146 23.98 -20.86 27.54
C PHE A 146 22.50 -20.48 27.54
N ILE A 147 21.83 -20.73 28.66
CA ILE A 147 20.41 -20.41 28.81
C ILE A 147 20.26 -19.14 29.64
N GLY A 148 19.32 -18.28 29.25
CA GLY A 148 19.10 -17.06 29.98
C GLY A 148 17.64 -16.94 30.35
N ILE A 149 17.34 -16.45 31.55
CA ILE A 149 15.95 -16.28 31.98
C ILE A 149 15.87 -14.85 32.42
N VAL A 150 14.85 -14.13 31.95
CA VAL A 150 14.65 -12.73 32.29
C VAL A 150 13.24 -12.47 32.76
N LEU A 151 13.02 -11.30 33.34
CA LEU A 151 11.70 -10.96 33.84
C LEU A 151 11.22 -9.65 33.23
N LYS A 152 9.91 -9.57 32.92
CA LYS A 152 9.35 -8.34 32.33
C LYS A 152 8.03 -7.99 33.01
N HIS A 153 7.75 -6.68 33.13
CA HIS A 153 6.49 -6.22 33.73
C HIS A 153 5.36 -6.49 32.73
N LYS A 154 4.54 -7.50 33.02
CA LYS A 154 3.43 -7.90 32.12
C LYS A 154 2.81 -6.78 31.26
N GLN A 155 3.24 -6.76 30.00
CA GLN A 155 2.81 -5.81 28.97
C GLN A 155 1.51 -5.03 29.20
N ARG A 156 0.37 -5.67 28.99
CA ARG A 156 -0.89 -4.97 29.22
C ARG A 156 -1.68 -5.32 30.49
N ALA A 157 -1.00 -5.47 31.65
CA ALA A 157 -1.65 -5.90 32.96
C ALA A 157 -0.61 -6.08 34.10
N VAL A 158 -1.16 -6.55 35.21
CA VAL A 158 -0.40 -6.79 36.39
C VAL A 158 0.25 -8.18 36.50
N GLY A 159 1.55 -8.15 36.79
CA GLY A 159 2.30 -9.38 36.96
C GLY A 159 3.68 -9.31 36.32
N TYR A 160 4.12 -10.44 35.81
CA TYR A 160 5.42 -10.53 35.18
C TYR A 160 5.42 -11.39 33.92
N GLN A 161 6.60 -11.46 33.29
CA GLN A 161 6.80 -12.23 32.07
C GLN A 161 8.14 -12.95 32.05
N SER A 162 8.20 -14.18 32.54
CA SER A 162 9.48 -14.86 32.49
C SER A 162 9.72 -15.31 31.06
N MET A 163 10.86 -14.92 30.50
CA MET A 163 11.24 -15.24 29.14
C MET A 163 12.51 -16.08 29.03
N VAL A 164 12.37 -17.35 28.69
CA VAL A 164 13.53 -18.22 28.52
C VAL A 164 14.26 -17.88 27.24
N TYR A 165 15.57 -17.82 27.30
CA TYR A 165 16.38 -17.48 26.16
C TYR A 165 17.44 -18.54 26.02
N VAL A 166 17.82 -18.86 24.80
CA VAL A 166 18.86 -19.84 24.58
C VAL A 166 19.81 -19.22 23.59
N CYS A 167 21.07 -19.64 23.60
CA CYS A 167 22.04 -19.07 22.68
C CYS A 167 22.99 -20.16 22.27
N ILE A 168 23.15 -20.36 20.97
CA ILE A 168 24.06 -21.38 20.53
C ILE A 168 25.10 -20.72 19.63
N PRO A 169 26.38 -20.84 20.01
CA PRO A 169 27.52 -20.28 19.28
C PRO A 169 27.75 -20.79 17.86
N LEU A 170 28.16 -19.89 17.00
CA LEU A 170 28.37 -20.25 15.64
C LEU A 170 29.26 -21.45 15.43
N THR A 171 30.05 -21.77 16.46
CA THR A 171 30.98 -22.92 16.39
C THR A 171 30.22 -24.23 16.55
N ASN A 172 28.98 -24.15 17.01
CA ASN A 172 28.16 -25.34 17.23
C ASN A 172 27.11 -25.51 16.17
N VAL A 173 27.32 -24.89 15.01
CA VAL A 173 26.30 -24.98 13.95
C VAL A 173 26.87 -25.33 12.61
N GLU A 174 26.00 -25.87 11.78
CA GLU A 174 26.31 -26.27 10.42
C GLU A 174 25.54 -25.39 9.42
N PRO A 175 26.26 -24.82 8.44
CA PRO A 175 27.70 -24.93 8.24
C PRO A 175 28.51 -24.10 9.24
N SER A 176 29.75 -23.80 8.88
CA SER A 176 30.64 -23.01 9.71
C SER A 176 31.05 -21.71 9.03
N LEU A 177 30.47 -20.59 9.48
CA LEU A 177 30.77 -19.28 8.90
C LEU A 177 32.21 -18.82 9.08
N ALA A 178 33.06 -19.71 9.57
CA ALA A 178 34.45 -19.36 9.79
C ALA A 178 35.05 -18.71 8.55
N GLY A 179 35.67 -17.55 8.74
CA GLY A 179 36.32 -16.85 7.65
C GLY A 179 35.52 -16.37 6.47
N ARG A 180 34.19 -16.35 6.57
CA ARG A 180 33.38 -15.88 5.45
C ARG A 180 32.24 -14.96 5.89
N VAL A 181 31.23 -14.83 5.05
CA VAL A 181 30.09 -13.97 5.35
C VAL A 181 28.85 -14.81 5.18
N ALA A 182 27.71 -14.33 5.63
CA ALA A 182 26.52 -15.13 5.46
C ALA A 182 25.97 -14.99 4.06
N ARG A 183 25.32 -16.05 3.60
CA ARG A 183 24.71 -16.09 2.30
C ARG A 183 23.28 -15.51 2.35
N ARG A 184 22.93 -14.68 1.37
CA ARG A 184 21.61 -14.03 1.33
C ARG A 184 20.50 -14.57 2.24
N ASN A 185 20.21 -15.85 2.20
CA ASN A 185 19.18 -16.34 3.09
C ASN A 185 19.62 -17.56 3.84
N GLU A 186 20.90 -17.55 4.19
CA GLU A 186 21.49 -18.66 4.90
C GLU A 186 20.77 -19.04 6.17
N VAL A 187 20.65 -20.35 6.33
CA VAL A 187 20.04 -20.99 7.47
C VAL A 187 21.10 -21.99 7.95
N VAL A 188 21.11 -22.31 9.23
CA VAL A 188 22.09 -23.26 9.72
C VAL A 188 21.39 -24.38 10.47
N LYS A 189 22.15 -25.45 10.66
CA LYS A 189 21.66 -26.63 11.33
C LYS A 189 22.36 -26.75 12.67
N TYR A 190 21.59 -27.10 13.69
CA TYR A 190 22.10 -27.27 15.03
C TYR A 190 21.48 -28.53 15.62
N GLU A 191 22.33 -29.51 15.94
CA GLU A 191 21.80 -30.75 16.54
C GLU A 191 21.51 -30.43 18.01
N VAL A 192 20.45 -30.99 18.55
CA VAL A 192 20.09 -30.67 19.92
C VAL A 192 20.35 -31.79 20.90
N PRO A 193 21.15 -31.52 21.94
CA PRO A 193 21.56 -32.41 23.03
C PRO A 193 20.41 -32.50 24.02
N VAL A 194 20.23 -33.65 24.66
CA VAL A 194 19.12 -33.78 25.61
C VAL A 194 19.25 -32.87 26.82
N ASP A 195 20.48 -32.70 27.27
CA ASP A 195 20.76 -31.85 28.42
C ASP A 195 20.24 -30.46 28.06
N LEU A 196 20.67 -29.94 26.90
CA LEU A 196 20.21 -28.65 26.45
C LEU A 196 18.69 -28.70 26.53
N MET A 197 18.12 -29.73 25.93
CA MET A 197 16.69 -29.91 25.93
C MET A 197 16.11 -29.94 27.35
N LYS A 198 16.80 -30.66 28.23
CA LYS A 198 16.39 -30.80 29.62
C LYS A 198 16.54 -29.51 30.42
N GLU A 199 17.60 -28.75 30.14
CA GLU A 199 17.85 -27.49 30.83
C GLU A 199 16.83 -26.43 30.44
N LEU A 200 16.44 -26.42 29.17
CA LEU A 200 15.47 -25.47 28.70
C LEU A 200 14.14 -25.67 29.43
N LEU A 201 13.78 -26.94 29.67
CA LEU A 201 12.55 -27.30 30.37
C LEU A 201 12.69 -27.00 31.86
N LYS A 202 13.89 -27.22 32.36
CA LYS A 202 14.18 -26.95 33.75
C LYS A 202 14.10 -25.43 33.91
N ALA A 203 14.80 -24.72 33.03
CA ALA A 203 14.84 -23.25 33.06
C ALA A 203 13.45 -22.64 33.23
N PHE A 204 12.44 -23.28 32.67
CA PHE A 204 11.11 -22.75 32.81
C PHE A 204 10.56 -23.08 34.20
N ILE A 205 10.69 -24.33 34.59
CA ILE A 205 10.22 -24.77 35.89
C ILE A 205 10.59 -23.84 37.02
N ILE A 206 11.83 -23.35 37.00
CA ILE A 206 12.28 -22.44 38.04
C ILE A 206 11.96 -20.99 37.70
N ALA A 207 11.55 -20.75 36.45
CA ALA A 207 11.24 -19.40 35.99
C ALA A 207 10.05 -18.75 36.69
N SER A 208 9.00 -19.51 36.95
CA SER A 208 7.83 -18.94 37.62
C SER A 208 6.81 -20.06 37.83
N GLU A 209 6.12 -20.06 38.96
CA GLU A 209 5.17 -21.13 39.24
C GLU A 209 4.10 -21.35 38.17
N THR A 210 3.95 -20.41 37.25
CA THR A 210 2.97 -20.61 36.20
C THR A 210 3.68 -21.50 35.19
N HIS A 211 4.74 -20.98 34.59
CA HIS A 211 5.49 -21.77 33.62
C HIS A 211 5.67 -23.17 34.11
N LYS A 212 5.94 -23.30 35.41
CA LYS A 212 6.13 -24.64 35.94
C LYS A 212 4.86 -25.42 35.61
N ASN A 213 3.71 -24.99 36.14
CA ASN A 213 2.45 -25.67 35.88
C ASN A 213 2.41 -26.26 34.49
N ASP A 214 2.63 -25.41 33.49
CA ASP A 214 2.61 -25.88 32.12
C ASP A 214 3.64 -26.98 31.90
N ILE A 215 4.91 -26.64 32.10
CA ILE A 215 5.96 -27.61 31.89
C ILE A 215 5.70 -28.91 32.65
N VAL A 216 5.00 -28.81 33.76
CA VAL A 216 4.68 -29.99 34.55
C VAL A 216 3.46 -30.70 33.99
N LYS A 217 2.65 -29.96 33.24
CA LYS A 217 1.44 -30.52 32.64
C LYS A 217 1.77 -31.13 31.29
N PHE A 218 2.65 -30.47 30.54
CA PHE A 218 3.07 -30.96 29.24
C PHE A 218 3.80 -32.27 29.44
N LEU A 219 4.81 -32.25 30.29
CA LEU A 219 5.62 -33.42 30.59
C LEU A 219 4.84 -34.60 31.14
N ARG A 220 3.84 -34.35 31.97
CA ARG A 220 3.08 -35.46 32.52
C ARG A 220 2.29 -36.12 31.43
N SER A 221 1.59 -35.29 30.66
CA SER A 221 0.79 -35.80 29.57
C SER A 221 1.59 -36.69 28.65
N ILE A 222 2.83 -36.34 28.34
CA ILE A 222 3.61 -37.17 27.44
C ILE A 222 3.98 -38.55 27.97
N ILE A 223 3.41 -38.93 29.11
CA ILE A 223 3.65 -40.25 29.67
C ILE A 223 2.62 -41.21 29.07
N VAL B 7 -3.45 10.77 19.71
CA VAL B 7 -3.68 12.24 19.56
C VAL B 7 -2.75 13.06 20.48
N GLU B 8 -2.12 14.09 19.91
CA GLU B 8 -1.21 14.96 20.63
C GLU B 8 -1.93 15.76 21.71
N ALA B 9 -1.15 16.51 22.50
CA ALA B 9 -1.71 17.33 23.57
C ALA B 9 -1.90 18.73 23.00
N SER B 10 -2.87 19.47 23.53
CA SER B 10 -3.10 20.80 23.03
C SER B 10 -2.76 21.81 24.11
N VAL B 11 -1.59 22.42 23.99
CA VAL B 11 -1.15 23.40 24.98
C VAL B 11 -1.65 24.80 24.65
N SER B 12 -2.46 25.35 25.56
CA SER B 12 -3.01 26.68 25.37
C SER B 12 -2.75 27.57 26.57
N PHE B 13 -3.18 28.81 26.46
CA PHE B 13 -3.06 29.76 27.55
C PHE B 13 -4.49 30.18 27.94
N GLU B 14 -4.79 30.07 29.23
CA GLU B 14 -6.12 30.44 29.70
C GLU B 14 -6.06 31.10 31.06
N ASN B 15 -6.44 32.38 31.07
CA ASN B 15 -6.50 33.19 32.28
C ASN B 15 -5.28 33.16 33.20
N GLY B 16 -4.15 33.63 32.66
CA GLY B 16 -2.93 33.72 33.45
C GLY B 16 -2.22 32.44 33.85
N LYS B 17 -2.47 31.36 33.10
CA LYS B 17 -1.86 30.07 33.40
C LYS B 17 -1.74 29.24 32.14
N ILE B 18 -0.68 28.43 32.06
CA ILE B 18 -0.44 27.55 30.93
C ILE B 18 -1.32 26.31 31.11
N VAL B 19 -2.24 26.10 30.17
CA VAL B 19 -3.16 24.95 30.25
C VAL B 19 -2.94 23.93 29.15
N VAL B 20 -3.12 22.66 29.50
CA VAL B 20 -2.96 21.55 28.56
C VAL B 20 -4.13 20.56 28.62
N ARG B 21 -4.55 20.09 27.45
CA ARG B 21 -5.64 19.14 27.37
C ARG B 21 -5.08 17.82 26.87
N LEU B 22 -5.29 16.77 27.67
CA LEU B 22 -4.76 15.45 27.37
C LEU B 22 -5.79 14.39 27.03
N PRO B 23 -5.43 13.49 26.10
CA PRO B 23 -6.19 12.36 25.55
C PRO B 23 -6.93 11.47 26.53
N ILE B 24 -6.18 10.66 27.30
CA ILE B 24 -6.72 9.69 28.28
C ILE B 24 -7.64 8.66 27.64
N THR B 25 -7.64 8.57 26.33
CA THR B 25 -8.52 7.63 25.65
C THR B 25 -7.88 6.98 24.43
N ARG B 26 -6.62 7.32 24.18
CA ARG B 26 -5.88 6.75 23.05
C ARG B 26 -4.51 6.31 23.56
N PRO B 27 -4.42 5.09 24.13
CA PRO B 27 -3.20 4.48 24.69
C PRO B 27 -1.99 4.48 23.75
N THR B 28 -0.95 5.22 24.13
CA THR B 28 0.27 5.31 23.35
C THR B 28 1.47 5.55 24.25
N SER B 29 2.60 4.99 23.87
CA SER B 29 3.84 5.12 24.63
C SER B 29 4.30 6.57 24.71
N LYS B 30 3.35 7.49 24.74
CA LYS B 30 3.69 8.90 24.85
C LYS B 30 2.78 9.59 25.85
N ILE B 31 1.53 9.14 25.93
CA ILE B 31 0.59 9.76 26.85
C ILE B 31 -0.58 8.83 27.13
N ARG B 32 -0.49 8.06 28.20
CA ARG B 32 -1.55 7.11 28.53
C ARG B 32 -2.01 7.24 29.97
N VAL B 33 -3.10 6.55 30.32
CA VAL B 33 -3.63 6.59 31.67
C VAL B 33 -3.24 5.33 32.44
N LYS B 34 -2.74 5.51 33.65
CA LYS B 34 -2.33 4.35 34.43
C LYS B 34 -2.86 4.35 35.86
N LYS B 35 -2.53 3.29 36.60
CA LYS B 35 -2.96 3.11 37.99
C LYS B 35 -1.95 2.23 38.72
N ILE B 36 -1.73 2.53 39.99
CA ILE B 36 -0.77 1.76 40.78
C ILE B 36 -1.37 0.51 41.41
N GLU B 37 -0.90 -0.65 40.98
CA GLU B 37 -1.39 -1.92 41.51
C GLU B 37 -0.60 -2.34 42.75
N ASN B 38 0.72 -2.21 42.65
CA ASN B 38 1.60 -2.54 43.76
C ASN B 38 2.92 -1.81 43.54
N GLY B 39 3.51 -2.04 42.37
CA GLY B 39 4.76 -1.40 42.03
C GLY B 39 4.48 -0.20 41.14
N VAL B 40 4.89 -0.27 39.89
CA VAL B 40 4.64 0.83 38.96
C VAL B 40 3.22 0.64 38.41
N GLY B 41 2.63 1.72 37.91
CA GLY B 41 1.28 1.66 37.40
C GLY B 41 1.06 0.83 36.15
N ILE B 42 -0.10 0.19 36.09
CA ILE B 42 -0.43 -0.64 34.94
C ILE B 42 -1.51 0.04 34.10
N PRO B 43 -1.53 -0.25 32.80
CA PRO B 43 -2.51 0.32 31.89
C PRO B 43 -3.93 0.29 32.42
N VAL B 44 -4.74 1.25 31.96
CA VAL B 44 -6.13 1.35 32.38
C VAL B 44 -7.06 1.47 31.17
N SER B 45 -7.93 0.47 31.01
CA SER B 45 -8.88 0.47 29.90
C SER B 45 -9.95 1.53 30.18
N THR B 46 -9.64 2.76 29.77
CA THR B 46 -10.51 3.94 29.97
C THR B 46 -11.95 3.86 29.48
N ARG B 47 -12.16 3.22 28.34
CA ARG B 47 -13.48 3.10 27.76
C ARG B 47 -14.24 1.86 28.25
N LYS B 48 -13.58 1.02 29.05
CA LYS B 48 -14.21 -0.20 29.54
C LYS B 48 -14.66 -0.12 31.01
N LYS B 49 -13.71 -0.25 31.92
CA LYS B 49 -13.99 -0.19 33.35
C LYS B 49 -14.06 1.25 33.84
N SER B 50 -15.18 1.61 34.47
CA SER B 50 -15.39 2.95 34.99
C SER B 50 -14.43 3.23 36.14
N PHE B 51 -14.03 4.48 36.27
CA PHE B 51 -13.10 4.90 37.33
C PHE B 51 -13.64 4.66 38.75
N PRO B 52 -12.75 4.24 39.66
CA PRO B 52 -13.08 3.97 41.06
C PRO B 52 -13.40 5.28 41.79
N SER B 53 -14.47 5.28 42.59
CA SER B 53 -14.84 6.49 43.32
C SER B 53 -14.53 6.52 44.82
N ASP B 54 -13.77 5.55 45.32
CA ASP B 54 -13.37 5.57 46.72
C ASP B 54 -11.86 5.83 46.79
N GLU B 55 -11.15 5.29 47.77
CA GLU B 55 -9.74 5.61 47.85
C GLU B 55 -8.78 5.03 46.80
N ASN B 56 -9.32 4.60 45.66
CA ASN B 56 -8.46 4.06 44.60
C ASN B 56 -8.06 5.18 43.66
N LEU B 57 -9.03 6.03 43.35
CA LEU B 57 -8.81 7.16 42.47
C LEU B 57 -7.42 7.78 42.59
N ARG B 58 -6.77 7.57 43.72
CA ARG B 58 -5.43 8.18 43.98
C ARG B 58 -4.23 7.42 43.48
N ASP B 59 -4.58 6.35 42.82
CA ASP B 59 -3.62 5.49 42.22
C ASP B 59 -3.66 5.78 40.72
N TYR B 60 -4.75 6.38 40.29
CA TYR B 60 -4.89 6.72 38.89
C TYR B 60 -4.17 8.02 38.53
N TYR B 61 -3.56 8.04 37.36
CA TYR B 61 -2.84 9.21 36.88
C TYR B 61 -2.50 9.08 35.38
N ILE B 62 -2.14 10.20 34.77
CA ILE B 62 -1.78 10.17 33.37
C ILE B 62 -0.27 10.12 33.32
N GLU B 63 0.26 9.11 32.68
CA GLU B 63 1.69 9.01 32.52
C GLU B 63 1.88 9.60 31.15
N TRP B 64 2.67 10.65 31.03
CA TRP B 64 2.87 11.26 29.74
C TRP B 64 4.34 11.46 29.48
N GLN B 65 4.90 10.60 28.63
CA GLN B 65 6.31 10.74 28.27
C GLN B 65 6.36 12.00 27.43
N ILE B 66 6.65 13.12 28.07
CA ILE B 66 6.67 14.40 27.37
C ILE B 66 7.96 14.60 26.58
N SER B 67 7.92 15.49 25.61
CA SER B 67 9.10 15.77 24.80
C SER B 67 9.16 17.26 24.51
N TYR B 68 10.24 17.70 23.89
CA TYR B 68 10.40 19.12 23.62
C TYR B 68 10.67 19.43 22.15
N ALA B 69 10.37 18.47 21.29
CA ALA B 69 10.59 18.65 19.87
C ALA B 69 9.88 17.60 19.02
N ARG B 70 9.76 17.93 17.73
CA ARG B 70 9.15 17.11 16.67
C ARG B 70 9.91 17.49 15.40
N ASP B 71 10.44 16.50 14.69
CA ASP B 71 11.16 16.79 13.47
C ASP B 71 12.38 17.64 13.79
N GLY B 72 12.41 18.16 15.01
CA GLY B 72 13.51 19.00 15.39
C GLY B 72 12.95 20.41 15.47
N LYS B 73 11.63 20.48 15.61
CA LYS B 73 10.97 21.77 15.73
C LYS B 73 10.63 22.02 17.19
N TYR B 74 11.34 22.96 17.79
CA TYR B 74 11.14 23.28 19.19
C TYR B 74 9.90 24.13 19.53
N ASP B 75 8.72 23.61 19.18
CA ASP B 75 7.45 24.24 19.50
C ASP B 75 6.46 23.12 19.71
N TYR B 76 6.95 22.03 20.29
CA TYR B 76 6.15 20.85 20.57
C TYR B 76 6.08 20.61 22.08
N GLU B 77 4.86 20.55 22.60
CA GLU B 77 4.60 20.35 24.04
C GLU B 77 5.38 21.26 24.98
N LEU B 78 6.42 20.70 25.61
CA LEU B 78 7.23 21.45 26.56
C LEU B 78 7.76 22.74 25.92
N SER B 79 8.48 22.62 24.82
CA SER B 79 9.03 23.78 24.12
C SER B 79 7.90 24.77 23.80
N ARG B 80 6.74 24.23 23.46
CA ARG B 80 5.60 25.08 23.20
C ARG B 80 5.30 25.79 24.51
N MET B 81 4.98 25.01 25.55
CA MET B 81 4.66 25.52 26.89
C MET B 81 5.60 26.66 27.29
N VAL B 82 6.89 26.45 27.12
CA VAL B 82 7.88 27.44 27.48
C VAL B 82 7.70 28.75 26.72
N ARG B 83 7.83 28.72 25.40
CA ARG B 83 7.67 29.93 24.59
C ARG B 83 6.35 30.60 24.96
N LEU B 84 5.31 29.80 25.05
CA LEU B 84 4.00 30.32 25.41
C LEU B 84 4.03 30.83 26.84
N ALA B 85 4.96 30.31 27.64
CA ALA B 85 5.05 30.74 29.05
C ALA B 85 5.82 32.03 29.15
N HIS B 86 6.79 32.21 28.26
CA HIS B 86 7.59 33.43 28.27
C HIS B 86 6.73 34.61 27.83
N GLU B 87 6.14 34.48 26.65
CA GLU B 87 5.28 35.51 26.10
C GLU B 87 4.41 36.15 27.18
N HIS B 88 3.49 35.38 27.75
CA HIS B 88 2.58 35.88 28.78
C HIS B 88 3.23 36.14 30.13
N GLY B 89 4.55 36.12 30.16
CA GLY B 89 5.28 36.41 31.38
C GLY B 89 5.12 35.49 32.59
N ILE B 90 4.70 34.24 32.40
CA ILE B 90 4.58 33.31 33.52
C ILE B 90 5.96 32.69 33.81
N LEU B 91 6.86 32.81 32.84
CA LEU B 91 8.20 32.31 32.98
C LEU B 91 9.15 33.44 32.59
N THR B 92 9.48 34.24 33.60
CA THR B 92 10.33 35.43 33.47
C THR B 92 11.62 35.21 32.70
N TYR B 93 12.18 36.31 32.23
CA TYR B 93 13.44 36.26 31.53
C TYR B 93 14.41 35.79 32.59
N ASN B 94 14.16 36.24 33.82
CA ASN B 94 15.04 35.89 34.93
C ASN B 94 15.11 34.38 35.12
N ASP B 95 13.94 33.78 35.27
CA ASP B 95 13.81 32.34 35.46
C ASP B 95 14.54 31.52 34.39
N ILE B 96 14.52 31.99 33.16
CA ILE B 96 15.19 31.26 32.10
C ILE B 96 16.67 31.45 32.17
N TYR B 97 17.11 32.51 32.84
CA TYR B 97 18.54 32.76 32.97
C TYR B 97 19.09 31.83 34.04
N GLU B 98 18.28 31.62 35.08
CA GLU B 98 18.67 30.75 36.17
C GLU B 98 18.87 29.35 35.58
N LEU B 99 17.83 28.83 34.91
CA LEU B 99 17.89 27.50 34.31
C LEU B 99 19.10 27.41 33.43
N LEU B 100 19.52 28.53 32.86
CA LEU B 100 20.70 28.52 32.02
C LEU B 100 21.90 28.39 32.92
N LYS B 101 21.89 29.10 34.05
CA LYS B 101 22.98 29.05 35.02
C LYS B 101 23.11 27.60 35.48
N PHE B 102 21.98 27.02 35.88
CA PHE B 102 21.93 25.63 36.32
C PHE B 102 22.61 24.74 35.28
N ALA B 103 22.00 24.66 34.11
CA ALA B 103 22.49 23.87 33.01
C ALA B 103 24.01 23.98 32.88
N ASP B 104 24.56 25.11 33.31
CA ASP B 104 25.99 25.31 33.23
C ASP B 104 26.73 24.44 34.25
N ASP B 105 26.18 24.37 35.46
CA ASP B 105 26.82 23.57 36.51
C ASP B 105 26.81 22.08 36.16
N VAL B 106 25.65 21.57 35.78
CA VAL B 106 25.52 20.16 35.44
C VAL B 106 26.64 19.65 34.53
N LYS B 107 27.49 18.77 35.06
CA LYS B 107 28.60 18.20 34.32
C LYS B 107 28.45 16.69 34.36
N SER B 108 27.39 16.22 34.99
CA SER B 108 27.13 14.79 35.10
C SER B 108 25.66 14.53 34.73
N TYR B 109 25.41 13.47 33.96
CA TYR B 109 24.05 13.14 33.54
C TYR B 109 23.61 11.75 33.97
N LEU B 110 22.30 11.55 34.08
CA LEU B 110 21.75 10.26 34.47
C LEU B 110 22.35 9.19 33.59
N GLU B 111 22.25 9.39 32.29
CA GLU B 111 22.78 8.44 31.32
C GLU B 111 24.21 7.99 31.58
N ASP B 112 24.92 8.69 32.45
CA ASP B 112 26.30 8.34 32.75
C ASP B 112 26.38 7.17 33.71
N LYS B 113 25.35 7.01 34.54
CA LYS B 113 25.31 5.89 35.47
C LYS B 113 25.48 4.65 34.62
N GLY B 114 24.84 4.66 33.44
CA GLY B 114 24.89 3.54 32.52
C GLY B 114 23.97 2.41 32.97
N ILE B 115 24.00 1.28 32.29
CA ILE B 115 23.17 0.16 32.72
C ILE B 115 24.11 -1.00 32.96
N ARG B 116 24.04 -1.55 34.16
CA ARG B 116 24.95 -2.63 34.48
C ARG B 116 24.30 -3.85 35.02
N ARG B 117 25.06 -4.92 34.90
CA ARG B 117 24.67 -6.22 35.37
C ARG B 117 25.70 -6.70 36.39
N GLU B 118 25.23 -6.92 37.61
CA GLU B 118 26.12 -7.41 38.67
C GLU B 118 25.77 -8.87 38.96
N SER B 119 26.75 -9.64 39.39
CA SER B 119 26.53 -11.05 39.70
C SER B 119 26.25 -11.34 41.16
N THR B 120 25.01 -11.22 41.59
CA THR B 120 24.67 -11.54 42.97
C THR B 120 25.28 -12.92 43.06
N ASN B 121 26.16 -13.19 44.03
CA ASN B 121 26.75 -14.53 44.07
C ASN B 121 25.81 -15.56 44.64
N GLU B 122 24.58 -15.53 44.15
CA GLU B 122 23.55 -16.47 44.55
C GLU B 122 23.36 -17.46 43.42
N GLU B 123 22.47 -18.40 43.64
CA GLU B 123 22.18 -19.42 42.67
C GLU B 123 20.77 -19.88 42.91
N LEU B 124 20.11 -20.32 41.84
CA LEU B 124 18.76 -20.82 41.95
C LEU B 124 18.72 -22.08 41.13
N TYR B 125 18.31 -23.17 41.77
CA TYR B 125 18.22 -24.48 41.15
C TYR B 125 19.27 -24.79 40.08
N GLY B 126 20.48 -24.25 40.25
CA GLY B 126 21.54 -24.51 39.30
C GLY B 126 21.94 -23.30 38.51
N PHE B 127 20.98 -22.40 38.34
CA PHE B 127 21.16 -21.17 37.59
C PHE B 127 21.70 -20.03 38.45
N ASN B 128 22.85 -19.51 38.05
CA ASN B 128 23.48 -18.38 38.73
C ASN B 128 22.62 -17.16 38.54
N ILE B 129 22.20 -16.51 39.63
CA ILE B 129 21.40 -15.31 39.50
C ILE B 129 22.26 -14.07 39.33
N TYR B 130 21.67 -13.01 38.77
CA TYR B 130 22.37 -11.74 38.57
C TYR B 130 21.34 -10.63 38.65
N GLU B 131 21.81 -9.40 38.47
CA GLU B 131 20.92 -8.23 38.51
C GLU B 131 21.34 -7.21 37.47
N ASP B 132 20.35 -6.72 36.71
CA ASP B 132 20.61 -5.69 35.72
C ASP B 132 20.00 -4.46 36.38
N VAL B 133 20.78 -3.39 36.43
CA VAL B 133 20.34 -2.18 37.11
C VAL B 133 20.25 -0.96 36.22
N TYR B 134 19.04 -0.43 36.15
CA TYR B 134 18.71 0.77 35.38
C TYR B 134 18.55 1.94 36.37
N PRO B 135 19.28 3.04 36.14
CA PRO B 135 19.29 4.27 36.93
C PRO B 135 18.13 5.21 36.72
N VAL B 136 17.25 5.37 37.68
CA VAL B 136 16.16 6.32 37.50
C VAL B 136 16.43 7.62 38.27
N ALA B 137 15.54 8.58 38.16
CA ALA B 137 15.70 9.85 38.85
C ALA B 137 14.33 10.48 38.89
N LYS B 138 13.86 10.84 40.06
CA LYS B 138 12.55 11.45 40.14
C LYS B 138 12.58 12.73 40.92
N LYS B 139 11.39 13.24 41.15
CA LYS B 139 11.20 14.46 41.86
C LYS B 139 9.72 14.65 42.03
N GLU B 140 9.27 14.67 43.27
CA GLU B 140 7.87 14.87 43.55
C GLU B 140 7.63 16.38 43.71
N LEU B 141 6.37 16.78 43.62
CA LEU B 141 6.00 18.17 43.76
C LEU B 141 4.92 18.22 44.81
N PRO B 142 4.95 19.25 45.66
CA PRO B 142 3.95 19.38 46.71
C PRO B 142 2.55 19.12 46.14
N SER B 143 2.33 19.70 44.96
CA SER B 143 1.07 19.62 44.23
C SER B 143 0.61 18.21 43.88
N GLY B 144 1.54 17.28 43.68
CA GLY B 144 1.15 15.92 43.35
C GLY B 144 1.81 15.32 42.12
N GLU B 145 2.47 16.16 41.31
CA GLU B 145 3.11 15.67 40.11
C GLU B 145 4.47 15.01 40.32
N PHE B 146 4.59 13.79 39.79
CA PHE B 146 5.81 13.02 39.84
C PHE B 146 6.48 13.24 38.49
N ILE B 147 7.72 13.70 38.51
CA ILE B 147 8.44 13.93 37.27
C ILE B 147 9.71 13.11 37.31
N GLY B 148 9.63 11.89 36.82
CA GLY B 148 10.77 10.99 36.79
C GLY B 148 11.46 11.01 35.44
N ILE B 149 12.57 10.32 35.35
CA ILE B 149 13.31 10.23 34.12
C ILE B 149 14.11 8.95 34.26
N VAL B 150 14.03 8.10 33.24
CA VAL B 150 14.66 6.80 33.26
C VAL B 150 15.21 6.49 31.89
N LEU B 151 15.56 5.22 31.70
CA LEU B 151 16.07 4.71 30.42
C LEU B 151 15.10 3.71 29.81
N LYS B 152 14.88 3.84 28.50
CA LYS B 152 13.98 2.96 27.76
C LYS B 152 14.57 2.72 26.37
N HIS B 153 13.88 1.91 25.58
CA HIS B 153 14.33 1.63 24.21
C HIS B 153 14.06 2.85 23.31
N VAL B 158 17.68 -0.29 18.62
CA VAL B 158 18.10 -1.01 19.85
C VAL B 158 19.07 -0.20 20.71
N GLY B 159 19.17 -0.58 21.98
CA GLY B 159 20.00 0.12 22.92
C GLY B 159 19.05 0.90 23.81
N TYR B 160 19.58 1.84 24.58
CA TYR B 160 18.75 2.64 25.47
C TYR B 160 19.08 4.10 25.37
N GLN B 161 18.04 4.93 25.55
CA GLN B 161 18.15 6.39 25.51
C GLN B 161 17.39 6.96 26.73
N SER B 162 17.81 8.12 27.25
CA SER B 162 17.12 8.70 28.42
C SER B 162 15.77 9.31 28.03
N MET B 163 14.76 9.05 28.85
CA MET B 163 13.39 9.50 28.62
C MET B 163 12.70 10.19 29.81
N VAL B 164 12.33 11.45 29.65
CA VAL B 164 11.64 12.13 30.75
C VAL B 164 10.11 11.90 30.67
N TYR B 165 9.51 11.51 31.77
CA TYR B 165 8.07 11.33 31.77
C TYR B 165 7.56 12.08 32.95
N VAL B 166 6.26 12.27 32.99
CA VAL B 166 5.62 12.99 34.07
C VAL B 166 4.32 12.26 34.34
N CYS B 167 3.78 12.45 35.52
CA CYS B 167 2.52 11.82 35.91
C CYS B 167 1.65 12.93 36.47
N ILE B 168 0.34 12.74 36.47
CA ILE B 168 -0.57 13.76 36.97
C ILE B 168 -1.76 13.09 37.61
N PRO B 169 -1.77 13.01 38.94
CA PRO B 169 -2.89 12.38 39.62
C PRO B 169 -4.22 12.87 39.05
N LEU B 170 -4.99 11.94 38.47
CA LEU B 170 -6.29 12.26 37.88
C LEU B 170 -7.02 13.32 38.69
N THR B 171 -6.95 13.23 40.01
CA THR B 171 -7.61 14.22 40.83
C THR B 171 -7.27 15.65 40.36
N ASN B 172 -6.01 15.87 39.99
CA ASN B 172 -5.53 17.18 39.55
C ASN B 172 -5.97 17.57 38.15
N VAL B 173 -6.95 16.85 37.62
CA VAL B 173 -7.47 17.14 36.27
C VAL B 173 -9.00 17.27 36.30
N GLU B 174 -9.50 18.07 35.36
CA GLU B 174 -10.93 18.32 35.23
C GLU B 174 -11.48 17.66 33.96
N PRO B 175 -12.73 17.21 34.02
CA PRO B 175 -13.60 17.32 35.20
C PRO B 175 -13.29 16.22 36.21
N SER B 176 -14.21 16.00 37.14
CA SER B 176 -14.02 14.96 38.13
C SER B 176 -14.51 13.61 37.57
N LEU B 177 -13.66 12.95 36.79
CA LEU B 177 -14.02 11.68 36.19
C LEU B 177 -14.53 10.64 37.19
N ALA B 178 -14.25 10.86 38.46
CA ALA B 178 -14.66 9.94 39.52
C ALA B 178 -16.00 9.24 39.28
N GLY B 179 -15.98 7.91 39.37
CA GLY B 179 -17.19 7.12 39.21
C GLY B 179 -17.87 6.93 37.86
N ARG B 180 -17.11 6.93 36.77
CA ARG B 180 -17.72 6.73 35.45
C ARG B 180 -16.66 6.43 34.40
N VAL B 181 -17.11 6.17 33.17
CA VAL B 181 -16.21 5.85 32.06
C VAL B 181 -16.02 7.09 31.20
N ALA B 182 -14.97 7.11 30.39
CA ALA B 182 -14.67 8.24 29.51
C ALA B 182 -15.54 8.20 28.25
N ARG B 183 -15.94 9.39 27.78
CA ARG B 183 -16.77 9.49 26.58
C ARG B 183 -15.92 9.13 25.34
N ARG B 184 -16.51 9.18 24.14
CA ARG B 184 -15.79 8.85 22.90
C ARG B 184 -14.29 8.97 23.05
N ASN B 185 -13.83 10.20 23.19
CA ASN B 185 -12.41 10.47 23.36
C ASN B 185 -12.31 11.65 24.30
N GLU B 186 -12.81 11.46 25.51
CA GLU B 186 -12.78 12.52 26.50
C GLU B 186 -11.36 12.96 26.80
N VAL B 187 -11.08 14.21 26.51
CA VAL B 187 -9.78 14.78 26.76
C VAL B 187 -9.95 15.57 28.05
N VAL B 188 -8.94 15.50 28.92
CA VAL B 188 -8.99 16.21 30.18
C VAL B 188 -8.17 17.49 30.11
N LYS B 189 -8.46 18.44 30.99
CA LYS B 189 -7.72 19.69 31.01
C LYS B 189 -6.85 19.76 32.27
N TYR B 190 -5.60 20.15 32.09
CA TYR B 190 -4.70 20.24 33.21
C TYR B 190 -4.02 21.61 33.27
N GLU B 191 -4.11 22.24 34.43
CA GLU B 191 -3.47 23.52 34.68
C GLU B 191 -2.00 23.26 35.06
N VAL B 192 -1.11 23.55 34.12
CA VAL B 192 0.33 23.35 34.29
C VAL B 192 0.99 24.35 35.21
N PRO B 193 1.41 23.89 36.40
CA PRO B 193 2.07 24.70 37.43
C PRO B 193 3.47 25.10 36.99
N VAL B 194 3.70 26.40 36.92
CA VAL B 194 4.99 26.96 36.51
C VAL B 194 6.20 26.19 37.05
N ASP B 195 6.00 25.54 38.19
CA ASP B 195 7.08 24.77 38.77
C ASP B 195 7.36 23.59 37.87
N LEU B 196 6.30 22.86 37.50
CA LEU B 196 6.40 21.68 36.62
C LEU B 196 7.35 21.93 35.46
N MET B 197 7.07 22.98 34.67
CA MET B 197 7.90 23.32 33.52
C MET B 197 9.37 23.47 33.88
N LYS B 198 9.61 24.15 34.98
CA LYS B 198 10.97 24.41 35.44
C LYS B 198 11.67 23.09 35.74
N GLU B 199 10.99 22.21 36.48
CA GLU B 199 11.59 20.94 36.81
C GLU B 199 11.73 20.03 35.59
N LEU B 200 10.78 20.11 34.66
CA LEU B 200 10.84 19.33 33.40
C LEU B 200 12.04 19.83 32.64
N LEU B 201 12.18 21.14 32.60
CA LEU B 201 13.32 21.68 31.89
C LEU B 201 14.59 21.17 32.53
N LYS B 202 14.69 21.27 33.85
CA LYS B 202 15.91 20.83 34.51
C LYS B 202 16.17 19.36 34.26
N ALA B 203 15.10 18.57 34.20
CA ALA B 203 15.17 17.13 33.95
C ALA B 203 15.90 16.81 32.64
N PHE B 204 15.44 17.37 31.54
CA PHE B 204 16.12 17.11 30.27
C PHE B 204 17.54 17.60 30.36
N ILE B 205 17.74 18.65 31.14
CA ILE B 205 19.07 19.21 31.29
C ILE B 205 19.98 18.20 31.96
N ILE B 206 19.40 17.36 32.84
CA ILE B 206 20.21 16.35 33.53
C ILE B 206 20.20 14.95 32.88
N ALA B 207 19.17 14.65 32.10
CA ALA B 207 19.07 13.35 31.44
C ALA B 207 20.32 12.98 30.64
N SER B 208 20.84 13.91 29.85
CA SER B 208 22.05 13.63 29.07
C SER B 208 22.63 14.90 28.46
N GLU B 209 23.79 14.79 27.85
CA GLU B 209 24.44 15.96 27.26
C GLU B 209 23.62 16.49 26.10
N THR B 210 23.35 15.64 25.12
CA THR B 210 22.57 16.07 23.97
C THR B 210 21.30 16.71 24.51
N HIS B 211 20.55 15.96 25.31
CA HIS B 211 19.35 16.51 25.85
C HIS B 211 19.64 17.87 26.47
N LYS B 212 20.78 18.01 27.14
CA LYS B 212 21.08 19.29 27.75
C LYS B 212 21.29 20.29 26.63
N ASN B 213 22.36 20.09 25.88
CA ASN B 213 22.69 20.98 24.78
C ASN B 213 21.48 21.48 23.97
N ASP B 214 20.44 20.64 23.87
CA ASP B 214 19.25 21.05 23.16
C ASP B 214 18.56 22.15 23.96
N ILE B 215 18.10 21.81 25.16
CA ILE B 215 17.42 22.73 26.07
C ILE B 215 18.23 24.01 26.22
N VAL B 216 19.54 23.89 26.23
CA VAL B 216 20.39 25.05 26.35
C VAL B 216 20.26 25.95 25.11
N LYS B 217 20.51 25.41 23.92
CA LYS B 217 20.40 26.20 22.70
C LYS B 217 19.00 26.83 22.55
N PHE B 218 17.98 26.09 22.97
CA PHE B 218 16.60 26.54 22.88
C PHE B 218 16.23 27.66 23.86
N LEU B 219 16.75 27.60 25.08
CA LEU B 219 16.45 28.63 26.05
C LEU B 219 17.23 29.88 25.61
N ARG B 220 18.52 29.68 25.35
CA ARG B 220 19.37 30.77 24.91
C ARG B 220 18.68 31.46 23.74
N SER B 221 17.84 30.72 23.04
CA SER B 221 17.13 31.26 21.88
C SER B 221 15.94 32.13 22.26
N ILE B 222 15.19 31.76 23.29
CA ILE B 222 14.02 32.55 23.64
C ILE B 222 14.38 33.83 24.41
N ILE B 223 15.66 34.09 24.54
CA ILE B 223 16.12 35.29 25.20
C ILE B 223 17.28 35.79 24.34
N GLY B 224 17.65 37.05 24.48
CA GLY B 224 18.70 37.61 23.65
C GLY B 224 19.97 36.84 23.28
N THR B 225 20.16 35.65 23.83
CA THR B 225 21.38 34.90 23.56
C THR B 225 21.25 33.99 22.36
N MET C 1 -12.24 17.98 -24.51
CA MET C 1 -11.08 18.67 -25.16
C MET C 1 -9.76 17.94 -24.94
N ILE C 2 -9.73 17.06 -23.94
CA ILE C 2 -8.52 16.31 -23.58
C ILE C 2 -8.01 15.24 -24.56
N HIS C 3 -6.68 15.05 -24.54
CA HIS C 3 -5.97 14.09 -25.38
C HIS C 3 -5.05 13.19 -24.52
N LEU C 4 -4.91 11.91 -24.89
CA LEU C 4 -4.09 10.96 -24.15
C LEU C 4 -2.62 11.34 -23.98
N THR C 5 -2.09 11.08 -22.79
CA THR C 5 -0.70 11.39 -22.50
C THR C 5 -0.21 10.70 -21.22
N SER C 6 1.09 10.48 -21.12
CA SER C 6 1.67 9.83 -19.95
C SER C 6 2.58 10.80 -19.19
N VAL C 7 2.43 10.79 -17.87
CA VAL C 7 3.20 11.63 -16.97
C VAL C 7 4.66 11.17 -16.96
N GLU C 8 5.55 12.05 -17.39
CA GLU C 8 6.98 11.73 -17.44
C GLU C 8 7.77 12.92 -16.96
N ALA C 9 9.07 12.91 -17.21
CA ALA C 9 9.90 14.01 -16.80
C ALA C 9 10.90 14.21 -17.90
N SER C 10 11.42 15.41 -18.03
CA SER C 10 12.40 15.65 -19.07
C SER C 10 13.71 16.11 -18.45
N VAL C 11 14.81 15.53 -18.92
CA VAL C 11 16.13 15.86 -18.43
C VAL C 11 16.86 16.56 -19.55
N SER C 12 17.64 17.57 -19.20
CA SER C 12 18.40 18.34 -20.18
C SER C 12 19.59 19.00 -19.52
N PHE C 13 20.51 19.47 -20.34
CA PHE C 13 21.70 20.13 -19.84
C PHE C 13 21.50 21.61 -20.09
N GLU C 14 21.89 22.43 -19.13
CA GLU C 14 21.75 23.88 -19.25
C GLU C 14 22.76 24.58 -18.33
N ASN C 15 23.53 25.49 -18.91
CA ASN C 15 24.56 26.23 -18.18
C ASN C 15 25.25 25.34 -17.14
N GLY C 16 25.88 24.29 -17.61
CA GLY C 16 26.60 23.36 -16.75
C GLY C 16 25.79 22.67 -15.67
N LYS C 17 24.49 22.50 -15.91
CA LYS C 17 23.66 21.87 -14.91
C LYS C 17 22.67 20.90 -15.54
N ILE C 18 22.44 19.77 -14.89
CA ILE C 18 21.46 18.85 -15.42
C ILE C 18 20.15 19.42 -14.90
N VAL C 19 19.21 19.63 -15.81
CA VAL C 19 17.94 20.22 -15.42
C VAL C 19 16.77 19.26 -15.62
N VAL C 20 15.87 19.22 -14.65
CA VAL C 20 14.72 18.35 -14.73
C VAL C 20 13.45 19.16 -14.57
N ARG C 21 12.50 18.97 -15.49
CA ARG C 21 11.23 19.66 -15.41
C ARG C 21 10.25 18.59 -15.01
N LEU C 22 9.42 18.91 -14.02
CA LEU C 22 8.49 17.95 -13.49
C LEU C 22 7.06 18.44 -13.49
N PRO C 23 6.13 17.56 -13.85
CA PRO C 23 4.70 17.84 -13.90
C PRO C 23 4.17 17.63 -12.49
N ILE C 24 3.66 18.68 -11.85
CA ILE C 24 3.18 18.52 -10.49
C ILE C 24 1.70 18.82 -10.24
N THR C 25 0.84 18.21 -11.06
CA THR C 25 -0.60 18.36 -10.96
C THR C 25 -1.27 17.07 -11.45
N ARG C 26 -0.44 16.10 -11.82
CA ARG C 26 -0.90 14.81 -12.31
C ARG C 26 -0.58 13.76 -11.24
N PRO C 27 -1.48 13.55 -10.26
CA PRO C 27 -1.19 12.54 -9.24
C PRO C 27 -0.96 11.15 -9.87
N THR C 28 0.28 10.92 -10.28
CA THR C 28 0.71 9.66 -10.88
C THR C 28 1.29 8.78 -9.78
N SER C 29 1.48 7.52 -10.12
CA SER C 29 2.06 6.59 -9.18
C SER C 29 3.57 6.85 -9.16
N LYS C 30 4.06 7.49 -10.23
CA LYS C 30 5.48 7.78 -10.38
C LYS C 30 5.83 9.18 -9.95
N ILE C 31 4.85 9.99 -9.62
CA ILE C 31 5.14 11.34 -9.17
C ILE C 31 3.97 11.89 -8.38
N ARG C 32 4.25 12.81 -7.49
CA ARG C 32 3.19 13.43 -6.69
C ARG C 32 3.78 14.44 -5.75
N VAL C 33 2.91 15.24 -5.15
CA VAL C 33 3.33 16.26 -4.21
C VAL C 33 2.70 15.89 -2.88
N LYS C 34 3.44 16.15 -1.80
CA LYS C 34 2.96 15.89 -0.45
C LYS C 34 3.69 16.72 0.59
N LYS C 35 3.03 16.96 1.71
CA LYS C 35 3.65 17.73 2.78
C LYS C 35 3.94 16.80 3.94
N ILE C 36 4.96 17.14 4.71
CA ILE C 36 5.38 16.36 5.87
C ILE C 36 4.59 16.70 7.13
N GLU C 37 3.45 16.05 7.34
CA GLU C 37 2.68 16.29 8.56
C GLU C 37 3.28 15.39 9.63
N ASN C 38 3.55 15.96 10.81
CA ASN C 38 4.12 15.19 11.90
C ASN C 38 5.20 14.22 11.40
N GLY C 39 6.15 14.74 10.64
CA GLY C 39 7.20 13.88 10.13
C GLY C 39 6.78 12.68 9.28
N VAL C 40 5.50 12.61 8.92
CA VAL C 40 5.01 11.50 8.10
C VAL C 40 5.16 11.81 6.61
N GLY C 41 4.04 11.99 5.92
CA GLY C 41 4.10 12.27 4.50
C GLY C 41 2.70 12.29 3.94
N ILE C 42 2.05 13.45 4.04
CA ILE C 42 0.67 13.62 3.57
C ILE C 42 0.51 14.02 2.11
N PRO C 43 -0.39 13.34 1.39
CA PRO C 43 -0.65 13.63 -0.02
C PRO C 43 -1.42 14.96 -0.16
N VAL C 44 -0.99 15.78 -1.12
CA VAL C 44 -1.58 17.08 -1.38
C VAL C 44 -2.21 17.23 -2.76
N SER C 45 -3.25 18.05 -2.85
CA SER C 45 -3.94 18.32 -4.10
C SER C 45 -3.49 19.70 -4.60
N THR C 46 -2.59 19.70 -5.58
CA THR C 46 -2.02 20.93 -6.15
C THR C 46 -2.97 21.92 -6.79
N ARG C 47 -4.23 21.53 -6.94
CA ARG C 47 -5.20 22.45 -7.53
C ARG C 47 -6.10 22.94 -6.41
N LYS C 48 -6.67 22.01 -5.65
CA LYS C 48 -7.56 22.33 -4.54
C LYS C 48 -6.87 23.11 -3.41
N LYS C 49 -5.62 22.77 -3.13
CA LYS C 49 -4.82 23.38 -2.07
C LYS C 49 -4.61 24.89 -2.27
N SER C 50 -3.45 25.36 -1.83
CA SER C 50 -3.02 26.74 -1.94
C SER C 50 -1.81 26.76 -1.03
N PHE C 51 -0.63 26.65 -1.64
CA PHE C 51 0.62 26.61 -0.90
C PHE C 51 0.80 27.87 -0.07
N PRO C 52 1.63 27.78 0.98
CA PRO C 52 1.91 28.90 1.87
C PRO C 52 2.86 29.93 1.24
N SER C 53 2.81 31.17 1.73
CA SER C 53 3.68 32.25 1.25
C SER C 53 4.97 32.09 2.06
N ASP C 54 4.98 30.97 2.76
CA ASP C 54 6.01 30.44 3.64
C ASP C 54 5.57 30.47 5.08
N GLU C 55 5.66 29.28 5.64
CA GLU C 55 5.30 28.96 7.01
C GLU C 55 5.44 27.43 6.92
N ASN C 56 5.58 26.95 5.69
CA ASN C 56 5.67 25.52 5.40
C ASN C 56 6.29 25.12 4.04
N LEU C 57 6.13 25.98 3.02
CA LEU C 57 6.63 25.72 1.67
C LEU C 57 7.75 24.68 1.57
N ARG C 58 8.73 24.75 2.46
CA ARG C 58 9.88 23.85 2.48
C ARG C 58 9.55 22.40 2.92
N ASP C 59 8.41 22.17 3.55
CA ASP C 59 8.07 20.80 3.92
C ASP C 59 7.03 20.27 2.95
N TYR C 60 7.04 20.82 1.74
CA TYR C 60 6.14 20.42 0.67
C TYR C 60 7.08 19.83 -0.32
N TYR C 61 6.82 18.59 -0.70
CA TYR C 61 7.69 17.87 -1.60
C TYR C 61 7.05 17.22 -2.81
N ILE C 62 7.82 17.15 -3.88
CA ILE C 62 7.34 16.41 -5.02
C ILE C 62 8.09 15.07 -4.84
N GLU C 63 7.34 14.01 -4.58
CA GLU C 63 7.89 12.67 -4.37
C GLU C 63 7.98 11.98 -5.73
N TRP C 64 9.20 11.76 -6.21
CA TRP C 64 9.40 11.16 -7.53
C TRP C 64 10.05 9.76 -7.52
N GLN C 65 9.25 8.76 -7.88
CA GLN C 65 9.65 7.35 -7.97
C GLN C 65 10.62 7.27 -9.14
N ILE C 66 11.89 7.52 -8.87
CA ILE C 66 12.89 7.55 -9.91
C ILE C 66 13.41 6.19 -10.43
N SER C 67 13.90 6.21 -11.68
CA SER C 67 14.39 5.02 -12.36
C SER C 67 15.71 5.31 -13.09
N TYR C 68 16.34 4.28 -13.63
CA TYR C 68 17.61 4.45 -14.34
C TYR C 68 17.58 3.81 -15.74
N ALA C 69 16.43 3.23 -16.09
CA ALA C 69 16.23 2.62 -17.40
C ALA C 69 14.76 2.36 -17.73
N ARG C 70 14.38 2.53 -19.01
CA ARG C 70 13.00 2.23 -19.43
C ARG C 70 13.12 1.08 -20.45
N ASP C 71 12.28 0.06 -20.30
CA ASP C 71 12.25 -1.12 -21.19
C ASP C 71 13.59 -1.59 -21.75
N GLY C 72 14.54 -1.96 -20.90
CA GLY C 72 15.75 -2.45 -21.47
C GLY C 72 16.98 -1.58 -21.51
N LYS C 73 16.91 -0.32 -21.96
CA LYS C 73 18.15 0.44 -21.91
C LYS C 73 18.18 1.73 -21.15
N TYR C 74 19.41 1.99 -20.72
CA TYR C 74 19.80 3.07 -19.87
C TYR C 74 19.96 4.50 -20.41
N ASP C 75 18.82 5.16 -20.54
CA ASP C 75 18.76 6.58 -20.93
C ASP C 75 17.38 7.09 -20.57
N TYR C 76 16.92 6.67 -19.40
CA TYR C 76 15.64 7.05 -18.85
C TYR C 76 15.89 7.63 -17.47
N GLU C 77 15.40 8.87 -17.26
CA GLU C 77 15.54 9.59 -16.00
C GLU C 77 16.98 9.62 -15.48
N LEU C 78 17.26 8.84 -14.43
CA LEU C 78 18.58 8.85 -13.82
C LEU C 78 19.74 8.55 -14.74
N SER C 79 19.58 7.59 -15.65
CA SER C 79 20.67 7.24 -16.57
C SER C 79 20.85 8.34 -17.58
N ARG C 80 19.74 8.96 -17.95
CA ARG C 80 19.81 10.06 -18.89
C ARG C 80 20.63 11.15 -18.21
N MET C 81 20.23 11.54 -16.99
CA MET C 81 20.96 12.59 -16.28
C MET C 81 22.39 12.23 -15.98
N VAL C 82 22.62 11.00 -15.55
CA VAL C 82 23.98 10.57 -15.26
C VAL C 82 24.85 10.69 -16.53
N ARG C 83 24.47 10.01 -17.61
CA ARG C 83 25.28 10.08 -18.83
C ARG C 83 25.45 11.52 -19.28
N LEU C 84 24.36 12.28 -19.28
CA LEU C 84 24.42 13.68 -19.67
C LEU C 84 25.44 14.40 -18.81
N ALA C 85 25.31 14.26 -17.49
CA ALA C 85 26.22 14.88 -16.56
C ALA C 85 27.66 14.50 -16.92
N HIS C 86 27.86 13.24 -17.28
CA HIS C 86 29.21 12.82 -17.66
C HIS C 86 29.64 13.31 -19.03
N GLU C 87 28.69 13.35 -19.98
CA GLU C 87 28.99 13.83 -21.32
C GLU C 87 29.62 15.21 -21.27
N HIS C 88 29.22 15.99 -20.28
CA HIS C 88 29.74 17.34 -20.13
C HIS C 88 30.82 17.43 -19.06
N GLY C 89 30.56 18.22 -18.03
CA GLY C 89 31.55 18.34 -16.95
C GLY C 89 31.14 17.60 -15.70
N ILE C 90 30.06 18.09 -15.09
CA ILE C 90 29.46 17.57 -13.87
C ILE C 90 30.04 16.30 -13.25
N LEU C 91 29.46 15.17 -13.62
CA LEU C 91 29.91 13.88 -13.11
C LEU C 91 31.16 13.42 -13.89
N THR C 92 32.35 13.72 -13.36
CA THR C 92 33.59 13.35 -14.04
C THR C 92 33.89 11.87 -13.95
N TYR C 93 34.99 11.48 -14.58
CA TYR C 93 35.39 10.09 -14.56
C TYR C 93 35.60 9.64 -13.13
N ASN C 94 36.52 10.31 -12.45
CA ASN C 94 36.81 9.93 -11.10
C ASN C 94 35.58 9.82 -10.24
N ASP C 95 34.58 10.64 -10.53
CA ASP C 95 33.33 10.61 -9.78
C ASP C 95 32.67 9.28 -9.94
N ILE C 96 32.84 8.69 -11.12
CA ILE C 96 32.25 7.41 -11.42
C ILE C 96 33.09 6.30 -10.78
N TYR C 97 34.40 6.38 -10.95
CA TYR C 97 35.28 5.37 -10.36
C TYR C 97 34.98 5.21 -8.86
N GLU C 98 35.04 6.31 -8.12
CA GLU C 98 34.75 6.26 -6.69
C GLU C 98 33.45 5.54 -6.39
N LEU C 99 32.51 5.59 -7.32
CA LEU C 99 31.22 4.94 -7.15
C LEU C 99 31.32 3.41 -7.29
N LEU C 100 32.13 2.97 -8.25
CA LEU C 100 32.33 1.54 -8.48
C LEU C 100 32.97 0.93 -7.21
N LYS C 101 34.00 1.59 -6.67
CA LYS C 101 34.65 1.13 -5.44
C LYS C 101 33.53 0.86 -4.44
N PHE C 102 32.68 1.87 -4.27
CA PHE C 102 31.57 1.78 -3.35
C PHE C 102 30.76 0.53 -3.56
N ALA C 103 30.36 0.27 -4.80
CA ALA C 103 29.55 -0.90 -5.13
C ALA C 103 30.23 -2.23 -4.81
N ASP C 104 31.56 -2.24 -4.90
CA ASP C 104 32.35 -3.44 -4.62
C ASP C 104 32.30 -3.84 -3.16
N ASP C 105 32.38 -2.84 -2.29
CA ASP C 105 32.34 -3.09 -0.85
C ASP C 105 30.93 -3.34 -0.36
N VAL C 106 29.93 -2.98 -1.16
CA VAL C 106 28.58 -3.21 -0.72
C VAL C 106 28.34 -4.70 -0.94
N LYS C 107 27.72 -5.36 0.02
CA LYS C 107 27.47 -6.79 -0.08
C LYS C 107 26.30 -7.18 0.78
N SER C 108 25.51 -6.18 1.11
CA SER C 108 24.32 -6.37 1.91
C SER C 108 23.42 -5.29 1.32
N TYR C 109 22.15 -5.66 1.05
CA TYR C 109 21.20 -4.74 0.42
C TYR C 109 19.91 -4.63 1.21
N LEU C 110 19.05 -3.71 0.80
CA LEU C 110 17.81 -3.51 1.53
C LEU C 110 16.87 -4.65 1.28
N GLU C 111 17.00 -5.24 0.10
CA GLU C 111 16.17 -6.34 -0.36
C GLU C 111 16.32 -7.50 0.58
N ASP C 112 17.57 -7.77 0.93
CA ASP C 112 17.91 -8.85 1.82
C ASP C 112 16.99 -8.89 3.05
N LYS C 113 17.07 -7.90 3.94
CA LYS C 113 16.20 -7.90 5.13
C LYS C 113 14.82 -8.49 4.85
N GLY C 114 14.31 -8.30 3.63
CA GLY C 114 12.99 -8.81 3.29
C GLY C 114 11.85 -8.26 4.15
N ILE C 115 10.70 -8.92 4.06
CA ILE C 115 9.54 -8.52 4.84
C ILE C 115 9.18 -9.73 5.68
N ARG C 116 8.73 -9.47 6.91
CA ARG C 116 8.37 -10.54 7.80
C ARG C 116 7.20 -10.14 8.64
N ARG C 117 6.45 -11.13 9.07
CA ARG C 117 5.29 -10.88 9.91
C ARG C 117 5.59 -11.36 11.32
N GLU C 118 5.86 -10.42 12.22
CA GLU C 118 6.16 -10.72 13.61
C GLU C 118 4.97 -11.47 14.16
N SER C 119 5.24 -12.29 15.17
CA SER C 119 4.21 -13.09 15.83
C SER C 119 3.90 -12.50 17.22
N THR C 120 3.55 -11.21 17.25
CA THR C 120 3.25 -10.57 18.52
C THR C 120 2.24 -11.44 19.23
N ASN C 121 2.37 -11.55 20.54
CA ASN C 121 1.45 -12.39 21.28
C ASN C 121 0.45 -11.55 22.03
N GLU C 122 -0.16 -10.65 21.27
CA GLU C 122 -1.19 -9.76 21.76
C GLU C 122 -2.52 -10.28 21.21
N GLU C 123 -3.58 -9.51 21.42
CA GLU C 123 -4.90 -9.91 20.97
C GLU C 123 -5.83 -8.72 20.97
N LEU C 124 -6.78 -8.72 20.03
CA LEU C 124 -7.76 -7.66 19.89
C LEU C 124 -9.11 -8.36 19.82
N TYR C 125 -9.95 -8.14 20.83
CA TYR C 125 -11.27 -8.77 20.88
C TYR C 125 -11.30 -10.20 20.31
N GLY C 126 -10.28 -10.99 20.63
CA GLY C 126 -10.24 -12.36 20.15
C GLY C 126 -9.36 -12.62 18.94
N PHE C 127 -8.84 -11.56 18.33
CA PHE C 127 -8.01 -11.68 17.14
C PHE C 127 -6.51 -11.53 17.38
N ASN C 128 -5.75 -12.59 17.10
CA ASN C 128 -4.30 -12.54 17.26
C ASN C 128 -3.72 -11.41 16.40
N ILE C 129 -2.87 -10.59 17.00
CA ILE C 129 -2.27 -9.49 16.27
C ILE C 129 -0.89 -9.86 15.78
N TYR C 130 -0.44 -9.21 14.70
CA TYR C 130 0.88 -9.46 14.17
C TYR C 130 1.38 -8.13 13.61
N GLU C 131 2.61 -8.11 13.12
CA GLU C 131 3.17 -6.92 12.59
C GLU C 131 4.06 -7.24 11.39
N ASP C 132 3.67 -6.75 10.23
CA ASP C 132 4.48 -6.97 9.05
C ASP C 132 5.56 -5.91 9.19
N VAL C 133 6.80 -6.26 8.91
CA VAL C 133 7.86 -5.31 9.08
C VAL C 133 8.63 -5.17 7.80
N TYR C 134 8.43 -4.03 7.14
CA TYR C 134 9.08 -3.75 5.85
C TYR C 134 10.27 -2.82 6.09
N PRO C 135 11.40 -3.05 5.40
CA PRO C 135 12.55 -2.18 5.62
C PRO C 135 12.51 -0.95 4.75
N VAL C 136 13.11 0.13 5.23
CA VAL C 136 13.18 1.33 4.44
C VAL C 136 14.47 1.98 4.82
N ALA C 137 15.06 2.71 3.90
CA ALA C 137 16.30 3.39 4.15
C ALA C 137 15.88 4.84 3.89
N LYS C 138 16.82 5.77 4.08
CA LYS C 138 16.57 7.20 3.90
C LYS C 138 17.89 7.89 3.95
N LYS C 139 17.90 9.15 3.52
CA LYS C 139 19.11 9.94 3.56
C LYS C 139 18.79 11.36 3.19
N GLU C 140 18.97 12.26 4.15
CA GLU C 140 18.74 13.67 3.93
C GLU C 140 20.00 14.20 3.28
N LEU C 141 19.88 15.20 2.45
CA LEU C 141 21.08 15.74 1.82
C LEU C 141 21.25 17.12 2.42
N PRO C 142 22.46 17.65 2.37
CA PRO C 142 22.69 18.99 2.93
C PRO C 142 21.77 20.01 2.26
N SER C 143 21.47 19.77 0.98
CA SER C 143 20.64 20.61 0.13
C SER C 143 19.13 20.54 0.37
N GLY C 144 18.67 19.62 1.22
CA GLY C 144 17.26 19.56 1.53
C GLY C 144 16.46 18.41 0.98
N GLU C 145 16.98 17.74 -0.05
CA GLU C 145 16.27 16.62 -0.65
C GLU C 145 16.47 15.28 0.04
N PHE C 146 15.36 14.58 0.24
CA PHE C 146 15.36 13.27 0.86
C PHE C 146 15.46 12.15 -0.19
N ILE C 147 16.06 11.03 0.19
CA ILE C 147 16.13 9.89 -0.71
C ILE C 147 15.68 8.65 0.05
N GLY C 148 14.46 8.20 -0.20
CA GLY C 148 13.99 6.99 0.46
C GLY C 148 14.28 5.76 -0.40
N ILE C 149 14.02 4.58 0.15
CA ILE C 149 14.20 3.29 -0.52
C ILE C 149 13.29 2.34 0.21
N VAL C 150 12.22 1.91 -0.44
CA VAL C 150 11.28 1.04 0.21
C VAL C 150 10.96 -0.12 -0.67
N LEU C 151 9.98 -0.93 -0.26
CA LEU C 151 9.58 -2.08 -1.04
C LEU C 151 8.09 -1.88 -1.30
N LYS C 152 7.72 -1.78 -2.59
CA LYS C 152 6.31 -1.55 -2.96
C LYS C 152 5.65 -2.62 -3.81
N HIS C 153 4.34 -2.43 -3.99
CA HIS C 153 3.42 -3.26 -4.78
C HIS C 153 3.16 -4.63 -4.21
N GLY C 159 4.29 -6.24 -0.77
CA GLY C 159 5.15 -5.34 -1.51
C GLY C 159 6.42 -6.05 -1.90
N TYR C 160 6.63 -6.33 -3.20
CA TYR C 160 7.80 -7.08 -3.60
C TYR C 160 9.01 -6.55 -4.34
N GLN C 161 9.18 -5.26 -4.53
CA GLN C 161 10.39 -4.85 -5.25
C GLN C 161 10.93 -3.52 -4.74
N SER C 162 12.25 -3.40 -4.58
CA SER C 162 12.79 -2.15 -4.06
C SER C 162 12.65 -0.96 -5.03
N MET C 163 12.01 0.09 -4.52
CA MET C 163 11.71 1.32 -5.24
C MET C 163 12.46 2.50 -4.65
N VAL C 164 13.34 3.13 -5.42
CA VAL C 164 14.07 4.30 -4.93
C VAL C 164 13.25 5.60 -5.15
N TYR C 165 13.03 6.36 -4.08
CA TYR C 165 12.28 7.62 -4.14
C TYR C 165 13.17 8.81 -3.85
N VAL C 166 12.93 9.92 -4.53
CA VAL C 166 13.72 11.12 -4.27
C VAL C 166 12.77 12.26 -3.98
N CYS C 167 12.68 12.68 -2.72
CA CYS C 167 11.79 13.78 -2.34
C CYS C 167 12.44 15.13 -2.46
N ILE C 168 11.82 15.98 -3.28
CA ILE C 168 12.31 17.33 -3.55
C ILE C 168 11.40 18.37 -2.90
N PRO C 169 11.99 19.28 -2.11
CA PRO C 169 11.19 20.32 -1.46
C PRO C 169 10.87 21.47 -2.44
N LEU C 170 9.63 21.94 -2.38
CA LEU C 170 9.15 23.03 -3.27
C LEU C 170 9.99 24.28 -3.21
N THR C 171 10.69 24.45 -2.09
CA THR C 171 11.57 25.58 -1.92
C THR C 171 12.81 25.39 -2.77
N ASN C 172 12.94 24.24 -3.40
CA ASN C 172 14.13 23.99 -4.21
C ASN C 172 13.85 24.00 -5.70
N VAL C 173 12.56 23.97 -6.04
CA VAL C 173 12.06 23.96 -7.44
C VAL C 173 11.65 25.36 -7.97
N GLU C 174 11.38 25.43 -9.25
CA GLU C 174 10.97 26.68 -9.85
C GLU C 174 9.82 26.51 -10.80
N PRO C 175 8.96 27.53 -10.89
CA PRO C 175 9.15 28.76 -10.11
C PRO C 175 8.55 28.50 -8.72
N SER C 176 8.56 29.50 -7.86
CA SER C 176 7.97 29.25 -6.57
C SER C 176 6.49 29.06 -6.77
N LEU C 177 5.85 28.41 -5.81
CA LEU C 177 4.42 28.19 -5.88
C LEU C 177 3.90 28.76 -4.59
N ALA C 178 4.73 29.60 -3.98
CA ALA C 178 4.34 30.22 -2.72
C ALA C 178 3.17 31.16 -2.95
N GLY C 179 2.09 30.96 -2.20
CA GLY C 179 0.95 31.83 -2.33
C GLY C 179 -0.24 31.34 -3.13
N ARG C 180 -0.01 30.91 -4.36
CA ARG C 180 -1.08 30.46 -5.25
C ARG C 180 -1.18 28.95 -5.34
N VAL C 181 -2.11 28.45 -6.15
CA VAL C 181 -2.24 27.00 -6.34
C VAL C 181 -1.50 26.69 -7.64
N ALA C 182 -1.43 25.42 -8.01
CA ALA C 182 -0.72 25.07 -9.23
C ALA C 182 -1.57 25.32 -10.48
N ARG C 183 -0.92 25.75 -11.55
CA ARG C 183 -1.62 26.03 -12.79
C ARG C 183 -1.98 24.71 -13.49
N ARG C 184 -3.09 24.72 -14.25
CA ARG C 184 -3.61 23.56 -15.00
C ARG C 184 -2.72 22.29 -15.11
N ASN C 185 -1.60 22.44 -15.82
CA ASN C 185 -0.63 21.36 -16.00
C ASN C 185 0.73 21.99 -15.80
N GLU C 186 0.96 22.44 -14.56
CA GLU C 186 2.21 23.10 -14.20
C GLU C 186 3.43 22.20 -14.26
N VAL C 187 4.57 22.80 -14.58
CA VAL C 187 5.82 22.09 -14.70
C VAL C 187 6.94 22.88 -14.07
N VAL C 188 7.40 22.41 -12.92
CA VAL C 188 8.45 23.09 -12.20
C VAL C 188 9.83 22.69 -12.71
N LYS C 189 10.80 23.57 -12.52
CA LYS C 189 12.15 23.29 -12.96
C LYS C 189 13.00 23.06 -11.72
N TYR C 190 13.89 22.07 -11.80
CA TYR C 190 14.75 21.75 -10.70
C TYR C 190 16.10 21.50 -11.24
N GLU C 191 17.10 22.14 -10.63
CA GLU C 191 18.46 21.95 -11.05
C GLU C 191 19.03 20.82 -10.21
N VAL C 192 19.67 19.85 -10.86
CA VAL C 192 20.20 18.70 -10.16
C VAL C 192 21.63 18.84 -9.65
N PRO C 193 21.81 18.63 -8.33
CA PRO C 193 23.10 18.70 -7.65
C PRO C 193 23.82 17.41 -7.98
N VAL C 194 25.05 17.48 -8.45
CA VAL C 194 25.78 16.26 -8.75
C VAL C 194 25.62 15.26 -7.58
N ASP C 195 25.49 15.79 -6.36
CA ASP C 195 25.33 14.96 -5.18
C ASP C 195 24.08 14.11 -5.20
N LEU C 196 22.96 14.75 -5.55
CA LEU C 196 21.69 14.06 -5.65
C LEU C 196 21.83 12.92 -6.68
N MET C 197 22.77 13.07 -7.62
CA MET C 197 23.02 12.05 -8.63
C MET C 197 23.84 10.91 -8.03
N LYS C 198 24.86 11.28 -7.25
CA LYS C 198 25.72 10.28 -6.59
C LYS C 198 24.91 9.51 -5.54
N GLU C 199 24.25 10.24 -4.67
CA GLU C 199 23.49 9.57 -3.66
C GLU C 199 22.41 8.72 -4.30
N LEU C 200 21.97 9.10 -5.50
CA LEU C 200 20.93 8.31 -6.20
C LEU C 200 21.54 7.02 -6.75
N LEU C 201 22.66 7.13 -7.45
CA LEU C 201 23.30 5.92 -7.93
C LEU C 201 23.56 4.97 -6.73
N LYS C 202 24.08 5.50 -5.61
CA LYS C 202 24.30 4.64 -4.43
C LYS C 202 23.01 4.01 -3.89
N ALA C 203 21.93 4.78 -3.80
CA ALA C 203 20.69 4.20 -3.29
C ALA C 203 20.43 2.94 -4.10
N PHE C 204 20.66 3.03 -5.42
CA PHE C 204 20.45 1.87 -6.26
C PHE C 204 21.49 0.82 -5.91
N ILE C 205 22.75 1.22 -5.82
CA ILE C 205 23.82 0.31 -5.46
C ILE C 205 23.54 -0.52 -4.18
N ILE C 206 22.61 -0.11 -3.32
CA ILE C 206 22.34 -0.90 -2.12
C ILE C 206 20.87 -1.29 -2.01
N ALA C 207 20.14 -1.14 -3.11
CA ALA C 207 18.71 -1.48 -3.11
C ALA C 207 18.50 -2.97 -3.20
N SER C 208 19.28 -3.62 -4.08
CA SER C 208 19.24 -5.07 -4.30
C SER C 208 20.47 -5.33 -5.14
N GLU C 209 20.92 -6.58 -5.11
CA GLU C 209 22.12 -6.93 -5.85
C GLU C 209 21.91 -6.83 -7.35
N THR C 210 20.69 -7.15 -7.80
CA THR C 210 20.33 -7.03 -9.21
C THR C 210 20.57 -5.58 -9.58
N HIS C 211 19.82 -4.71 -8.92
CA HIS C 211 19.95 -3.26 -9.11
C HIS C 211 21.42 -2.83 -9.17
N LYS C 212 22.20 -3.25 -8.17
CA LYS C 212 23.61 -2.86 -8.15
C LYS C 212 24.29 -3.25 -9.46
N ASN C 213 24.01 -4.47 -9.93
CA ASN C 213 24.61 -4.96 -11.16
C ASN C 213 24.32 -4.01 -12.33
N ASP C 214 23.03 -3.66 -12.50
CA ASP C 214 22.62 -2.75 -13.56
C ASP C 214 23.45 -1.47 -13.51
N ILE C 215 23.52 -0.86 -12.34
CA ILE C 215 24.27 0.37 -12.13
C ILE C 215 25.76 0.20 -12.41
N VAL C 216 26.29 -0.99 -12.15
CA VAL C 216 27.72 -1.17 -12.37
C VAL C 216 28.00 -1.37 -13.85
N LYS C 217 27.16 -2.16 -14.52
CA LYS C 217 27.36 -2.37 -15.94
C LYS C 217 27.14 -1.03 -16.66
N PHE C 218 26.12 -0.29 -16.23
CA PHE C 218 25.82 0.99 -16.81
C PHE C 218 27.02 1.91 -16.67
N LEU C 219 27.45 2.08 -15.43
CA LEU C 219 28.57 2.95 -15.14
C LEU C 219 29.84 2.57 -15.88
N ARG C 220 30.17 1.28 -15.92
CA ARG C 220 31.39 0.89 -16.59
C ARG C 220 31.40 1.20 -18.08
N SER C 221 30.22 1.48 -18.62
CA SER C 221 30.11 1.85 -20.03
C SER C 221 30.19 3.38 -20.21
N ILE C 222 29.62 4.15 -19.29
CA ILE C 222 29.71 5.61 -19.39
C ILE C 222 31.19 6.00 -19.56
N ILE C 223 32.10 5.11 -19.18
CA ILE C 223 33.52 5.39 -19.32
C ILE C 223 34.19 4.30 -20.16
N GLU D 8 -15.25 -11.05 -9.71
CA GLU D 8 -16.14 -11.12 -8.52
C GLU D 8 -16.85 -12.47 -8.34
N ALA D 9 -17.20 -12.79 -7.10
CA ALA D 9 -17.83 -14.08 -6.77
C ALA D 9 -19.34 -14.17 -6.94
N SER D 10 -19.83 -15.41 -6.87
CA SER D 10 -21.26 -15.71 -7.01
C SER D 10 -21.82 -16.40 -5.78
N VAL D 11 -22.55 -15.66 -4.97
CA VAL D 11 -23.15 -16.19 -3.74
C VAL D 11 -24.61 -16.55 -4.01
N SER D 12 -25.00 -17.77 -3.69
CA SER D 12 -26.37 -18.23 -3.91
C SER D 12 -26.87 -19.02 -2.72
N PHE D 13 -28.15 -19.32 -2.70
CA PHE D 13 -28.69 -20.09 -1.59
C PHE D 13 -28.34 -21.57 -1.72
N GLU D 14 -29.02 -22.29 -2.61
CA GLU D 14 -28.75 -23.72 -2.84
C GLU D 14 -29.29 -24.58 -1.71
N ASN D 15 -29.58 -25.84 -2.03
CA ASN D 15 -30.10 -26.82 -1.07
C ASN D 15 -29.59 -26.67 0.36
N GLY D 16 -30.21 -25.74 1.09
CA GLY D 16 -29.87 -25.48 2.48
C GLY D 16 -28.69 -24.53 2.65
N LYS D 17 -27.53 -25.12 2.89
CA LYS D 17 -26.31 -24.34 3.06
C LYS D 17 -26.24 -23.25 2.00
N ILE D 18 -25.66 -22.11 2.36
CA ILE D 18 -25.50 -20.98 1.45
C ILE D 18 -24.19 -21.20 0.70
N VAL D 19 -24.17 -20.88 -0.59
CA VAL D 19 -22.99 -21.11 -1.43
C VAL D 19 -22.41 -19.92 -2.20
N VAL D 20 -21.11 -20.01 -2.47
CA VAL D 20 -20.38 -18.99 -3.23
C VAL D 20 -19.39 -19.67 -4.18
N ARG D 21 -19.33 -19.16 -5.40
CA ARG D 21 -18.43 -19.70 -6.40
C ARG D 21 -17.27 -18.72 -6.56
N LEU D 22 -16.06 -19.23 -6.62
CA LEU D 22 -14.90 -18.35 -6.75
C LEU D 22 -14.01 -18.70 -7.93
N PRO D 23 -13.51 -17.69 -8.64
CA PRO D 23 -12.63 -17.79 -9.81
C PRO D 23 -11.46 -18.77 -9.74
N ILE D 24 -10.35 -18.35 -9.14
CA ILE D 24 -9.13 -19.15 -9.03
C ILE D 24 -8.45 -19.27 -10.40
N THR D 25 -9.05 -18.59 -11.36
CA THR D 25 -8.57 -18.57 -12.73
C THR D 25 -7.76 -17.30 -12.94
N ARG D 26 -8.29 -16.21 -12.40
CA ARG D 26 -7.69 -14.89 -12.51
C ARG D 26 -7.01 -14.40 -11.22
N PRO D 27 -5.68 -14.59 -11.11
CA PRO D 27 -4.90 -14.18 -9.94
C PRO D 27 -4.37 -12.75 -10.02
N THR D 28 -5.24 -11.81 -10.37
CA THR D 28 -4.85 -10.40 -10.47
C THR D 28 -5.65 -9.60 -9.47
N SER D 29 -6.78 -10.18 -9.09
CA SER D 29 -7.73 -9.53 -8.21
C SER D 29 -7.80 -9.85 -6.73
N LYS D 30 -9.00 -9.61 -6.20
CA LYS D 30 -9.40 -9.86 -4.83
C LYS D 30 -9.03 -11.31 -4.68
N ILE D 31 -9.75 -12.11 -5.45
CA ILE D 31 -9.60 -13.54 -5.49
C ILE D 31 -8.20 -13.86 -5.96
N ARG D 32 -7.48 -14.65 -5.19
CA ARG D 32 -6.12 -15.04 -5.56
C ARG D 32 -5.87 -16.42 -5.02
N VAL D 33 -4.79 -17.01 -5.50
CA VAL D 33 -4.43 -18.35 -5.09
C VAL D 33 -2.98 -18.33 -4.70
N LYS D 34 -2.66 -19.00 -3.60
CA LYS D 34 -1.29 -19.08 -3.12
C LYS D 34 -1.15 -20.20 -2.10
N LYS D 35 0.07 -20.65 -1.85
CA LYS D 35 0.31 -21.72 -0.91
C LYS D 35 1.09 -21.30 0.33
N ILE D 36 0.65 -21.80 1.49
CA ILE D 36 1.27 -21.49 2.77
C ILE D 36 2.75 -21.86 2.80
N GLU D 37 3.56 -20.89 3.25
CA GLU D 37 5.02 -21.04 3.35
C GLU D 37 5.50 -20.62 4.75
N ASN D 38 6.21 -21.53 5.43
CA ASN D 38 6.73 -21.29 6.78
C ASN D 38 5.74 -20.53 7.67
N GLY D 39 4.46 -20.58 7.30
CA GLY D 39 3.43 -19.90 8.07
C GLY D 39 3.09 -18.54 7.49
N VAL D 40 3.01 -18.45 6.17
CA VAL D 40 2.70 -17.18 5.50
C VAL D 40 1.78 -17.30 4.27
N GLY D 41 2.37 -17.68 3.15
CA GLY D 41 1.60 -17.84 1.92
C GLY D 41 2.19 -17.16 0.71
N ILE D 42 2.76 -17.96 -0.19
CA ILE D 42 3.37 -17.48 -1.43
C ILE D 42 2.43 -17.67 -2.62
N PRO D 43 2.39 -16.70 -3.54
CA PRO D 43 1.54 -16.73 -4.72
C PRO D 43 1.74 -17.98 -5.59
N VAL D 44 0.69 -18.36 -6.33
CA VAL D 44 0.74 -19.52 -7.22
C VAL D 44 0.03 -19.23 -8.54
N SER D 45 0.65 -19.63 -9.64
CA SER D 45 0.06 -19.39 -10.95
C SER D 45 -1.07 -20.37 -11.24
N THR D 46 -2.30 -19.85 -11.24
CA THR D 46 -3.50 -20.63 -11.49
C THR D 46 -3.28 -21.94 -12.24
N ARG D 47 -3.30 -21.86 -13.56
CA ARG D 47 -3.10 -23.04 -14.41
C ARG D 47 -1.69 -23.11 -15.00
N LYS D 48 -0.80 -23.79 -14.28
CA LYS D 48 0.60 -23.97 -14.71
C LYS D 48 1.22 -25.24 -14.14
N LYS D 49 0.86 -25.59 -12.92
CA LYS D 49 1.41 -26.79 -12.30
C LYS D 49 0.34 -27.59 -11.57
N SER D 50 0.47 -28.91 -11.63
CA SER D 50 -0.47 -29.82 -10.97
C SER D 50 -0.45 -29.60 -9.47
N PHE D 51 -1.59 -29.21 -8.93
CA PHE D 51 -1.72 -28.97 -7.50
C PHE D 51 -1.49 -30.29 -6.77
N PRO D 52 -0.40 -30.39 -5.99
CA PRO D 52 -0.05 -31.59 -5.23
C PRO D 52 -1.26 -32.26 -4.58
N SER D 53 -1.52 -33.50 -4.99
CA SER D 53 -2.65 -34.26 -4.49
C SER D 53 -2.36 -35.04 -3.21
N ASP D 54 -3.24 -34.85 -2.23
CA ASP D 54 -3.14 -35.53 -0.94
C ASP D 54 -1.80 -35.28 -0.24
N GLU D 55 -1.85 -34.93 1.04
CA GLU D 55 -0.63 -34.67 1.80
C GLU D 55 -0.01 -33.38 1.27
N ASN D 56 -0.37 -32.25 1.88
CA ASN D 56 0.14 -30.93 1.50
C ASN D 56 -0.70 -30.19 0.48
N LEU D 57 -1.92 -30.66 0.24
CA LEU D 57 -2.79 -29.99 -0.69
C LEU D 57 -3.64 -28.97 0.05
N ARG D 58 -3.95 -29.29 1.32
CA ARG D 58 -4.77 -28.41 2.18
C ARG D 58 -3.95 -27.14 2.59
N ASP D 59 -2.67 -27.13 2.21
CA ASP D 59 -1.78 -26.01 2.48
C ASP D 59 -1.96 -24.93 1.41
N TYR D 60 -2.80 -25.22 0.42
CA TYR D 60 -3.08 -24.27 -0.64
C TYR D 60 -4.47 -23.70 -0.35
N TYR D 61 -4.65 -22.41 -0.62
CA TYR D 61 -5.92 -21.74 -0.35
C TYR D 61 -6.20 -20.63 -1.36
N ILE D 62 -7.37 -20.05 -1.21
CA ILE D 62 -7.82 -18.97 -2.07
C ILE D 62 -7.95 -17.69 -1.24
N GLU D 63 -7.10 -16.71 -1.53
CA GLU D 63 -7.11 -15.45 -0.80
C GLU D 63 -8.17 -14.52 -1.36
N TRP D 64 -9.24 -14.32 -0.61
CA TRP D 64 -10.32 -13.47 -1.07
C TRP D 64 -10.50 -12.18 -0.25
N GLN D 65 -10.08 -11.05 -0.82
CA GLN D 65 -10.21 -9.75 -0.17
C GLN D 65 -11.68 -9.36 -0.21
N ILE D 66 -12.46 -9.81 0.78
CA ILE D 66 -13.90 -9.57 0.83
C ILE D 66 -14.44 -8.21 1.34
N SER D 67 -15.61 -7.84 0.84
CA SER D 67 -16.28 -6.59 1.18
C SER D 67 -17.69 -6.84 1.71
N TYR D 68 -18.40 -5.74 1.98
CA TYR D 68 -19.76 -5.81 2.51
C TYR D 68 -20.64 -4.69 1.92
N ALA D 69 -20.19 -4.09 0.82
CA ALA D 69 -20.95 -3.03 0.20
C ALA D 69 -20.30 -2.54 -1.09
N ARG D 70 -21.06 -1.85 -1.92
CA ARG D 70 -20.51 -1.32 -3.17
C ARG D 70 -21.33 -0.12 -3.67
N ASP D 71 -20.74 1.06 -3.57
CA ASP D 71 -21.36 2.31 -4.02
C ASP D 71 -22.58 2.77 -3.23
N GLY D 72 -22.75 2.23 -2.02
CA GLY D 72 -23.88 2.62 -1.20
C GLY D 72 -24.82 1.51 -0.82
N LYS D 73 -25.19 0.69 -1.79
CA LYS D 73 -26.10 -0.42 -1.56
C LYS D 73 -25.37 -1.51 -0.78
N TYR D 74 -25.99 -2.00 0.29
CA TYR D 74 -25.38 -3.04 1.12
C TYR D 74 -25.75 -4.47 0.73
N ASP D 75 -25.82 -4.76 -0.55
CA ASP D 75 -26.11 -6.12 -1.00
C ASP D 75 -24.97 -6.53 -1.91
N TYR D 76 -23.86 -6.89 -1.29
CA TYR D 76 -22.67 -7.29 -2.02
C TYR D 76 -21.81 -8.20 -1.16
N GLU D 77 -21.28 -9.24 -1.77
CA GLU D 77 -20.44 -10.20 -1.06
C GLU D 77 -20.99 -10.52 0.33
N LEU D 78 -20.20 -10.30 1.37
CA LEU D 78 -20.66 -10.62 2.72
C LEU D 78 -22.09 -10.24 2.99
N SER D 79 -22.51 -9.06 2.55
CA SER D 79 -23.87 -8.60 2.77
C SER D 79 -24.89 -9.55 2.13
N ARG D 80 -24.75 -9.75 0.82
CA ARG D 80 -25.62 -10.65 0.08
C ARG D 80 -25.68 -11.95 0.88
N MET D 81 -24.50 -12.40 1.32
CA MET D 81 -24.35 -13.63 2.09
C MET D 81 -25.15 -13.70 3.37
N VAL D 82 -24.78 -12.87 4.34
CA VAL D 82 -25.44 -12.84 5.64
C VAL D 82 -26.96 -12.68 5.52
N ARG D 83 -27.42 -11.67 4.77
CA ARG D 83 -28.85 -11.47 4.61
C ARG D 83 -29.43 -12.73 4.00
N LEU D 84 -28.81 -13.19 2.91
CA LEU D 84 -29.24 -14.41 2.25
C LEU D 84 -28.77 -15.60 3.08
N ALA D 85 -28.94 -15.51 4.39
CA ALA D 85 -28.54 -16.58 5.30
C ALA D 85 -29.52 -16.55 6.45
N HIS D 86 -29.72 -15.37 7.02
CA HIS D 86 -30.67 -15.22 8.11
C HIS D 86 -32.00 -15.44 7.41
N GLU D 87 -32.16 -14.73 6.30
CA GLU D 87 -33.37 -14.80 5.48
C GLU D 87 -33.85 -16.23 5.29
N HIS D 88 -32.94 -17.19 5.34
CA HIS D 88 -33.31 -18.58 5.15
C HIS D 88 -32.91 -19.44 6.35
N GLY D 89 -33.00 -18.85 7.53
CA GLY D 89 -32.67 -19.56 8.76
C GLY D 89 -31.32 -20.26 8.90
N ILE D 90 -30.28 -19.68 8.33
CA ILE D 90 -28.94 -20.27 8.43
C ILE D 90 -28.21 -19.62 9.61
N LEU D 91 -28.33 -18.31 9.70
CA LEU D 91 -27.72 -17.53 10.78
C LEU D 91 -28.84 -17.06 11.69
N THR D 92 -29.36 -17.99 12.47
CA THR D 92 -30.46 -17.70 13.40
C THR D 92 -30.26 -16.40 14.15
N TYR D 93 -31.32 -15.92 14.78
CA TYR D 93 -31.27 -14.65 15.48
C TYR D 93 -30.44 -14.53 16.75
N ASN D 94 -30.56 -15.47 17.68
CA ASN D 94 -29.78 -15.35 18.91
C ASN D 94 -28.28 -15.37 18.68
N ASP D 95 -27.87 -15.69 17.45
CA ASP D 95 -26.44 -15.72 17.11
C ASP D 95 -26.08 -14.36 16.54
N ILE D 96 -26.99 -13.82 15.73
CA ILE D 96 -26.78 -12.53 15.09
C ILE D 96 -26.93 -11.33 16.03
N TYR D 97 -27.97 -11.36 16.86
CA TYR D 97 -28.20 -10.25 17.79
C TYR D 97 -27.08 -10.08 18.80
N GLU D 98 -26.61 -11.18 19.39
CA GLU D 98 -25.55 -11.13 20.37
C GLU D 98 -24.21 -10.63 19.83
N LEU D 99 -24.21 -10.17 18.59
CA LEU D 99 -22.98 -9.65 18.02
C LEU D 99 -22.97 -8.14 18.15
N LEU D 100 -24.15 -7.53 18.29
CA LEU D 100 -24.21 -6.08 18.47
C LEU D 100 -23.70 -5.80 19.87
N LYS D 101 -23.61 -6.87 20.66
CA LYS D 101 -23.09 -6.81 22.01
C LYS D 101 -21.61 -6.59 21.74
N PHE D 102 -20.99 -7.59 21.12
CA PHE D 102 -19.59 -7.54 20.73
C PHE D 102 -19.39 -6.21 20.03
N ALA D 103 -20.14 -6.02 18.95
CA ALA D 103 -20.08 -4.80 18.17
C ALA D 103 -20.00 -3.57 19.06
N ASP D 104 -21.10 -3.27 19.74
CA ASP D 104 -21.12 -2.11 20.63
C ASP D 104 -20.13 -2.24 21.80
N ASP D 105 -19.71 -3.47 22.10
CA ASP D 105 -18.77 -3.71 23.19
C ASP D 105 -17.33 -3.65 22.73
N VAL D 106 -17.07 -2.77 21.76
CA VAL D 106 -15.75 -2.59 21.20
C VAL D 106 -15.41 -1.12 21.15
N LYS D 107 -14.29 -0.74 21.72
CA LYS D 107 -13.86 0.65 21.75
C LYS D 107 -12.44 0.83 21.21
N SER D 108 -11.79 -0.30 20.91
CA SER D 108 -10.43 -0.26 20.41
C SER D 108 -10.29 -1.03 19.12
N TYR D 109 -10.28 -0.29 18.02
CA TYR D 109 -10.16 -0.88 16.69
C TYR D 109 -8.73 -1.07 16.22
N LEU D 110 -8.53 -1.95 15.25
CA LEU D 110 -7.20 -2.22 14.70
C LEU D 110 -6.64 -0.96 14.09
N GLU D 111 -7.48 -0.25 13.35
CA GLU D 111 -7.06 0.97 12.69
C GLU D 111 -6.34 1.89 13.69
N ASP D 112 -6.78 1.87 14.94
CA ASP D 112 -6.18 2.69 15.97
C ASP D 112 -4.66 2.50 16.06
N LYS D 113 -4.21 1.26 16.13
CA LYS D 113 -2.79 0.96 16.21
C LYS D 113 -1.98 1.74 15.19
N GLY D 114 -2.54 1.92 14.00
CA GLY D 114 -1.85 2.68 12.97
C GLY D 114 -0.59 2.05 12.40
N ILE D 115 0.07 2.80 11.55
CA ILE D 115 1.29 2.36 10.89
C ILE D 115 2.40 3.28 11.40
N ARG D 116 3.52 2.70 11.78
CA ARG D 116 4.63 3.49 12.31
C ARG D 116 5.97 3.13 11.72
N ARG D 117 6.79 4.14 11.46
CA ARG D 117 8.14 3.91 10.93
C ARG D 117 9.17 4.08 12.03
N GLU D 118 9.39 3.01 12.79
CA GLU D 118 10.35 3.02 13.87
C GLU D 118 11.73 3.03 13.27
N SER D 119 12.59 3.93 13.73
CA SER D 119 13.96 3.98 13.26
C SER D 119 14.72 2.88 14.01
N THR D 120 15.91 2.56 13.52
CA THR D 120 16.76 1.55 14.14
C THR D 120 18.11 2.18 13.95
N ASN D 121 18.82 2.42 15.03
CA ASN D 121 20.12 3.05 14.96
C ASN D 121 21.01 2.42 13.88
N GLU D 122 20.48 1.39 13.20
CA GLU D 122 21.21 0.72 12.12
C GLU D 122 21.51 1.64 10.96
N GLU D 123 22.55 1.31 10.19
CA GLU D 123 22.92 2.12 9.04
C GLU D 123 23.48 1.34 7.86
N LEU D 124 22.81 1.42 6.70
CA LEU D 124 23.29 0.72 5.50
C LEU D 124 24.18 1.64 4.65
N TYR D 125 25.46 1.31 4.58
CA TYR D 125 26.46 2.08 3.86
C TYR D 125 26.17 3.57 3.74
N GLY D 126 25.96 4.22 4.88
CA GLY D 126 25.70 5.64 4.87
C GLY D 126 24.23 5.96 4.91
N PHE D 127 23.38 4.95 4.75
CA PHE D 127 21.94 5.16 4.74
C PHE D 127 21.23 4.73 6.00
N ASN D 128 20.50 5.66 6.58
CA ASN D 128 19.75 5.39 7.78
C ASN D 128 18.63 4.41 7.57
N ILE D 129 18.75 3.23 8.14
CA ILE D 129 17.71 2.24 8.03
C ILE D 129 16.66 2.36 9.14
N TYR D 130 15.40 2.20 8.73
CA TYR D 130 14.22 2.28 9.59
C TYR D 130 13.44 1.04 9.25
N GLU D 131 12.20 0.97 9.72
CA GLU D 131 11.33 -0.16 9.41
C GLU D 131 9.92 0.33 9.61
N ASP D 132 9.05 0.06 8.65
CA ASP D 132 7.69 0.47 8.80
C ASP D 132 6.98 -0.77 9.30
N VAL D 133 6.12 -0.58 10.29
CA VAL D 133 5.44 -1.68 10.88
C VAL D 133 3.95 -1.53 10.75
N TYR D 134 3.34 -2.54 10.11
CA TYR D 134 1.92 -2.58 9.86
C TYR D 134 1.26 -3.62 10.73
N PRO D 135 0.12 -3.27 11.34
CA PRO D 135 -0.61 -4.19 12.21
C PRO D 135 -1.58 -5.03 11.43
N VAL D 136 -1.66 -6.30 11.77
CA VAL D 136 -2.58 -7.23 11.11
C VAL D 136 -3.23 -8.03 12.22
N ALA D 137 -4.52 -8.31 12.07
CA ALA D 137 -5.26 -9.04 13.09
C ALA D 137 -6.00 -10.19 12.45
N LYS D 138 -5.38 -11.37 12.41
CA LYS D 138 -6.04 -12.52 11.82
C LYS D 138 -6.76 -13.36 12.85
N LYS D 139 -7.20 -14.54 12.41
CA LYS D 139 -7.91 -15.49 13.27
C LYS D 139 -8.13 -16.75 12.45
N GLU D 140 -7.73 -17.90 12.98
CA GLU D 140 -7.91 -19.14 12.26
C GLU D 140 -9.22 -19.79 12.65
N LEU D 141 -9.62 -20.81 11.91
CA LEU D 141 -10.85 -21.54 12.20
C LEU D 141 -10.52 -23.03 12.21
N PRO D 142 -11.45 -23.86 12.73
CA PRO D 142 -11.23 -25.30 12.77
C PRO D 142 -11.54 -25.81 11.37
N SER D 143 -12.44 -25.08 10.73
CA SER D 143 -12.91 -25.35 9.37
C SER D 143 -11.78 -25.18 8.35
N GLY D 144 -10.57 -24.95 8.84
CA GLY D 144 -9.41 -24.81 7.97
C GLY D 144 -9.14 -23.40 7.46
N GLU D 145 -10.12 -22.52 7.57
CA GLU D 145 -9.96 -21.17 7.06
C GLU D 145 -9.45 -20.09 8.04
N PHE D 146 -8.65 -19.16 7.50
CA PHE D 146 -8.08 -18.03 8.23
C PHE D 146 -8.94 -16.80 7.90
N ILE D 147 -8.70 -15.70 8.62
CA ILE D 147 -9.40 -14.44 8.41
C ILE D 147 -8.47 -13.33 8.87
N GLY D 148 -7.86 -12.64 7.92
CA GLY D 148 -6.93 -11.60 8.30
C GLY D 148 -7.48 -10.21 8.12
N ILE D 149 -6.84 -9.25 8.76
CA ILE D 149 -7.23 -7.85 8.68
C ILE D 149 -5.96 -7.03 8.61
N VAL D 150 -5.73 -6.36 7.49
CA VAL D 150 -4.53 -5.56 7.35
C VAL D 150 -4.85 -4.10 7.28
N LEU D 151 -3.83 -3.28 7.47
CA LEU D 151 -4.01 -1.83 7.46
C LEU D 151 -3.13 -1.18 6.41
N LYS D 152 -3.63 -0.15 5.75
CA LYS D 152 -2.81 0.52 4.75
C LYS D 152 -3.06 2.03 4.69
N HIS D 153 -2.13 2.73 4.05
CA HIS D 153 -2.27 4.17 3.89
C HIS D 153 -3.22 4.35 2.71
N LYS D 154 -3.94 5.47 2.67
CA LYS D 154 -4.87 5.72 1.57
C LYS D 154 -4.12 6.39 0.43
N GLN D 155 -3.97 5.69 -0.70
CA GLN D 155 -3.27 6.26 -1.83
C GLN D 155 -3.95 7.55 -2.27
N ARG D 156 -3.20 8.63 -2.27
CA ARG D 156 -3.75 9.94 -2.62
C ARG D 156 -4.95 10.12 -1.69
N ALA D 157 -4.68 10.72 -0.52
CA ALA D 157 -5.69 11.03 0.54
C ALA D 157 -5.13 10.62 1.93
N VAL D 158 -5.09 11.56 2.87
CA VAL D 158 -4.60 11.22 4.20
C VAL D 158 -5.63 10.32 4.88
N GLY D 159 -5.14 9.34 5.63
CA GLY D 159 -6.02 8.42 6.32
C GLY D 159 -5.61 6.95 6.21
N TYR D 160 -6.28 6.12 6.99
CA TYR D 160 -6.00 4.69 7.00
C TYR D 160 -7.03 3.90 6.22
N GLN D 161 -6.66 2.70 5.82
CA GLN D 161 -7.54 1.83 5.06
C GLN D 161 -7.50 0.41 5.60
N SER D 162 -8.58 0.00 6.24
CA SER D 162 -8.67 -1.33 6.78
C SER D 162 -9.18 -2.34 5.74
N MET D 163 -8.53 -3.49 5.58
CA MET D 163 -9.05 -4.51 4.63
C MET D 163 -9.14 -5.91 5.18
N VAL D 164 -10.30 -6.54 4.99
CA VAL D 164 -10.56 -7.92 5.45
C VAL D 164 -10.42 -8.95 4.34
N TYR D 165 -9.55 -9.93 4.57
CA TYR D 165 -9.37 -10.99 3.61
C TYR D 165 -9.99 -12.21 4.24
N VAL D 166 -9.87 -13.34 3.57
CA VAL D 166 -10.43 -14.59 4.06
C VAL D 166 -9.83 -15.65 3.17
N CYS D 167 -9.18 -16.62 3.78
CA CYS D 167 -8.57 -17.67 3.02
C CYS D 167 -9.29 -18.98 3.16
N ILE D 168 -9.56 -19.58 2.00
CA ILE D 168 -10.26 -20.85 1.92
C ILE D 168 -9.31 -21.93 1.44
N PRO D 169 -9.10 -22.95 2.28
CA PRO D 169 -8.21 -24.09 2.00
C PRO D 169 -8.76 -24.84 0.80
N LEU D 170 -7.88 -25.21 -0.12
CA LEU D 170 -8.30 -25.92 -1.33
C LEU D 170 -8.88 -27.30 -1.11
N THR D 171 -8.98 -27.72 0.14
CA THR D 171 -9.56 -29.02 0.43
C THR D 171 -10.88 -28.72 1.06
N ASN D 172 -11.55 -27.72 0.49
CA ASN D 172 -12.85 -27.30 0.98
C ASN D 172 -13.71 -26.89 -0.17
N VAL D 173 -13.13 -26.95 -1.37
CA VAL D 173 -13.92 -26.56 -2.57
C VAL D 173 -14.09 -27.70 -3.61
N GLU D 174 -15.29 -27.74 -4.22
CA GLU D 174 -15.63 -28.69 -5.25
C GLU D 174 -15.29 -28.14 -6.64
N PRO D 175 -14.54 -28.93 -7.45
CA PRO D 175 -14.10 -30.31 -7.21
C PRO D 175 -12.70 -30.29 -6.59
N SER D 176 -12.30 -31.42 -6.02
CA SER D 176 -10.97 -31.48 -5.44
C SER D 176 -9.98 -31.39 -6.59
N LEU D 177 -9.16 -30.34 -6.60
CA LEU D 177 -8.17 -30.19 -7.66
C LEU D 177 -6.88 -30.91 -7.33
N ALA D 178 -7.01 -32.05 -6.66
CA ALA D 178 -5.86 -32.86 -6.27
C ALA D 178 -5.15 -33.38 -7.52
N GLY D 179 -3.85 -33.10 -7.62
CA GLY D 179 -3.08 -33.55 -8.77
C GLY D 179 -3.75 -33.20 -10.08
N ARG D 180 -3.57 -31.96 -10.53
CA ARG D 180 -4.16 -31.50 -11.77
C ARG D 180 -3.93 -30.01 -11.95
N VAL D 181 -4.52 -29.46 -13.02
CA VAL D 181 -4.40 -28.04 -13.31
C VAL D 181 -5.81 -27.47 -13.42
N ALA D 182 -5.92 -26.15 -13.40
CA ALA D 182 -7.23 -25.52 -13.48
C ALA D 182 -7.63 -25.18 -14.92
N ARG D 183 -8.93 -24.97 -15.11
CA ARG D 183 -9.48 -24.62 -16.42
C ARG D 183 -9.39 -23.11 -16.67
N ARG D 184 -9.14 -22.74 -17.93
CA ARG D 184 -9.01 -21.35 -18.37
C ARG D 184 -9.97 -20.35 -17.72
N ASN D 185 -11.06 -20.87 -17.16
CA ASN D 185 -12.05 -20.03 -16.51
C ASN D 185 -12.71 -20.90 -15.43
N GLU D 186 -11.90 -21.66 -14.71
CA GLU D 186 -12.46 -22.52 -13.68
C GLU D 186 -13.10 -21.70 -12.58
N VAL D 187 -14.06 -22.33 -11.90
CA VAL D 187 -14.82 -21.70 -10.83
C VAL D 187 -15.32 -22.75 -9.85
N VAL D 188 -14.78 -22.72 -8.62
CA VAL D 188 -15.15 -23.70 -7.60
C VAL D 188 -16.37 -23.27 -6.78
N LYS D 189 -17.02 -24.26 -6.19
CA LYS D 189 -18.18 -24.00 -5.36
C LYS D 189 -17.72 -24.17 -3.93
N TYR D 190 -18.10 -23.20 -3.09
CA TYR D 190 -17.73 -23.22 -1.68
C TYR D 190 -18.96 -23.17 -0.80
N GLU D 191 -18.97 -23.98 0.24
CA GLU D 191 -20.08 -24.01 1.16
C GLU D 191 -19.69 -23.20 2.41
N VAL D 192 -19.99 -21.90 2.35
CA VAL D 192 -19.70 -20.96 3.43
C VAL D 192 -20.25 -21.39 4.78
N PRO D 193 -19.37 -21.82 5.70
CA PRO D 193 -19.79 -22.24 7.05
C PRO D 193 -20.58 -21.15 7.74
N VAL D 194 -20.95 -21.38 8.99
CA VAL D 194 -21.72 -20.39 9.72
C VAL D 194 -20.81 -19.41 10.43
N ASP D 195 -19.80 -19.93 11.10
CA ASP D 195 -18.83 -19.12 11.83
C ASP D 195 -18.24 -18.05 10.94
N LEU D 196 -17.42 -18.48 9.99
CA LEU D 196 -16.75 -17.59 9.06
C LEU D 196 -17.60 -16.38 8.71
N MET D 197 -18.92 -16.53 8.73
CA MET D 197 -19.78 -15.42 8.42
C MET D 197 -19.84 -14.47 9.59
N LYS D 198 -20.41 -14.96 10.70
CA LYS D 198 -20.52 -14.17 11.92
C LYS D 198 -19.16 -13.59 12.29
N GLU D 199 -18.10 -14.38 12.08
CA GLU D 199 -16.75 -13.92 12.38
C GLU D 199 -16.30 -12.88 11.35
N LEU D 200 -16.68 -13.07 10.08
CA LEU D 200 -16.30 -12.12 9.04
C LEU D 200 -16.87 -10.78 9.37
N LEU D 201 -17.90 -10.78 10.21
CA LEU D 201 -18.53 -9.55 10.65
C LEU D 201 -17.64 -8.94 11.73
N LYS D 202 -17.30 -9.75 12.74
CA LYS D 202 -16.44 -9.32 13.85
C LYS D 202 -15.29 -8.54 13.22
N ALA D 203 -14.47 -9.28 12.48
CA ALA D 203 -13.32 -8.71 11.80
C ALA D 203 -13.59 -7.29 11.34
N PHE D 204 -14.69 -7.08 10.63
CA PHE D 204 -14.99 -5.74 10.18
C PHE D 204 -15.18 -4.78 11.34
N ILE D 205 -16.02 -5.17 12.28
CA ILE D 205 -16.30 -4.35 13.43
C ILE D 205 -15.01 -3.82 14.08
N ILE D 206 -14.07 -4.73 14.36
CA ILE D 206 -12.78 -4.39 14.98
C ILE D 206 -11.76 -3.80 14.03
N ALA D 207 -12.21 -3.37 12.86
CA ALA D 207 -11.29 -2.82 11.87
C ALA D 207 -11.12 -1.33 12.06
N SER D 208 -12.25 -0.64 12.13
CA SER D 208 -12.28 0.79 12.32
C SER D 208 -13.64 1.25 12.82
N GLU D 209 -13.71 2.48 13.31
CA GLU D 209 -14.97 3.00 13.82
C GLU D 209 -15.94 3.11 12.65
N THR D 210 -15.42 3.50 11.50
CA THR D 210 -16.24 3.67 10.32
C THR D 210 -16.60 2.39 9.61
N HIS D 211 -16.50 1.27 10.31
CA HIS D 211 -16.86 -0.03 9.76
C HIS D 211 -17.91 -0.60 10.67
N LYS D 212 -17.65 -0.54 11.97
CA LYS D 212 -18.59 -1.02 12.96
C LYS D 212 -19.92 -0.32 12.72
N ASN D 213 -19.85 0.99 12.51
CA ASN D 213 -21.05 1.78 12.28
C ASN D 213 -21.72 1.32 10.99
N ASP D 214 -20.93 1.21 9.93
CA ASP D 214 -21.45 0.77 8.64
C ASP D 214 -22.03 -0.64 8.81
N ILE D 215 -21.26 -1.53 9.44
CA ILE D 215 -21.68 -2.91 9.65
C ILE D 215 -22.87 -3.05 10.59
N VAL D 216 -23.02 -2.12 11.52
CA VAL D 216 -24.15 -2.20 12.44
C VAL D 216 -25.35 -1.58 11.72
N LYS D 217 -25.11 -0.46 11.04
CA LYS D 217 -26.15 0.22 10.28
C LYS D 217 -26.81 -0.77 9.33
N PHE D 218 -26.05 -1.78 8.90
CA PHE D 218 -26.54 -2.82 8.01
C PHE D 218 -27.28 -3.89 8.81
N LEU D 219 -26.62 -4.41 9.84
CA LEU D 219 -27.23 -5.45 10.65
C LEU D 219 -28.66 -5.10 11.04
N ARG D 220 -28.94 -3.81 11.15
CA ARG D 220 -30.28 -3.37 11.51
C ARG D 220 -31.28 -4.20 10.69
N SER D 221 -32.08 -4.99 11.42
CA SER D 221 -33.10 -5.88 10.86
C SER D 221 -32.47 -7.13 10.24
N MET E 1 -18.12 17.16 -58.55
CA MET E 1 -19.06 16.16 -57.98
C MET E 1 -18.40 15.42 -56.80
N ILE E 2 -19.21 15.03 -55.83
CA ILE E 2 -18.66 14.34 -54.66
C ILE E 2 -18.90 12.85 -54.77
N HIS E 3 -17.90 12.06 -54.40
CA HIS E 3 -18.04 10.62 -54.45
C HIS E 3 -17.72 9.94 -53.13
N LEU E 4 -18.50 8.92 -52.77
CA LEU E 4 -18.26 8.18 -51.53
C LEU E 4 -16.88 7.58 -51.68
N THR E 5 -15.92 8.11 -50.93
CA THR E 5 -14.55 7.67 -50.99
C THR E 5 -14.23 6.86 -49.71
N SER E 6 -13.09 6.18 -49.72
CA SER E 6 -12.68 5.37 -48.57
C SER E 6 -11.17 5.29 -48.42
N VAL E 7 -10.66 5.92 -47.37
CA VAL E 7 -9.23 5.94 -47.11
C VAL E 7 -8.63 4.55 -46.97
N GLU E 8 -7.71 4.24 -47.89
CA GLU E 8 -7.05 2.94 -47.93
C GLU E 8 -5.58 3.12 -48.22
N ALA E 9 -4.78 2.14 -47.86
CA ALA E 9 -3.35 2.23 -48.11
C ALA E 9 -3.13 1.40 -49.35
N SER E 10 -2.13 1.77 -50.15
CA SER E 10 -1.83 1.07 -51.37
C SER E 10 -0.57 0.25 -51.29
N VAL E 11 -0.72 -1.05 -51.11
CA VAL E 11 0.42 -1.95 -51.04
C VAL E 11 0.75 -2.27 -52.49
N SER E 12 2.03 -2.26 -52.83
CA SER E 12 2.40 -2.52 -54.21
C SER E 12 3.87 -2.81 -54.41
N PHE E 13 4.19 -4.05 -54.74
CA PHE E 13 5.57 -4.49 -54.99
C PHE E 13 6.10 -3.68 -56.18
N GLU E 14 7.28 -3.10 -56.03
CA GLU E 14 7.84 -2.31 -57.11
C GLU E 14 9.30 -2.02 -56.92
N ASN E 15 10.11 -2.53 -57.83
CA ASN E 15 11.55 -2.32 -57.79
C ASN E 15 12.17 -2.90 -56.51
N GLY E 16 12.20 -4.23 -56.45
CA GLY E 16 12.76 -4.94 -55.32
C GLY E 16 12.37 -4.36 -53.97
N LYS E 17 11.10 -4.02 -53.84
CA LYS E 17 10.61 -3.45 -52.59
C LYS E 17 9.10 -3.56 -52.47
N ILE E 18 8.62 -3.69 -51.24
CA ILE E 18 7.19 -3.73 -50.99
C ILE E 18 6.90 -2.33 -50.51
N VAL E 19 6.04 -1.63 -51.24
CA VAL E 19 5.71 -0.26 -50.88
C VAL E 19 4.26 -0.07 -50.45
N VAL E 20 3.97 1.12 -49.96
CA VAL E 20 2.63 1.48 -49.52
C VAL E 20 2.50 2.96 -49.58
N ARG E 21 1.41 3.41 -50.21
CA ARG E 21 1.13 4.81 -50.31
C ARG E 21 -0.02 4.98 -49.34
N LEU E 22 -0.03 6.08 -48.60
CA LEU E 22 -1.10 6.32 -47.64
C LEU E 22 -1.38 7.80 -47.61
N PRO E 23 -2.59 8.18 -47.18
CA PRO E 23 -3.14 9.54 -47.04
C PRO E 23 -2.37 10.62 -46.33
N ILE E 24 -2.77 10.90 -45.09
CA ILE E 24 -2.21 11.96 -44.23
C ILE E 24 -3.09 13.18 -44.46
N THR E 25 -3.54 13.31 -45.70
CA THR E 25 -4.41 14.39 -46.14
C THR E 25 -5.68 14.41 -45.29
N ARG E 26 -6.41 13.30 -45.27
CA ARG E 26 -7.64 13.23 -44.52
C ARG E 26 -7.52 12.47 -43.21
N PRO E 27 -7.44 13.21 -42.08
CA PRO E 27 -7.34 12.64 -40.72
C PRO E 27 -8.46 11.62 -40.52
N THR E 28 -8.35 10.52 -41.25
CA THR E 28 -9.33 9.44 -41.24
C THR E 28 -9.76 8.96 -39.88
N SER E 29 -9.10 7.91 -39.46
CA SER E 29 -9.33 7.23 -38.19
C SER E 29 -8.41 6.05 -38.31
N LYS E 30 -8.50 5.39 -39.47
CA LYS E 30 -7.67 4.25 -39.77
C LYS E 30 -6.26 4.73 -40.08
N ILE E 31 -6.13 5.98 -40.54
CA ILE E 31 -4.82 6.52 -40.87
C ILE E 31 -4.64 7.99 -40.52
N ARG E 32 -3.90 8.28 -39.46
CA ARG E 32 -3.71 9.67 -39.01
C ARG E 32 -2.28 10.13 -38.91
N VAL E 33 -2.11 11.38 -38.54
CA VAL E 33 -0.79 11.95 -38.36
C VAL E 33 -0.75 12.59 -36.97
N LYS E 34 0.23 12.16 -36.17
CA LYS E 34 0.39 12.65 -34.81
C LYS E 34 1.80 13.16 -34.55
N LYS E 35 2.04 13.59 -33.31
CA LYS E 35 3.33 14.09 -32.89
C LYS E 35 3.57 13.64 -31.46
N ILE E 36 4.81 13.23 -31.16
CA ILE E 36 5.14 12.80 -29.81
C ILE E 36 5.59 13.99 -28.97
N GLU E 37 4.91 14.18 -27.84
CA GLU E 37 5.20 15.27 -26.91
C GLU E 37 6.05 14.81 -25.72
N ASN E 38 5.41 14.13 -24.78
CA ASN E 38 6.08 13.60 -23.58
C ASN E 38 5.52 12.22 -23.20
N GLY E 39 5.95 11.18 -23.91
CA GLY E 39 5.50 9.83 -23.62
C GLY E 39 4.48 9.24 -24.59
N VAL E 40 3.89 10.09 -25.42
CA VAL E 40 2.89 9.64 -26.40
C VAL E 40 2.78 10.57 -27.60
N GLY E 41 1.88 10.22 -28.52
CA GLY E 41 1.66 11.02 -29.71
C GLY E 41 0.32 11.75 -29.62
N ILE E 42 0.30 13.01 -30.05
CA ILE E 42 -0.92 13.80 -30.03
C ILE E 42 -1.35 14.12 -31.45
N PRO E 43 -2.66 14.30 -31.68
CA PRO E 43 -3.22 14.60 -33.00
C PRO E 43 -2.50 15.76 -33.70
N VAL E 44 -2.53 15.76 -35.02
CA VAL E 44 -1.89 16.80 -35.81
C VAL E 44 -2.69 17.17 -37.05
N SER E 45 -3.18 18.40 -37.09
CA SER E 45 -3.96 18.92 -38.21
C SER E 45 -3.03 19.45 -39.31
N THR E 46 -2.66 18.57 -40.23
CA THR E 46 -1.75 18.85 -41.35
C THR E 46 -2.10 20.04 -42.25
N ARG E 47 -3.39 20.34 -42.42
CA ARG E 47 -3.77 21.47 -43.26
C ARG E 47 -4.24 22.63 -42.38
N LYS E 48 -3.27 23.18 -41.66
CA LYS E 48 -3.49 24.32 -40.77
C LYS E 48 -2.23 24.50 -39.93
N LYS E 49 -1.31 23.55 -40.06
CA LYS E 49 -0.04 23.59 -39.33
C LYS E 49 1.08 22.89 -40.09
N SER E 50 1.87 23.68 -40.81
CA SER E 50 2.97 23.18 -41.61
C SER E 50 4.01 22.45 -40.78
N PHE E 51 4.52 21.37 -41.34
CA PHE E 51 5.51 20.56 -40.66
C PHE E 51 6.86 21.25 -40.63
N PRO E 52 7.43 21.40 -39.42
CA PRO E 52 8.72 22.02 -39.15
C PRO E 52 9.86 21.16 -39.69
N SER E 53 10.96 21.80 -40.12
CA SER E 53 12.10 21.06 -40.68
C SER E 53 12.57 19.89 -39.80
N ASP E 54 13.23 18.92 -40.43
CA ASP E 54 13.70 17.74 -39.72
C ASP E 54 14.61 18.12 -38.56
N GLU E 55 14.33 17.47 -37.43
CA GLU E 55 15.01 17.65 -36.15
C GLU E 55 13.88 17.36 -35.18
N ASN E 56 12.81 18.13 -35.31
CA ASN E 56 11.61 17.96 -34.49
C ASN E 56 10.53 17.41 -35.42
N LEU E 57 10.92 17.20 -36.68
CA LEU E 57 10.04 16.64 -37.68
C LEU E 57 9.88 15.15 -37.45
N ARG E 58 10.98 14.51 -37.10
CA ARG E 58 10.99 13.05 -36.85
C ARG E 58 10.34 12.77 -35.48
N ASP E 59 9.32 13.55 -35.21
CA ASP E 59 8.50 13.49 -34.02
C ASP E 59 7.10 13.41 -34.58
N TYR E 60 7.05 13.45 -35.91
CA TYR E 60 5.81 13.35 -36.67
C TYR E 60 5.83 12.00 -37.38
N TYR E 61 4.71 11.30 -37.34
CA TYR E 61 4.61 10.02 -37.98
C TYR E 61 3.14 9.74 -38.23
N ILE E 62 2.84 8.77 -39.09
CA ILE E 62 1.46 8.46 -39.36
C ILE E 62 1.02 7.17 -38.68
N GLU E 63 -0.06 7.27 -37.92
CA GLU E 63 -0.61 6.13 -37.21
C GLU E 63 -1.60 5.43 -38.10
N TRP E 64 -1.40 4.14 -38.32
CA TRP E 64 -2.27 3.38 -39.17
C TRP E 64 -2.71 2.08 -38.49
N GLN E 65 -4.03 1.93 -38.33
CA GLN E 65 -4.62 0.74 -37.71
C GLN E 65 -4.58 -0.34 -38.77
N ILE E 66 -3.40 -0.89 -38.98
CA ILE E 66 -3.19 -1.94 -39.97
C ILE E 66 -4.02 -3.17 -39.62
N SER E 67 -4.28 -4.00 -40.62
CA SER E 67 -5.05 -5.22 -40.46
C SER E 67 -4.43 -6.26 -41.37
N TYR E 68 -4.99 -7.47 -41.38
CA TYR E 68 -4.46 -8.53 -42.23
C TYR E 68 -5.55 -9.16 -43.08
N ALA E 69 -6.77 -8.65 -42.97
CA ALA E 69 -7.89 -9.20 -43.75
C ALA E 69 -9.17 -8.37 -43.80
N ARG E 70 -9.64 -8.14 -45.02
CA ARG E 70 -10.88 -7.40 -45.23
C ARG E 70 -11.93 -8.34 -45.79
N ASP E 71 -13.13 -8.26 -45.23
CA ASP E 71 -14.24 -9.08 -45.70
C ASP E 71 -13.97 -10.57 -45.73
N GLY E 72 -12.99 -11.02 -44.96
CA GLY E 72 -12.71 -12.44 -44.94
C GLY E 72 -11.65 -12.85 -45.95
N LYS E 73 -11.09 -11.89 -46.65
CA LYS E 73 -10.08 -12.21 -47.61
C LYS E 73 -8.73 -11.74 -47.13
N TYR E 74 -7.74 -12.62 -47.20
CA TYR E 74 -6.41 -12.29 -46.75
C TYR E 74 -5.47 -11.77 -47.82
N ASP E 75 -5.80 -10.60 -48.36
CA ASP E 75 -4.93 -9.95 -49.35
C ASP E 75 -5.06 -8.45 -49.15
N TYR E 76 -5.31 -8.09 -47.91
CA TYR E 76 -5.49 -6.71 -47.48
C TYR E 76 -4.36 -6.28 -46.51
N GLU E 77 -3.83 -5.08 -46.72
CA GLU E 77 -2.77 -4.53 -45.89
C GLU E 77 -1.62 -5.51 -45.62
N LEU E 78 -1.48 -5.96 -44.37
CA LEU E 78 -0.39 -6.86 -43.97
C LEU E 78 -0.28 -8.14 -44.81
N SER E 79 -1.37 -8.89 -44.96
CA SER E 79 -1.34 -10.12 -45.74
C SER E 79 -0.83 -9.85 -47.14
N ARG E 80 -1.44 -8.88 -47.80
CA ARG E 80 -1.04 -8.49 -49.14
C ARG E 80 0.43 -8.07 -49.20
N MET E 81 0.96 -7.63 -48.06
CA MET E 81 2.37 -7.23 -47.99
C MET E 81 3.21 -8.50 -47.91
N VAL E 82 2.73 -9.46 -47.13
CA VAL E 82 3.43 -10.72 -46.96
C VAL E 82 3.43 -11.47 -48.27
N ARG E 83 2.28 -11.49 -48.92
CA ARG E 83 2.14 -12.16 -50.22
C ARG E 83 3.14 -11.59 -51.22
N LEU E 84 3.02 -10.30 -51.48
CA LEU E 84 3.91 -9.64 -52.42
C LEU E 84 5.37 -9.66 -52.02
N ALA E 85 5.66 -10.22 -50.86
CA ALA E 85 7.03 -10.29 -50.39
C ALA E 85 7.61 -11.71 -50.49
N HIS E 86 6.76 -12.70 -50.27
CA HIS E 86 7.20 -14.10 -50.35
C HIS E 86 7.39 -14.51 -51.82
N GLU E 87 6.46 -14.08 -52.66
CA GLU E 87 6.48 -14.38 -54.09
C GLU E 87 7.69 -13.73 -54.78
N HIS E 88 8.44 -12.94 -54.03
CA HIS E 88 9.61 -12.26 -54.58
C HIS E 88 10.85 -12.47 -53.75
N GLY E 89 10.80 -13.47 -52.86
CA GLY E 89 11.95 -13.77 -52.04
C GLY E 89 12.50 -12.68 -51.15
N ILE E 90 11.69 -11.66 -50.85
CA ILE E 90 12.18 -10.61 -49.96
C ILE E 90 11.81 -11.04 -48.56
N LEU E 91 10.76 -11.84 -48.46
CA LEU E 91 10.36 -12.36 -47.18
C LEU E 91 10.56 -13.87 -47.30
N THR E 92 11.83 -14.28 -47.37
CA THR E 92 12.20 -15.69 -47.52
C THR E 92 11.48 -16.73 -46.66
N TYR E 93 11.51 -17.96 -47.17
CA TYR E 93 10.90 -19.13 -46.53
C TYR E 93 11.32 -19.26 -45.08
N ASN E 94 12.62 -19.15 -44.85
CA ASN E 94 13.17 -19.24 -43.52
C ASN E 94 12.43 -18.23 -42.67
N ASP E 95 12.36 -17.00 -43.17
CA ASP E 95 11.67 -15.96 -42.44
C ASP E 95 10.35 -16.51 -41.94
N ILE E 96 9.42 -16.81 -42.84
CA ILE E 96 8.11 -17.33 -42.44
C ILE E 96 8.27 -18.50 -41.46
N TYR E 97 9.33 -19.27 -41.68
CA TYR E 97 9.63 -20.46 -40.87
C TYR E 97 9.85 -20.11 -39.42
N GLU E 98 10.88 -19.31 -39.15
CA GLU E 98 11.20 -18.87 -37.80
C GLU E 98 9.96 -18.25 -37.19
N LEU E 99 9.24 -17.46 -38.00
CA LEU E 99 8.04 -16.80 -37.52
C LEU E 99 6.92 -17.77 -37.16
N LEU E 100 7.16 -19.05 -37.37
CA LEU E 100 6.19 -20.08 -37.07
C LEU E 100 6.46 -20.70 -35.70
N LYS E 101 7.73 -20.98 -35.43
CA LYS E 101 8.11 -21.55 -34.12
C LYS E 101 7.59 -20.56 -33.09
N PHE E 102 8.03 -19.31 -33.25
CA PHE E 102 7.63 -18.23 -32.35
C PHE E 102 6.15 -18.37 -32.02
N ALA E 103 5.35 -18.63 -33.05
CA ALA E 103 3.92 -18.78 -32.89
C ALA E 103 3.55 -19.87 -31.87
N ASP E 104 4.31 -20.98 -31.89
CA ASP E 104 4.07 -22.10 -30.99
C ASP E 104 4.28 -21.73 -29.53
N ASP E 105 5.35 -20.97 -29.28
CA ASP E 105 5.65 -20.54 -27.93
C ASP E 105 4.48 -19.75 -27.38
N VAL E 106 4.21 -18.58 -27.97
CA VAL E 106 3.13 -17.70 -27.54
C VAL E 106 1.94 -18.40 -26.86
N LYS E 107 2.08 -18.60 -25.54
CA LYS E 107 1.06 -19.27 -24.75
C LYS E 107 0.04 -18.30 -24.20
N SER E 108 0.50 -17.09 -23.88
CA SER E 108 -0.39 -16.07 -23.35
C SER E 108 -0.49 -14.91 -24.34
N TYR E 109 -1.63 -14.24 -24.31
CA TYR E 109 -1.87 -13.13 -25.22
C TYR E 109 -2.30 -11.85 -24.50
N LEU E 110 -1.96 -10.71 -25.09
CA LEU E 110 -2.33 -9.42 -24.52
C LEU E 110 -3.82 -9.38 -24.19
N GLU E 111 -4.60 -10.11 -24.98
CA GLU E 111 -6.04 -10.17 -24.80
C GLU E 111 -6.37 -10.86 -23.48
N ASP E 112 -5.40 -11.62 -22.95
CA ASP E 112 -5.55 -12.36 -21.69
C ASP E 112 -5.62 -11.43 -20.49
N LYS E 113 -4.62 -10.56 -20.39
CA LYS E 113 -4.56 -9.61 -19.30
C LYS E 113 -5.91 -8.93 -19.16
N GLY E 114 -6.68 -8.90 -20.24
CA GLY E 114 -8.00 -8.30 -20.23
C GLY E 114 -8.07 -6.82 -19.86
N ILE E 115 -9.29 -6.31 -19.81
CA ILE E 115 -9.50 -4.91 -19.43
C ILE E 115 -10.03 -4.95 -18.02
N ARG E 116 -9.45 -4.13 -17.15
CA ARG E 116 -9.86 -4.11 -15.75
C ARG E 116 -10.25 -2.73 -15.21
N ARG E 117 -11.23 -2.76 -14.31
CA ARG E 117 -11.75 -1.57 -13.63
C ARG E 117 -11.26 -1.63 -12.20
N GLU E 118 -10.56 -0.58 -11.77
CA GLU E 118 -10.01 -0.54 -10.43
C GLU E 118 -10.77 0.38 -9.49
N SER E 119 -10.74 0.05 -8.20
CA SER E 119 -11.38 0.83 -7.15
C SER E 119 -10.32 1.82 -6.70
N THR E 120 -10.71 2.97 -6.16
CA THR E 120 -9.72 3.97 -5.77
C THR E 120 -9.83 4.62 -4.39
N ASN E 121 -10.83 4.26 -3.60
CA ASN E 121 -10.95 4.88 -2.28
C ASN E 121 -11.07 6.39 -2.48
N GLU E 122 -11.12 6.80 -3.74
CA GLU E 122 -11.21 8.21 -4.09
C GLU E 122 -12.65 8.75 -4.07
N GLU E 123 -12.77 10.07 -4.22
CA GLU E 123 -14.08 10.70 -4.24
C GLU E 123 -13.97 12.09 -4.84
N LEU E 124 -14.89 12.43 -5.73
CA LEU E 124 -14.92 13.76 -6.33
C LEU E 124 -16.25 14.37 -5.89
N TYR E 125 -16.18 15.41 -5.07
CA TYR E 125 -17.35 16.10 -4.52
C TYR E 125 -18.65 15.31 -4.43
N GLY E 126 -18.55 14.03 -4.09
CA GLY E 126 -19.74 13.21 -3.95
C GLY E 126 -19.75 11.96 -4.78
N PHE E 127 -18.91 11.92 -5.81
CA PHE E 127 -18.85 10.76 -6.69
C PHE E 127 -17.69 9.85 -6.34
N ASN E 128 -17.99 8.56 -6.27
CA ASN E 128 -16.96 7.61 -5.94
C ASN E 128 -16.22 7.16 -7.20
N ILE E 129 -15.17 7.90 -7.54
CA ILE E 129 -14.32 7.64 -8.68
C ILE E 129 -13.79 6.19 -8.80
N TYR E 130 -13.43 5.79 -10.02
CA TYR E 130 -12.83 4.47 -10.32
C TYR E 130 -11.77 4.69 -11.39
N GLU E 131 -11.29 3.59 -11.97
CA GLU E 131 -10.28 3.68 -13.02
C GLU E 131 -10.35 2.53 -14.03
N ASP E 132 -10.32 2.90 -15.32
CA ASP E 132 -10.35 1.94 -16.44
C ASP E 132 -8.91 1.64 -16.87
N VAL E 133 -8.53 0.37 -16.80
CA VAL E 133 -7.17 0.00 -17.16
C VAL E 133 -7.09 -0.93 -18.37
N TYR E 134 -6.32 -0.48 -19.37
CA TYR E 134 -6.18 -1.24 -20.60
C TYR E 134 -4.73 -1.58 -20.92
N PRO E 135 -4.47 -2.85 -21.26
CA PRO E 135 -3.16 -3.39 -21.61
C PRO E 135 -2.69 -2.96 -22.99
N VAL E 136 -1.43 -2.58 -23.11
CA VAL E 136 -0.94 -2.19 -24.40
C VAL E 136 0.51 -2.59 -24.60
N ALA E 137 0.80 -3.42 -25.60
CA ALA E 137 2.16 -3.84 -25.87
C ALA E 137 2.78 -2.89 -26.87
N LYS E 138 3.91 -2.31 -26.54
CA LYS E 138 4.60 -1.40 -27.46
C LYS E 138 5.81 -2.14 -28.00
N LYS E 139 6.47 -1.55 -28.98
CA LYS E 139 7.64 -2.14 -29.59
C LYS E 139 8.13 -1.17 -30.66
N GLU E 140 9.41 -0.84 -30.61
CA GLU E 140 10.01 0.11 -31.53
C GLU E 140 11.16 -0.52 -32.30
N LEU E 141 11.50 0.04 -33.45
CA LEU E 141 12.58 -0.50 -34.28
C LEU E 141 13.73 0.47 -34.46
N PRO E 142 14.84 -0.03 -35.00
CA PRO E 142 16.01 0.82 -35.23
C PRO E 142 15.67 1.96 -36.16
N SER E 143 14.88 1.62 -37.18
CA SER E 143 14.47 2.59 -38.22
C SER E 143 13.56 3.72 -37.78
N GLY E 144 12.88 3.57 -36.64
CA GLY E 144 12.03 4.66 -36.19
C GLY E 144 10.56 4.34 -36.04
N GLU E 145 10.05 3.51 -36.95
CA GLU E 145 8.65 3.14 -36.87
C GLU E 145 8.43 2.28 -35.64
N PHE E 146 7.17 2.09 -35.25
CA PHE E 146 6.89 1.30 -34.07
C PHE E 146 5.50 0.69 -34.04
N ILE E 147 5.46 -0.63 -33.82
CA ILE E 147 4.20 -1.32 -33.77
C ILE E 147 3.62 -1.11 -32.38
N GLY E 148 2.30 -1.03 -32.31
CA GLY E 148 1.62 -0.88 -31.05
C GLY E 148 0.45 -1.84 -31.08
N ILE E 149 0.10 -2.44 -29.95
CA ILE E 149 -1.02 -3.36 -29.90
C ILE E 149 -1.84 -2.86 -28.73
N VAL E 150 -3.14 -2.61 -28.93
CA VAL E 150 -3.97 -2.13 -27.85
C VAL E 150 -5.29 -2.84 -27.84
N LEU E 151 -6.05 -2.63 -26.78
CA LEU E 151 -7.36 -3.24 -26.64
C LEU E 151 -8.46 -2.22 -26.43
N LYS E 152 -9.69 -2.65 -26.70
CA LYS E 152 -10.89 -1.83 -26.54
C LYS E 152 -12.12 -2.71 -26.69
N HIS E 153 -13.04 -2.61 -25.72
CA HIS E 153 -14.28 -3.38 -25.74
C HIS E 153 -14.93 -3.41 -27.12
N LYS E 154 -15.85 -4.36 -27.33
CA LYS E 154 -16.53 -4.45 -28.61
C LYS E 154 -17.83 -3.64 -28.55
N GLN E 155 -18.00 -2.74 -29.52
CA GLN E 155 -19.19 -1.89 -29.59
C GLN E 155 -20.43 -2.75 -29.45
N ARG E 156 -20.87 -3.29 -30.58
CA ARG E 156 -22.03 -4.16 -30.60
C ARG E 156 -21.61 -5.52 -30.05
N ALA E 157 -22.45 -6.12 -29.21
CA ALA E 157 -22.13 -7.44 -28.61
C ALA E 157 -20.95 -7.36 -27.61
N VAL E 158 -21.12 -8.02 -26.46
CA VAL E 158 -20.09 -8.03 -25.42
C VAL E 158 -18.80 -8.63 -25.95
N GLY E 159 -17.67 -8.11 -25.49
CA GLY E 159 -16.39 -8.63 -25.94
C GLY E 159 -15.21 -7.68 -25.95
N TYR E 160 -14.05 -8.25 -26.28
CA TYR E 160 -12.77 -7.53 -26.37
C TYR E 160 -12.33 -7.38 -27.82
N GLN E 161 -11.87 -6.19 -28.19
CA GLN E 161 -11.42 -5.92 -29.57
C GLN E 161 -9.91 -5.67 -29.59
N SER E 162 -9.15 -6.62 -30.14
CA SER E 162 -7.70 -6.50 -30.21
C SER E 162 -7.23 -5.78 -31.50
N MET E 163 -6.60 -4.62 -31.37
CA MET E 163 -6.17 -3.85 -32.53
C MET E 163 -4.70 -3.47 -32.60
N VAL E 164 -4.12 -3.59 -33.79
CA VAL E 164 -2.71 -3.27 -33.99
C VAL E 164 -2.51 -2.00 -34.79
N TYR E 165 -1.49 -1.24 -34.41
CA TYR E 165 -1.14 0.02 -35.05
C TYR E 165 0.34 -0.02 -35.42
N VAL E 166 0.74 0.79 -36.39
CA VAL E 166 2.12 0.83 -36.83
C VAL E 166 2.38 2.27 -37.17
N CYS E 167 3.42 2.84 -36.57
CA CYS E 167 3.72 4.24 -36.76
C CYS E 167 4.98 4.49 -37.55
N ILE E 168 4.88 5.37 -38.55
CA ILE E 168 6.01 5.66 -39.42
C ILE E 168 6.43 7.12 -39.46
N PRO E 169 7.68 7.40 -39.06
CA PRO E 169 8.24 8.75 -39.06
C PRO E 169 8.11 9.37 -40.44
N LEU E 170 7.54 10.56 -40.50
CA LEU E 170 7.37 11.25 -41.77
C LEU E 170 8.70 11.41 -42.49
N THR E 171 9.80 11.15 -41.78
CA THR E 171 11.14 11.24 -42.37
C THR E 171 11.44 9.93 -43.07
N ASN E 172 10.66 8.91 -42.70
CA ASN E 172 10.81 7.59 -43.28
C ASN E 172 9.90 7.41 -44.50
N VAL E 173 9.23 8.49 -44.91
CA VAL E 173 8.35 8.45 -46.08
C VAL E 173 8.69 9.57 -47.07
N GLU E 174 8.03 9.55 -48.22
CA GLU E 174 8.24 10.59 -49.22
C GLU E 174 6.90 11.07 -49.76
N PRO E 175 6.82 12.36 -50.18
CA PRO E 175 7.94 13.30 -50.23
C PRO E 175 8.20 13.86 -48.82
N SER E 176 9.15 14.78 -48.71
CA SER E 176 9.46 15.40 -47.43
C SER E 176 8.52 16.56 -47.15
N LEU E 177 8.04 16.66 -45.92
CA LEU E 177 7.14 17.73 -45.51
C LEU E 177 7.84 18.74 -44.61
N ALA E 178 9.14 18.89 -44.82
CA ALA E 178 9.93 19.82 -44.02
C ALA E 178 9.58 21.27 -44.36
N GLY E 179 9.08 21.99 -43.36
CA GLY E 179 8.70 23.39 -43.57
C GLY E 179 7.67 23.56 -44.67
N ARG E 180 6.74 22.61 -44.75
CA ARG E 180 5.72 22.63 -45.77
C ARG E 180 4.44 22.05 -45.21
N VAL E 181 3.32 22.44 -45.80
CA VAL E 181 2.03 21.94 -45.36
C VAL E 181 1.61 20.85 -46.35
N ALA E 182 0.88 19.86 -45.85
CA ALA E 182 0.44 18.73 -46.66
C ALA E 182 -0.37 19.18 -47.86
N ARG E 183 0.28 19.25 -49.01
CA ARG E 183 -0.40 19.66 -50.23
C ARG E 183 -1.78 19.00 -50.33
N ARG E 184 -2.71 19.71 -50.94
CA ARG E 184 -4.08 19.25 -51.17
C ARG E 184 -4.35 17.86 -50.56
N ASN E 185 -4.66 16.87 -51.39
CA ASN E 185 -4.91 15.51 -50.90
C ASN E 185 -3.65 14.67 -50.98
N GLU E 186 -2.58 15.15 -50.35
CA GLU E 186 -1.30 14.45 -50.36
C GLU E 186 -1.36 12.99 -49.99
N VAL E 187 -0.37 12.26 -50.50
CA VAL E 187 -0.19 10.84 -50.26
C VAL E 187 1.32 10.63 -50.20
N VAL E 188 1.77 9.82 -49.25
CA VAL E 188 3.20 9.56 -49.12
C VAL E 188 3.50 8.11 -49.44
N LYS E 189 4.74 7.88 -49.90
CA LYS E 189 5.22 6.56 -50.28
C LYS E 189 6.18 6.04 -49.19
N TYR E 190 5.96 4.81 -48.75
CA TYR E 190 6.79 4.21 -47.71
C TYR E 190 7.31 2.83 -48.08
N GLU E 191 8.62 2.71 -48.26
CA GLU E 191 9.21 1.42 -48.61
C GLU E 191 9.28 0.59 -47.32
N VAL E 192 8.44 -0.43 -47.25
CA VAL E 192 8.35 -1.31 -46.10
C VAL E 192 9.52 -2.25 -45.88
N PRO E 193 10.20 -2.16 -44.73
CA PRO E 193 11.33 -3.04 -44.44
C PRO E 193 10.83 -4.42 -43.98
N VAL E 194 11.60 -5.47 -44.26
CA VAL E 194 11.21 -6.83 -43.90
C VAL E 194 11.03 -7.01 -42.40
N ASP E 195 11.91 -6.40 -41.61
CA ASP E 195 11.80 -6.52 -40.16
C ASP E 195 10.43 -6.02 -39.72
N LEU E 196 9.97 -4.93 -40.33
CA LEU E 196 8.68 -4.39 -39.97
C LEU E 196 7.60 -5.46 -40.11
N MET E 197 7.54 -6.08 -41.29
CA MET E 197 6.58 -7.13 -41.58
C MET E 197 6.60 -8.22 -40.51
N LYS E 198 7.81 -8.73 -40.24
CA LYS E 198 7.99 -9.76 -39.24
C LYS E 198 7.35 -9.30 -37.94
N GLU E 199 7.74 -8.10 -37.52
CA GLU E 199 7.21 -7.50 -36.31
C GLU E 199 5.68 -7.37 -36.34
N LEU E 200 5.14 -6.69 -37.36
CA LEU E 200 3.68 -6.53 -37.49
C LEU E 200 2.95 -7.86 -37.44
N LEU E 201 3.64 -8.91 -37.90
CA LEU E 201 3.08 -10.25 -37.87
C LEU E 201 3.10 -10.74 -36.43
N LYS E 202 4.28 -10.72 -35.83
CA LYS E 202 4.40 -11.20 -34.46
C LYS E 202 3.39 -10.48 -33.59
N ALA E 203 3.26 -9.18 -33.80
CA ALA E 203 2.35 -8.37 -33.01
C ALA E 203 0.97 -9.00 -32.96
N PHE E 204 0.50 -9.45 -34.12
CA PHE E 204 -0.82 -10.09 -34.20
C PHE E 204 -0.82 -11.46 -33.54
N ILE E 205 0.34 -12.11 -33.51
CA ILE E 205 0.49 -13.42 -32.88
C ILE E 205 0.30 -13.38 -31.36
N ILE E 206 0.97 -12.44 -30.69
CA ILE E 206 0.85 -12.31 -29.24
C ILE E 206 -0.42 -11.55 -28.86
N ALA E 207 -0.93 -10.76 -29.80
CA ALA E 207 -2.13 -9.99 -29.59
C ALA E 207 -3.30 -10.83 -29.08
N SER E 208 -3.40 -12.07 -29.57
CA SER E 208 -4.50 -12.96 -29.20
C SER E 208 -4.31 -14.35 -29.74
N GLU E 209 -5.22 -15.25 -29.37
CA GLU E 209 -5.14 -16.62 -29.85
C GLU E 209 -5.80 -16.72 -31.22
N THR E 210 -6.89 -15.96 -31.42
CA THR E 210 -7.59 -15.96 -32.69
C THR E 210 -6.66 -15.36 -33.72
N HIS E 211 -6.28 -14.10 -33.51
CA HIS E 211 -5.38 -13.43 -34.44
C HIS E 211 -4.22 -14.32 -34.81
N LYS E 212 -3.77 -15.14 -33.86
CA LYS E 212 -2.65 -16.04 -34.12
C LYS E 212 -3.13 -17.07 -35.09
N ASN E 213 -4.17 -17.80 -34.71
CA ASN E 213 -4.72 -18.82 -35.60
C ASN E 213 -4.83 -18.19 -36.99
N ASP E 214 -5.62 -17.14 -37.10
CA ASP E 214 -5.81 -16.45 -38.36
C ASP E 214 -4.47 -16.27 -39.07
N ILE E 215 -3.43 -15.87 -38.34
CA ILE E 215 -2.10 -15.65 -38.93
C ILE E 215 -1.31 -16.94 -39.17
N VAL E 216 -1.83 -18.04 -38.64
CA VAL E 216 -1.16 -19.32 -38.84
C VAL E 216 -1.73 -19.94 -40.10
N LYS E 217 -3.07 -20.03 -40.15
CA LYS E 217 -3.77 -20.58 -41.30
C LYS E 217 -3.37 -19.80 -42.55
N PHE E 218 -2.86 -18.58 -42.35
CA PHE E 218 -2.42 -17.75 -43.44
C PHE E 218 -0.96 -17.98 -43.77
N LEU E 219 -0.13 -17.97 -42.76
CA LEU E 219 1.29 -18.15 -42.98
C LEU E 219 1.66 -19.56 -43.42
N ARG E 220 0.81 -20.51 -43.06
CA ARG E 220 1.04 -21.88 -43.48
C ARG E 220 0.69 -21.90 -44.97
N SER E 221 -0.60 -21.68 -45.24
CA SER E 221 -1.13 -21.68 -46.60
C SER E 221 -0.37 -20.77 -47.56
N ILE E 222 0.58 -20.00 -47.05
CA ILE E 222 1.33 -19.10 -47.91
C ILE E 222 2.70 -19.71 -48.17
N ILE E 223 2.90 -20.90 -47.64
CA ILE E 223 4.16 -21.59 -47.81
C ILE E 223 3.83 -23.07 -47.99
N GLU F 8 -33.76 11.05 -30.67
CA GLU F 8 -33.77 11.44 -29.22
C GLU F 8 -34.99 10.90 -28.47
N ALA F 9 -35.56 11.73 -27.59
CA ALA F 9 -36.72 11.32 -26.81
C ALA F 9 -37.52 12.47 -26.23
N SER F 10 -38.71 12.14 -25.76
CA SER F 10 -39.64 13.11 -25.19
C SER F 10 -39.43 13.45 -23.72
N VAL F 11 -39.46 14.76 -23.45
CA VAL F 11 -39.30 15.28 -22.11
C VAL F 11 -40.51 16.18 -21.84
N SER F 12 -41.52 15.63 -21.17
CA SER F 12 -42.73 16.39 -20.87
C SER F 12 -43.11 16.43 -19.39
N PHE F 13 -44.00 17.37 -19.03
CA PHE F 13 -44.46 17.52 -17.66
C PHE F 13 -45.82 16.85 -17.46
N GLU F 14 -45.94 16.07 -16.40
CA GLU F 14 -47.19 15.37 -16.11
C GLU F 14 -47.39 15.19 -14.61
N ASN F 15 -48.65 15.20 -14.18
CA ASN F 15 -49.00 15.03 -12.77
C ASN F 15 -47.88 15.44 -11.83
N GLY F 16 -47.52 16.72 -11.86
CA GLY F 16 -46.46 17.21 -11.02
C GLY F 16 -45.28 16.27 -10.94
N LYS F 17 -44.86 15.75 -12.08
CA LYS F 17 -43.73 14.83 -12.16
C LYS F 17 -43.17 14.84 -13.58
N ILE F 18 -42.22 15.75 -13.85
CA ILE F 18 -41.66 15.80 -15.19
C ILE F 18 -41.19 14.39 -15.58
N VAL F 19 -41.67 13.89 -16.70
CA VAL F 19 -41.32 12.55 -17.15
C VAL F 19 -40.77 12.58 -18.56
N VAL F 20 -40.09 11.50 -18.95
CA VAL F 20 -39.53 11.39 -20.28
C VAL F 20 -39.96 10.08 -20.93
N ARG F 21 -40.08 10.08 -22.24
CA ARG F 21 -40.46 8.89 -22.96
C ARG F 21 -39.23 8.49 -23.75
N LEU F 22 -38.79 7.25 -23.59
CA LEU F 22 -37.59 6.78 -24.28
C LEU F 22 -37.78 5.60 -25.21
N PRO F 23 -37.25 5.73 -26.46
CA PRO F 23 -37.25 4.79 -27.58
C PRO F 23 -37.11 3.31 -27.22
N ILE F 24 -36.15 2.98 -26.37
CA ILE F 24 -35.95 1.59 -25.92
C ILE F 24 -35.93 0.52 -27.00
N THR F 25 -36.10 0.91 -28.27
CA THR F 25 -36.10 -0.08 -29.34
C THR F 25 -34.96 0.10 -30.35
N ARG F 26 -34.43 1.32 -30.45
CA ARG F 26 -33.34 1.61 -31.37
C ARG F 26 -32.05 2.02 -30.63
N PRO F 27 -31.20 1.04 -30.28
CA PRO F 27 -29.95 1.34 -29.57
C PRO F 27 -29.03 2.24 -30.40
N THR F 28 -29.26 3.56 -30.32
CA THR F 28 -28.47 4.53 -31.05
C THR F 28 -27.45 5.17 -30.11
N SER F 29 -26.55 5.97 -30.67
CA SER F 29 -25.50 6.60 -29.87
C SER F 29 -26.02 7.53 -28.77
N LYS F 30 -27.09 7.10 -28.13
CA LYS F 30 -27.70 7.80 -27.02
C LYS F 30 -28.36 6.74 -26.19
N ILE F 31 -29.67 6.62 -26.30
CA ILE F 31 -30.39 5.61 -25.55
C ILE F 31 -30.23 4.25 -26.22
N ARG F 32 -30.12 3.23 -25.37
CA ARG F 32 -29.92 1.85 -25.79
C ARG F 32 -30.14 0.98 -24.56
N VAL F 33 -30.45 -0.29 -24.77
CA VAL F 33 -30.67 -1.17 -23.63
C VAL F 33 -29.56 -2.22 -23.51
N LYS F 34 -29.20 -2.53 -22.27
CA LYS F 34 -28.17 -3.52 -21.99
C LYS F 34 -28.46 -4.25 -20.69
N LYS F 35 -27.81 -5.39 -20.50
CA LYS F 35 -27.98 -6.18 -19.29
C LYS F 35 -26.73 -5.99 -18.45
N ILE F 36 -26.92 -5.89 -17.13
CA ILE F 36 -25.77 -5.71 -16.26
C ILE F 36 -25.27 -7.05 -15.73
N GLU F 37 -24.13 -7.48 -16.29
CA GLU F 37 -23.50 -8.73 -15.90
C GLU F 37 -22.35 -8.33 -14.98
N ASN F 38 -22.53 -8.60 -13.68
CA ASN F 38 -21.53 -8.27 -12.66
C ASN F 38 -20.21 -7.88 -13.32
N GLY F 39 -19.89 -6.60 -13.24
CA GLY F 39 -18.68 -6.11 -13.84
C GLY F 39 -19.04 -4.99 -14.78
N VAL F 40 -18.88 -5.22 -16.08
CA VAL F 40 -19.21 -4.23 -17.10
C VAL F 40 -20.65 -4.43 -17.57
N GLY F 41 -21.07 -3.66 -18.57
CA GLY F 41 -22.41 -3.77 -19.10
C GLY F 41 -22.44 -4.39 -20.49
N ILE F 42 -23.14 -5.50 -20.64
CA ILE F 42 -23.23 -6.18 -21.93
C ILE F 42 -24.47 -5.77 -22.73
N PRO F 43 -24.31 -5.58 -24.05
CA PRO F 43 -25.40 -5.19 -24.94
C PRO F 43 -26.60 -6.12 -24.83
N VAL F 44 -27.73 -5.72 -25.42
CA VAL F 44 -28.93 -6.53 -25.38
C VAL F 44 -29.81 -6.43 -26.62
N SER F 45 -30.19 -5.20 -26.96
CA SER F 45 -31.04 -4.91 -28.12
C SER F 45 -32.50 -5.31 -27.87
N THR F 46 -33.42 -4.64 -28.55
CA THR F 46 -34.87 -4.87 -28.38
C THR F 46 -35.41 -6.17 -28.97
N ARG F 47 -34.50 -7.05 -29.40
CA ARG F 47 -34.92 -8.32 -29.97
C ARG F 47 -34.08 -9.44 -29.37
N LYS F 48 -34.00 -9.45 -28.05
CA LYS F 48 -33.24 -10.44 -27.31
C LYS F 48 -34.11 -11.03 -26.20
N LYS F 49 -35.00 -11.94 -26.60
CA LYS F 49 -35.95 -12.60 -25.69
C LYS F 49 -36.90 -11.58 -25.07
N SER F 50 -38.02 -12.06 -24.53
CA SER F 50 -39.01 -11.18 -23.92
C SER F 50 -38.73 -10.87 -22.45
N PHE F 51 -37.45 -10.86 -22.08
CA PHE F 51 -37.04 -10.57 -20.71
C PHE F 51 -37.67 -11.51 -19.69
N PRO F 52 -37.14 -11.51 -18.46
CA PRO F 52 -37.71 -12.40 -17.45
C PRO F 52 -38.37 -11.66 -16.30
N SER F 53 -39.21 -12.40 -15.57
CA SER F 53 -39.86 -11.85 -14.39
C SER F 53 -38.79 -12.01 -13.31
N ASP F 54 -39.18 -12.24 -12.07
CA ASP F 54 -38.21 -12.40 -10.99
C ASP F 54 -37.37 -11.12 -10.89
N GLU F 55 -36.65 -10.94 -9.79
CA GLU F 55 -35.83 -9.74 -9.61
C GLU F 55 -34.69 -9.58 -10.61
N ASN F 56 -34.92 -10.04 -11.85
CA ASN F 56 -33.91 -9.95 -12.90
C ASN F 56 -34.10 -8.68 -13.73
N LEU F 57 -35.34 -8.25 -13.86
CA LEU F 57 -35.64 -7.04 -14.64
C LEU F 57 -34.94 -5.83 -14.03
N ARG F 58 -34.12 -6.07 -13.00
CA ARG F 58 -33.35 -4.99 -12.36
C ARG F 58 -31.93 -5.04 -12.99
N ASP F 59 -31.49 -6.25 -13.31
CA ASP F 59 -30.19 -6.43 -13.91
C ASP F 59 -30.33 -6.14 -15.40
N TYR F 60 -31.20 -5.17 -15.71
CA TYR F 60 -31.44 -4.75 -17.08
C TYR F 60 -31.79 -3.27 -17.03
N TYR F 61 -31.11 -2.47 -17.82
CA TYR F 61 -31.40 -1.03 -17.82
C TYR F 61 -31.46 -0.37 -19.19
N ILE F 62 -31.50 0.95 -19.18
CA ILE F 62 -31.57 1.77 -20.37
C ILE F 62 -30.44 2.78 -20.29
N GLU F 63 -29.29 2.45 -20.88
CA GLU F 63 -28.17 3.37 -20.84
C GLU F 63 -28.47 4.57 -21.72
N TRP F 64 -28.70 5.73 -21.12
CA TRP F 64 -29.01 6.91 -21.89
C TRP F 64 -28.05 8.07 -21.69
N GLN F 65 -27.10 8.21 -22.60
CA GLN F 65 -26.16 9.30 -22.52
C GLN F 65 -26.97 10.57 -22.65
N ILE F 66 -27.37 11.15 -21.52
CA ILE F 66 -28.14 12.38 -21.56
C ILE F 66 -27.18 13.57 -21.80
N SER F 67 -27.72 14.69 -22.26
CA SER F 67 -26.91 15.89 -22.51
C SER F 67 -27.65 17.09 -21.95
N TYR F 68 -27.20 18.28 -22.31
CA TYR F 68 -27.84 19.49 -21.81
C TYR F 68 -28.02 20.58 -22.85
N ALA F 69 -27.61 20.30 -24.08
CA ALA F 69 -27.73 21.27 -25.19
C ALA F 69 -27.77 20.56 -26.55
N ARG F 70 -28.40 21.20 -27.52
CA ARG F 70 -28.52 20.66 -28.87
C ARG F 70 -28.23 21.79 -29.84
N ASP F 71 -26.99 21.84 -30.30
CA ASP F 71 -26.55 22.87 -31.24
C ASP F 71 -26.44 24.24 -30.55
N GLY F 72 -25.90 24.24 -29.33
CA GLY F 72 -25.76 25.48 -28.59
C GLY F 72 -27.11 26.06 -28.23
N LYS F 73 -27.99 25.20 -27.77
CA LYS F 73 -29.32 25.62 -27.40
C LYS F 73 -29.76 24.81 -26.18
N TYR F 74 -29.67 25.44 -25.02
CA TYR F 74 -30.01 24.78 -23.77
C TYR F 74 -31.46 24.48 -23.50
N ASP F 75 -32.08 23.73 -24.40
CA ASP F 75 -33.44 23.29 -24.20
C ASP F 75 -33.52 21.89 -24.77
N TYR F 76 -32.47 21.13 -24.46
CA TYR F 76 -32.29 19.75 -24.88
C TYR F 76 -32.15 18.82 -23.65
N GLU F 77 -32.88 17.71 -23.67
CA GLU F 77 -32.86 16.73 -22.58
C GLU F 77 -32.79 17.30 -21.15
N LEU F 78 -31.63 17.20 -20.50
CA LEU F 78 -31.52 17.70 -19.14
C LEU F 78 -31.96 19.15 -19.05
N SER F 79 -31.18 20.03 -19.68
CA SER F 79 -31.48 21.47 -19.66
C SER F 79 -32.98 21.72 -19.66
N ARG F 80 -33.66 20.98 -20.51
CA ARG F 80 -35.11 21.09 -20.63
C ARG F 80 -35.80 20.60 -19.37
N MET F 81 -35.47 19.38 -18.93
CA MET F 81 -36.07 18.82 -17.73
C MET F 81 -35.91 19.79 -16.56
N VAL F 82 -34.75 20.44 -16.49
CA VAL F 82 -34.45 21.41 -15.44
C VAL F 82 -35.42 22.56 -15.55
N ARG F 83 -35.31 23.28 -16.66
CA ARG F 83 -36.14 24.43 -16.96
C ARG F 83 -37.61 24.08 -16.80
N LEU F 84 -37.99 22.90 -17.27
CA LEU F 84 -39.37 22.46 -17.17
C LEU F 84 -39.74 22.18 -15.72
N ALA F 85 -38.94 21.36 -15.06
CA ALA F 85 -39.19 21.01 -13.66
C ALA F 85 -39.24 22.25 -12.79
N HIS F 86 -38.45 23.26 -13.13
CA HIS F 86 -38.45 24.47 -12.35
C HIS F 86 -39.74 25.24 -12.52
N GLU F 87 -39.95 25.81 -13.69
CA GLU F 87 -41.14 26.62 -13.94
C GLU F 87 -42.40 25.99 -13.36
N HIS F 88 -42.46 24.66 -13.32
CA HIS F 88 -43.65 24.00 -12.76
C HIS F 88 -43.53 23.63 -11.29
N GLY F 89 -42.43 24.03 -10.65
CA GLY F 89 -42.27 23.77 -9.24
C GLY F 89 -41.38 22.62 -8.79
N ILE F 90 -41.60 21.43 -9.33
CA ILE F 90 -40.82 20.24 -8.93
C ILE F 90 -39.43 20.53 -8.36
N LEU F 91 -38.72 21.46 -8.99
CA LEU F 91 -37.39 21.85 -8.55
C LEU F 91 -37.46 23.25 -7.96
N THR F 92 -37.72 23.32 -6.65
CA THR F 92 -37.84 24.60 -5.96
C THR F 92 -36.72 25.56 -6.36
N TYR F 93 -37.03 26.85 -6.31
CA TYR F 93 -36.07 27.87 -6.72
C TYR F 93 -34.64 27.78 -6.21
N ASN F 94 -34.44 27.99 -4.91
CA ASN F 94 -33.09 27.96 -4.36
C ASN F 94 -32.48 26.56 -4.37
N ASP F 95 -33.29 25.58 -4.77
CA ASP F 95 -32.82 24.21 -4.90
C ASP F 95 -31.77 24.28 -6.02
N ILE F 96 -31.84 25.35 -6.80
CA ILE F 96 -30.95 25.65 -7.92
C ILE F 96 -29.79 26.53 -7.43
N TYR F 97 -30.02 27.21 -6.31
CA TYR F 97 -28.99 28.05 -5.72
C TYR F 97 -28.13 27.06 -4.95
N GLU F 98 -28.79 26.01 -4.48
CA GLU F 98 -28.16 24.92 -3.74
C GLU F 98 -27.02 24.38 -4.62
N LEU F 99 -27.40 23.65 -5.67
CA LEU F 99 -26.43 23.08 -6.59
C LEU F 99 -25.47 24.19 -7.04
N LEU F 100 -25.99 25.42 -7.12
CA LEU F 100 -25.18 26.58 -7.53
C LEU F 100 -24.01 26.79 -6.56
N LYS F 101 -24.31 26.90 -5.27
CA LYS F 101 -23.26 27.07 -4.27
C LYS F 101 -22.30 25.91 -4.48
N PHE F 102 -22.86 24.71 -4.51
CA PHE F 102 -22.07 23.49 -4.71
C PHE F 102 -21.02 23.67 -5.79
N ALA F 103 -21.45 23.99 -7.01
CA ALA F 103 -20.54 24.19 -8.12
C ALA F 103 -19.52 25.27 -7.78
N ASP F 104 -19.90 26.18 -6.89
CA ASP F 104 -19.00 27.26 -6.49
C ASP F 104 -17.94 26.74 -5.52
N ASP F 105 -18.08 25.49 -5.11
CA ASP F 105 -17.13 24.85 -4.21
C ASP F 105 -16.17 24.00 -5.04
N VAL F 106 -16.75 23.20 -5.93
CA VAL F 106 -16.02 22.29 -6.81
C VAL F 106 -14.95 22.96 -7.68
N LYS F 107 -13.69 22.80 -7.29
CA LYS F 107 -12.57 23.37 -8.05
C LYS F 107 -11.78 22.27 -8.76
N SER F 108 -12.30 21.05 -8.73
CA SER F 108 -11.66 19.90 -9.37
C SER F 108 -12.66 19.12 -10.23
N TYR F 109 -12.26 18.83 -11.47
CA TYR F 109 -13.11 18.11 -12.42
C TYR F 109 -12.44 16.80 -12.87
N LEU F 110 -13.26 15.77 -13.10
CA LEU F 110 -12.77 14.47 -13.53
C LEU F 110 -11.91 14.53 -14.80
N GLU F 111 -12.14 15.53 -15.64
CA GLU F 111 -11.34 15.68 -16.86
C GLU F 111 -9.90 16.04 -16.46
N ASP F 112 -9.75 16.68 -15.31
CA ASP F 112 -8.41 17.05 -14.82
C ASP F 112 -7.55 15.80 -14.75
N LYS F 113 -8.10 14.74 -14.15
CA LYS F 113 -7.40 13.47 -14.02
C LYS F 113 -6.76 13.04 -15.33
N GLY F 114 -7.55 13.00 -16.39
CA GLY F 114 -7.03 12.62 -17.68
C GLY F 114 -6.75 11.13 -17.85
N ILE F 115 -6.33 10.79 -19.06
CA ILE F 115 -6.00 9.42 -19.38
C ILE F 115 -4.49 9.34 -19.47
N ARG F 116 -3.90 8.43 -18.71
CA ARG F 116 -2.45 8.27 -18.74
C ARG F 116 -2.00 6.86 -19.07
N ARG F 117 -0.84 6.79 -19.70
CA ARG F 117 -0.23 5.52 -20.11
C ARG F 117 0.93 5.25 -19.15
N GLU F 118 0.73 4.33 -18.22
CA GLU F 118 1.76 3.96 -17.26
C GLU F 118 2.68 2.92 -17.91
N SER F 119 3.98 3.18 -17.88
CA SER F 119 4.97 2.31 -18.50
C SER F 119 5.58 1.23 -17.60
N THR F 120 4.86 0.13 -17.39
CA THR F 120 5.40 -0.97 -16.59
C THR F 120 6.68 -1.43 -17.30
N ASN F 121 7.45 -2.32 -16.67
CA ASN F 121 8.65 -2.82 -17.31
C ASN F 121 8.55 -4.30 -17.57
N GLU F 122 7.31 -4.77 -17.65
CA GLU F 122 7.01 -6.17 -17.94
C GLU F 122 7.37 -6.39 -19.41
N GLU F 123 7.14 -7.59 -19.91
CA GLU F 123 7.44 -7.88 -21.29
C GLU F 123 6.62 -9.06 -21.75
N LEU F 124 5.99 -8.92 -22.92
CA LEU F 124 5.21 -10.01 -23.48
C LEU F 124 5.94 -10.47 -24.73
N TYR F 125 6.49 -11.66 -24.65
CA TYR F 125 7.23 -12.27 -25.74
C TYR F 125 8.14 -11.35 -26.53
N GLY F 126 8.81 -10.45 -25.83
CA GLY F 126 9.73 -9.51 -26.45
C GLY F 126 9.10 -8.15 -26.59
N PHE F 127 7.80 -8.09 -26.34
CA PHE F 127 7.05 -6.86 -26.45
C PHE F 127 6.85 -6.12 -25.13
N ASN F 128 7.40 -4.91 -25.09
CA ASN F 128 7.29 -4.04 -23.93
C ASN F 128 5.82 -3.68 -23.73
N ILE F 129 5.24 -4.06 -22.62
CA ILE F 129 3.84 -3.75 -22.40
C ILE F 129 3.58 -2.63 -21.38
N TYR F 130 2.49 -1.91 -21.59
CA TYR F 130 2.09 -0.80 -20.76
C TYR F 130 0.67 -0.96 -20.23
N GLU F 131 0.09 0.18 -19.86
CA GLU F 131 -1.27 0.26 -19.32
C GLU F 131 -1.77 1.67 -19.51
N ASP F 132 -3.03 1.78 -19.91
CA ASP F 132 -3.68 3.08 -20.09
C ASP F 132 -4.77 3.10 -19.04
N VAL F 133 -4.87 4.23 -18.34
CA VAL F 133 -5.88 4.35 -17.31
C VAL F 133 -6.89 5.42 -17.67
N TYR F 134 -8.16 5.06 -17.49
CA TYR F 134 -9.26 5.96 -17.79
C TYR F 134 -10.05 6.30 -16.53
N PRO F 135 -10.15 7.60 -16.23
CA PRO F 135 -10.87 8.08 -15.05
C PRO F 135 -12.38 8.14 -15.18
N VAL F 136 -13.08 7.22 -14.53
CA VAL F 136 -14.54 7.26 -14.56
C VAL F 136 -15.05 7.90 -13.24
N ALA F 137 -16.34 7.76 -12.94
CA ALA F 137 -16.93 8.35 -11.73
C ALA F 137 -18.41 8.07 -11.63
N LYS F 138 -18.79 7.14 -10.77
CA LYS F 138 -20.20 6.81 -10.57
C LYS F 138 -20.80 7.51 -9.37
N LYS F 139 -22.08 7.24 -9.17
CA LYS F 139 -22.92 7.74 -8.10
C LYS F 139 -24.23 7.01 -8.36
N GLU F 140 -24.40 5.86 -7.75
CA GLU F 140 -25.60 5.06 -7.97
C GLU F 140 -26.70 5.38 -6.96
N LEU F 141 -27.82 5.87 -7.50
CA LEU F 141 -29.01 6.29 -6.75
C LEU F 141 -29.76 5.27 -5.91
N PRO F 142 -30.44 5.75 -4.87
CA PRO F 142 -31.22 4.93 -3.93
C PRO F 142 -32.53 4.44 -4.56
N SER F 143 -32.99 5.15 -5.60
CA SER F 143 -34.23 4.77 -6.29
C SER F 143 -34.05 3.49 -7.09
N GLY F 144 -32.83 3.25 -7.55
CA GLY F 144 -32.54 2.04 -8.31
C GLY F 144 -31.55 2.18 -9.46
N GLU F 145 -31.26 3.42 -9.86
CA GLU F 145 -30.37 3.67 -10.98
C GLU F 145 -28.94 4.08 -10.63
N PHE F 146 -28.13 4.25 -11.67
CA PHE F 146 -26.73 4.64 -11.51
C PHE F 146 -26.51 5.92 -12.29
N ILE F 147 -25.26 6.40 -12.30
CA ILE F 147 -24.85 7.59 -13.05
C ILE F 147 -23.34 7.48 -13.20
N GLY F 148 -22.84 7.53 -14.42
CA GLY F 148 -21.40 7.45 -14.58
C GLY F 148 -20.91 8.60 -15.42
N ILE F 149 -19.68 9.06 -15.17
CA ILE F 149 -19.13 10.14 -15.97
C ILE F 149 -17.90 9.49 -16.52
N VAL F 150 -17.65 9.58 -17.82
CA VAL F 150 -16.46 8.96 -18.38
C VAL F 150 -15.88 9.78 -19.52
N LEU F 151 -14.92 9.18 -20.21
CA LEU F 151 -14.27 9.82 -21.35
C LEU F 151 -14.30 8.88 -22.54
N LYS F 152 -14.79 9.37 -23.67
CA LYS F 152 -14.86 8.56 -24.89
C LYS F 152 -14.64 9.46 -26.11
N VAL F 158 -10.83 14.60 -34.22
CA VAL F 158 -11.45 14.30 -32.89
C VAL F 158 -10.32 14.09 -31.86
N GLY F 159 -10.69 13.71 -30.64
CA GLY F 159 -9.72 13.46 -29.59
C GLY F 159 -10.45 12.73 -28.47
N TYR F 160 -10.43 13.31 -27.28
CA TYR F 160 -11.12 12.71 -26.13
C TYR F 160 -11.87 13.78 -25.38
N GLN F 161 -13.12 13.45 -25.01
CA GLN F 161 -13.99 14.37 -24.29
C GLN F 161 -14.84 13.68 -23.22
N SER F 162 -15.27 14.45 -22.24
CA SER F 162 -16.07 13.93 -21.14
C SER F 162 -17.58 13.91 -21.39
N MET F 163 -18.27 12.98 -20.72
CA MET F 163 -19.71 12.85 -20.89
C MET F 163 -20.41 11.95 -19.87
N VAL F 164 -21.54 12.44 -19.39
CA VAL F 164 -22.36 11.76 -18.40
C VAL F 164 -23.24 10.70 -19.01
N TYR F 165 -23.45 9.61 -18.27
CA TYR F 165 -24.32 8.54 -18.72
C TYR F 165 -25.33 8.36 -17.62
N VAL F 166 -26.32 7.54 -17.85
CA VAL F 166 -27.34 7.27 -16.85
C VAL F 166 -28.04 6.00 -17.25
N CYS F 167 -28.26 5.14 -16.27
CA CYS F 167 -28.92 3.88 -16.53
C CYS F 167 -30.20 3.95 -15.73
N ILE F 168 -31.19 3.13 -16.10
CA ILE F 168 -32.47 3.14 -15.41
C ILE F 168 -33.09 1.77 -15.44
N PRO F 169 -33.38 1.20 -14.27
CA PRO F 169 -34.00 -0.11 -14.31
C PRO F 169 -35.29 0.02 -15.09
N LEU F 170 -35.58 -0.93 -15.98
CA LEU F 170 -36.82 -0.86 -16.73
C LEU F 170 -37.94 -0.90 -15.70
N THR F 171 -37.63 -1.49 -14.54
CA THR F 171 -38.58 -1.62 -13.44
C THR F 171 -39.12 -0.26 -13.00
N ASN F 172 -38.33 0.78 -13.23
CA ASN F 172 -38.73 2.14 -12.87
C ASN F 172 -39.51 2.82 -13.98
N VAL F 173 -39.39 2.28 -15.17
CA VAL F 173 -40.09 2.86 -16.32
C VAL F 173 -41.39 2.07 -16.61
N GLU F 174 -42.37 2.75 -17.18
CA GLU F 174 -43.65 2.15 -17.54
C GLU F 174 -43.71 2.06 -19.06
N PRO F 175 -44.36 1.03 -19.61
CA PRO F 175 -45.04 -0.06 -18.90
C PRO F 175 -43.98 -1.00 -18.36
N SER F 176 -44.30 -2.29 -18.31
CA SER F 176 -43.33 -3.26 -17.84
C SER F 176 -43.16 -4.36 -18.88
N LEU F 177 -42.19 -5.24 -18.63
CA LEU F 177 -41.92 -6.34 -19.54
C LEU F 177 -41.83 -7.64 -18.75
N ALA F 178 -40.62 -7.96 -18.31
CA ALA F 178 -40.36 -9.16 -17.52
C ALA F 178 -41.07 -10.41 -18.07
N GLY F 179 -41.44 -10.37 -19.34
CA GLY F 179 -42.12 -11.48 -19.98
C GLY F 179 -42.72 -10.99 -21.28
N ARG F 180 -42.79 -9.67 -21.39
CA ARG F 180 -43.32 -9.01 -22.58
C ARG F 180 -42.14 -8.40 -23.33
N VAL F 181 -42.01 -8.71 -24.61
CA VAL F 181 -40.93 -8.16 -25.41
C VAL F 181 -41.51 -7.19 -26.45
N ALA F 182 -41.81 -5.97 -25.99
CA ALA F 182 -42.38 -4.92 -26.84
C ALA F 182 -41.72 -4.87 -28.21
N ARG F 183 -42.53 -4.68 -29.24
CA ARG F 183 -42.04 -4.64 -30.61
C ARG F 183 -42.00 -3.26 -31.23
N ARG F 184 -41.58 -3.21 -32.49
CA ARG F 184 -41.47 -1.98 -33.24
C ARG F 184 -41.12 -0.78 -32.38
N ASN F 185 -41.69 0.38 -32.73
CA ASN F 185 -41.42 1.62 -32.02
C ASN F 185 -41.93 1.73 -30.59
N GLU F 186 -41.70 0.70 -29.78
CA GLU F 186 -42.14 0.74 -28.39
C GLU F 186 -41.45 1.92 -27.68
N VAL F 187 -42.20 2.61 -26.84
CA VAL F 187 -41.66 3.74 -26.09
C VAL F 187 -42.15 3.72 -24.65
N VAL F 188 -41.25 3.99 -23.73
CA VAL F 188 -41.58 3.99 -22.31
C VAL F 188 -41.41 5.36 -21.69
N LYS F 189 -42.22 5.67 -20.67
CA LYS F 189 -42.11 6.95 -19.99
C LYS F 189 -41.52 6.73 -18.60
N TYR F 190 -40.51 7.52 -18.26
CA TYR F 190 -39.85 7.40 -16.96
C TYR F 190 -40.16 8.55 -16.03
N GLU F 191 -40.96 8.26 -15.01
CA GLU F 191 -41.33 9.25 -14.01
C GLU F 191 -40.00 9.69 -13.39
N VAL F 192 -39.63 10.94 -13.62
CA VAL F 192 -38.36 11.45 -13.11
C VAL F 192 -38.37 11.99 -11.68
N PRO F 193 -37.37 11.60 -10.88
CA PRO F 193 -37.23 12.03 -9.49
C PRO F 193 -36.32 13.25 -9.52
N VAL F 194 -36.56 14.22 -8.62
CA VAL F 194 -35.72 15.42 -8.59
C VAL F 194 -34.31 15.05 -8.15
N ASP F 195 -34.17 13.85 -7.59
CA ASP F 195 -32.87 13.36 -7.15
C ASP F 195 -31.97 13.37 -8.38
N LEU F 196 -32.46 12.76 -9.45
CA LEU F 196 -31.73 12.63 -10.70
C LEU F 196 -31.33 13.94 -11.35
N MET F 197 -32.25 14.91 -11.37
CA MET F 197 -31.94 16.19 -11.97
C MET F 197 -30.80 16.86 -11.20
N LYS F 198 -30.95 16.86 -9.87
CA LYS F 198 -29.97 17.44 -8.97
C LYS F 198 -28.60 16.80 -9.17
N GLU F 199 -28.55 15.48 -9.06
CA GLU F 199 -27.30 14.74 -9.22
C GLU F 199 -26.73 14.83 -10.63
N LEU F 200 -27.56 14.58 -11.63
CA LEU F 200 -27.15 14.64 -13.02
C LEU F 200 -26.51 15.99 -13.27
N LEU F 201 -27.17 17.04 -12.81
CA LEU F 201 -26.60 18.36 -12.99
C LEU F 201 -25.23 18.35 -12.33
N LYS F 202 -25.19 17.87 -11.08
CA LYS F 202 -23.95 17.81 -10.34
C LYS F 202 -22.84 17.24 -11.21
N ALA F 203 -23.04 16.00 -11.65
CA ALA F 203 -22.08 15.27 -12.49
C ALA F 203 -21.50 16.12 -13.62
N PHE F 204 -22.35 16.94 -14.25
CA PHE F 204 -21.89 17.80 -15.34
C PHE F 204 -20.97 18.91 -14.83
N ILE F 205 -21.09 19.21 -13.53
CA ILE F 205 -20.28 20.25 -12.88
C ILE F 205 -18.96 19.64 -12.47
N ILE F 206 -19.04 18.45 -11.87
CA ILE F 206 -17.86 17.73 -11.39
C ILE F 206 -17.11 17.00 -12.50
N ALA F 207 -17.38 17.35 -13.75
CA ALA F 207 -16.72 16.69 -14.86
C ALA F 207 -15.82 17.61 -15.69
N SER F 208 -15.96 18.92 -15.51
CA SER F 208 -15.13 19.85 -16.29
C SER F 208 -15.28 21.32 -16.02
N GLU F 209 -14.15 22.01 -16.11
CA GLU F 209 -14.10 23.46 -15.93
C GLU F 209 -15.22 24.04 -16.79
N THR F 210 -15.12 23.79 -18.09
CA THR F 210 -16.11 24.27 -19.05
C THR F 210 -17.51 23.77 -18.69
N HIS F 211 -17.69 22.46 -18.58
CA HIS F 211 -19.00 21.92 -18.25
C HIS F 211 -19.58 22.68 -17.07
N LYS F 212 -18.70 23.11 -16.17
CA LYS F 212 -19.12 23.85 -14.99
C LYS F 212 -19.52 25.26 -15.41
N ASN F 213 -18.66 25.89 -16.21
CA ASN F 213 -18.92 27.24 -16.71
C ASN F 213 -20.25 27.28 -17.46
N ASP F 214 -20.64 26.16 -18.04
CA ASP F 214 -21.88 26.07 -18.78
C ASP F 214 -23.05 25.71 -17.85
N ILE F 215 -22.94 24.63 -17.09
CA ILE F 215 -24.02 24.27 -16.18
C ILE F 215 -24.39 25.49 -15.32
N VAL F 216 -23.39 26.26 -14.92
CA VAL F 216 -23.64 27.43 -14.09
C VAL F 216 -24.44 28.47 -14.87
N LYS F 217 -23.85 29.04 -15.92
CA LYS F 217 -24.53 30.05 -16.75
C LYS F 217 -25.99 29.67 -17.02
N PHE F 218 -26.24 28.37 -17.15
CA PHE F 218 -27.60 27.87 -17.40
C PHE F 218 -28.52 28.13 -16.22
N LEU F 219 -28.07 27.73 -15.04
CA LEU F 219 -28.84 27.88 -13.81
C LEU F 219 -28.84 29.30 -13.26
N ARG F 220 -27.93 30.13 -13.76
CA ARG F 220 -27.81 31.52 -13.31
C ARG F 220 -28.86 32.39 -14.02
N SER F 221 -29.39 31.86 -15.12
CA SER F 221 -30.40 32.56 -15.93
C SER F 221 -31.78 31.98 -15.67
N ILE F 222 -31.83 30.68 -15.41
CA ILE F 222 -33.09 30.01 -15.12
C ILE F 222 -33.37 30.40 -13.67
N ILE F 223 -32.41 31.13 -13.12
CA ILE F 223 -32.41 31.64 -11.75
C ILE F 223 -33.71 32.35 -11.38
#